data_3AHX
#
_entry.id   3AHX
#
_cell.length_a   128.498
_cell.length_b   128.498
_cell.length_c   264.060
_cell.angle_alpha   90.00
_cell.angle_beta   90.00
_cell.angle_gamma   90.00
#
_symmetry.space_group_name_H-M   'P 41 21 2'
#
loop_
_entity.id
_entity.type
_entity.pdbx_description
1 polymer 'Beta-glucosidase A'
2 non-polymer 2-(2-(2-(2-(2-(2-ETHOXYETHOXY)ETHOXY)ETHOXY)ETHOXY)ETHOXY)ETHANOL
3 water water
#
_entity_poly.entity_id   1
_entity_poly.type   'polypeptide(L)'
_entity_poly.pdbx_seq_one_letter_code
;MEKLRFPKDFIFGTATAAYQIEGAYKEDEKGESIWDRFSHIPGNVAKMHNGDIACDHYHRYKEDVQLLKSLGIKSYRFSI
AWPRIFPKGFGEINQKGIQFYRDLIDELIKNDIEPAITIYHWDLPQKLQDIGGWANPQVADYYVDYANLLFREFGDRVKT
WITHNEPWVASYLGYALGVHAPGIKDMKMALLAAHNILLSHFKAVKAYRELEQDGQIGITLNLSTCYSNSADEEDIAAAH
RSDGWNNRWFLDAALKGTYPEDMIKIFSDTNIMPELPKELFTEVFETSDFLGINYYTRQVVKNNSEAFIGAESVAMDNPK
TEMGWEIYPQGLYDLLTRIHRDYGNIDLYITENGAAFNDMVNRDGKVEDENRLDYLYTHFAAALSAIEAGVPLKGYYIWS
FMDNFEWAEGYEKRFGIVHVNYKTQERTIKKSAYWYKELIERSNKLEHHHHHH
;
_entity_poly.pdbx_strand_id   A,B,C,D
#
# COMPACT_ATOMS: atom_id res chain seq x y z
N MET A 1 -34.74 9.81 30.89
CA MET A 1 -35.29 10.67 29.81
C MET A 1 -36.77 10.38 29.60
N GLU A 2 -37.54 11.43 29.35
CA GLU A 2 -38.98 11.24 29.17
C GLU A 2 -39.33 10.56 27.84
N LYS A 3 -40.41 9.79 27.87
CA LYS A 3 -40.82 9.07 26.67
C LYS A 3 -41.31 10.00 25.56
N LEU A 4 -40.87 9.72 24.34
CA LEU A 4 -41.16 10.58 23.19
C LEU A 4 -42.55 10.29 22.60
N ARG A 5 -43.22 11.35 22.16
CA ARG A 5 -44.55 11.21 21.58
C ARG A 5 -44.72 12.12 20.37
N PHE A 6 -45.01 11.54 19.21
CA PHE A 6 -45.24 12.31 17.99
C PHE A 6 -46.73 12.48 17.71
N PRO A 7 -47.11 13.46 16.87
CA PRO A 7 -48.53 13.63 16.56
C PRO A 7 -49.11 12.36 15.95
N LYS A 8 -50.42 12.14 16.10
CA LYS A 8 -51.04 10.91 15.61
C LYS A 8 -50.96 10.72 14.09
N ASP A 9 -50.85 11.80 13.32
CA ASP A 9 -50.74 11.61 11.87
C ASP A 9 -49.30 11.43 11.36
N PHE A 10 -48.33 11.42 12.27
CA PHE A 10 -46.94 11.23 11.85
C PHE A 10 -46.80 9.82 11.30
N ILE A 11 -46.01 9.70 10.24
CA ILE A 11 -45.74 8.43 9.58
C ILE A 11 -44.44 7.82 10.11
N PHE A 12 -44.53 6.61 10.65
CA PHE A 12 -43.36 5.91 11.14
C PHE A 12 -43.14 4.70 10.25
N GLY A 13 -41.93 4.58 9.69
CA GLY A 13 -41.63 3.43 8.87
C GLY A 13 -40.23 2.87 9.07
N THR A 14 -39.88 1.96 8.17
CA THR A 14 -38.54 1.39 8.13
C THR A 14 -38.27 1.16 6.65
N ALA A 15 -36.99 1.04 6.28
CA ALA A 15 -36.63 1.02 4.87
C ALA A 15 -35.61 -0.06 4.54
N THR A 16 -35.60 -0.49 3.29
CA THR A 16 -34.62 -1.43 2.77
C THR A 16 -34.40 -1.08 1.29
N ALA A 17 -33.49 -1.79 0.63
CA ALA A 17 -33.27 -1.69 -0.81
C ALA A 17 -33.16 -3.12 -1.37
N ALA A 18 -33.58 -3.31 -2.61
CA ALA A 18 -33.69 -4.64 -3.22
C ALA A 18 -32.39 -5.42 -3.20
N TYR A 19 -31.30 -4.82 -3.67
CA TYR A 19 -30.00 -5.52 -3.76
C TYR A 19 -29.50 -5.93 -2.37
N GLN A 20 -29.84 -5.12 -1.36
CA GLN A 20 -29.31 -5.36 -0.03
C GLN A 20 -29.98 -6.52 0.71
N ILE A 21 -31.22 -6.83 0.33
CA ILE A 21 -31.96 -7.88 1.03
C ILE A 21 -32.55 -9.04 0.23
N GLU A 22 -32.82 -8.84 -1.06
CA GLU A 22 -33.60 -9.82 -1.82
C GLU A 22 -32.95 -11.15 -2.11
N GLY A 23 -31.69 -11.14 -2.51
CA GLY A 23 -31.07 -12.36 -3.03
C GLY A 23 -31.72 -12.76 -4.36
N ALA A 24 -31.83 -14.06 -4.62
CA ALA A 24 -32.48 -14.56 -5.84
C ALA A 24 -31.96 -13.78 -7.06
N TYR A 25 -30.65 -13.53 -7.07
CA TYR A 25 -30.01 -12.63 -8.04
C TYR A 25 -30.09 -13.07 -9.50
N LYS A 26 -30.35 -14.36 -9.74
CA LYS A 26 -30.44 -14.92 -11.10
C LYS A 26 -31.77 -15.62 -11.38
N GLU A 27 -32.71 -15.57 -10.44
CA GLU A 27 -33.95 -16.31 -10.56
C GLU A 27 -34.95 -15.55 -11.44
N ASP A 28 -35.87 -16.33 -12.02
CA ASP A 28 -37.01 -15.81 -12.76
C ASP A 28 -36.59 -14.88 -13.90
N GLU A 29 -35.47 -15.22 -14.53
CA GLU A 29 -34.92 -14.45 -15.64
C GLU A 29 -34.55 -13.00 -15.32
N LYS A 30 -34.29 -12.69 -14.05
CA LYS A 30 -33.79 -11.35 -13.69
C LYS A 30 -32.49 -11.05 -14.44
N GLY A 31 -32.34 -9.82 -14.93
CA GLY A 31 -31.09 -9.47 -15.60
C GLY A 31 -29.96 -9.17 -14.62
N GLU A 32 -28.72 -9.25 -15.10
CA GLU A 32 -27.58 -8.85 -14.29
C GLU A 32 -27.60 -7.33 -14.02
N SER A 33 -27.37 -6.92 -12.78
CA SER A 33 -27.25 -5.49 -12.48
C SER A 33 -25.79 -5.10 -12.34
N ILE A 34 -25.52 -3.80 -12.22
CA ILE A 34 -24.15 -3.33 -12.05
C ILE A 34 -23.57 -3.80 -10.71
N TRP A 35 -24.44 -3.99 -9.72
CA TRP A 35 -24.02 -4.54 -8.43
C TRP A 35 -23.73 -6.05 -8.46
N ASP A 36 -24.49 -6.80 -9.26
CA ASP A 36 -24.16 -8.20 -9.50
C ASP A 36 -22.76 -8.26 -10.12
N ARG A 37 -22.51 -7.40 -11.10
CA ARG A 37 -21.21 -7.40 -11.78
C ARG A 37 -20.07 -6.98 -10.82
N PHE A 38 -20.25 -5.84 -10.18
CA PHE A 38 -19.25 -5.26 -9.26
C PHE A 38 -18.88 -6.22 -8.11
N SER A 39 -19.89 -6.81 -7.47
CA SER A 39 -19.61 -7.71 -6.36
C SER A 39 -19.02 -9.07 -6.79
N HIS A 40 -19.08 -9.39 -8.08
CA HIS A 40 -18.50 -10.63 -8.56
C HIS A 40 -17.06 -10.47 -9.03
N ILE A 41 -16.51 -9.27 -8.95
CA ILE A 41 -15.12 -9.01 -9.31
C ILE A 41 -14.32 -8.82 -8.01
N PRO A 42 -13.17 -9.51 -7.88
CA PRO A 42 -12.45 -9.40 -6.61
C PRO A 42 -11.86 -8.00 -6.41
N GLY A 43 -11.85 -7.56 -5.15
CA GLY A 43 -11.27 -6.28 -4.76
C GLY A 43 -12.26 -5.14 -4.58
N ASN A 44 -13.52 -5.39 -4.92
CA ASN A 44 -14.55 -4.36 -4.88
C ASN A 44 -15.32 -4.30 -3.57
N VAL A 45 -15.59 -5.47 -2.99
CA VAL A 45 -16.41 -5.55 -1.77
C VAL A 45 -15.62 -6.32 -0.71
N ALA A 46 -15.72 -5.86 0.53
CA ALA A 46 -15.03 -6.48 1.65
C ALA A 46 -15.32 -7.98 1.69
N LYS A 47 -14.27 -8.77 1.88
CA LYS A 47 -14.39 -10.23 2.03
C LYS A 47 -15.07 -10.95 0.86
N MET A 48 -15.11 -10.30 -0.28
CA MET A 48 -15.76 -10.83 -1.48
C MET A 48 -17.24 -11.12 -1.27
N HIS A 49 -17.88 -10.38 -0.37
CA HIS A 49 -19.30 -10.54 -0.10
C HIS A 49 -20.10 -10.10 -1.33
N ASN A 50 -21.27 -10.68 -1.54
CA ASN A 50 -22.10 -10.26 -2.66
C ASN A 50 -23.57 -10.37 -2.23
N GLY A 51 -24.48 -9.87 -3.07
CA GLY A 51 -25.89 -9.94 -2.80
C GLY A 51 -26.58 -11.13 -3.44
N ASP A 52 -25.84 -12.18 -3.78
CA ASP A 52 -26.47 -13.33 -4.46
C ASP A 52 -27.67 -13.88 -3.69
N ILE A 53 -27.48 -14.01 -2.38
CA ILE A 53 -28.47 -14.56 -1.46
C ILE A 53 -28.98 -13.50 -0.48
N ALA A 54 -28.08 -12.66 0.03
CA ALA A 54 -28.44 -11.60 1.00
C ALA A 54 -29.33 -12.14 2.10
N CYS A 55 -30.49 -11.53 2.36
CA CYS A 55 -31.41 -12.00 3.40
C CYS A 55 -32.49 -12.94 2.86
N ASP A 56 -32.33 -13.37 1.61
CA ASP A 56 -33.28 -14.25 0.94
C ASP A 56 -34.72 -13.71 1.02
N HIS A 57 -34.88 -12.40 0.97
CA HIS A 57 -36.19 -11.77 1.12
C HIS A 57 -37.13 -12.07 -0.04
N TYR A 58 -36.58 -12.32 -1.22
CA TYR A 58 -37.39 -12.69 -2.38
C TYR A 58 -38.24 -13.93 -2.06
N HIS A 59 -37.69 -14.85 -1.26
CA HIS A 59 -38.43 -16.02 -0.82
C HIS A 59 -39.17 -15.86 0.49
N ARG A 60 -38.62 -15.08 1.40
CA ARG A 60 -39.14 -15.02 2.76
C ARG A 60 -40.04 -13.80 3.01
N TYR A 61 -40.43 -13.11 1.95
CA TYR A 61 -41.15 -11.85 2.13
C TYR A 61 -42.43 -11.95 2.93
N LYS A 62 -43.18 -13.06 2.84
CA LYS A 62 -44.43 -13.14 3.60
C LYS A 62 -44.20 -13.06 5.10
N GLU A 63 -43.19 -13.78 5.59
CA GLU A 63 -42.85 -13.77 7.02
C GLU A 63 -42.22 -12.44 7.42
N ASP A 64 -41.43 -11.85 6.53
CA ASP A 64 -40.85 -10.53 6.82
C ASP A 64 -41.95 -9.47 6.92
N VAL A 65 -42.97 -9.53 6.06
CA VAL A 65 -44.13 -8.66 6.24
C VAL A 65 -44.79 -8.83 7.61
N GLN A 66 -44.91 -10.06 8.08
CA GLN A 66 -45.49 -10.31 9.40
C GLN A 66 -44.62 -9.74 10.52
N LEU A 67 -43.30 -9.73 10.33
CA LEU A 67 -42.39 -9.10 11.28
C LEU A 67 -42.71 -7.61 11.38
N LEU A 68 -42.89 -6.95 10.24
CA LEU A 68 -43.31 -5.54 10.25
C LEU A 68 -44.62 -5.33 10.99
N LYS A 69 -45.61 -6.15 10.64
CA LYS A 69 -46.92 -6.07 11.28
C LYS A 69 -46.81 -6.26 12.79
N SER A 70 -45.94 -7.17 13.23
CA SER A 70 -45.83 -7.47 14.66
C SER A 70 -45.23 -6.31 15.45
N LEU A 71 -44.56 -5.41 14.74
CA LEU A 71 -43.99 -4.22 15.35
C LEU A 71 -44.92 -3.01 15.28
N GLY A 72 -46.07 -3.18 14.62
CA GLY A 72 -47.04 -2.11 14.41
C GLY A 72 -46.56 -1.04 13.44
N ILE A 73 -45.62 -1.42 12.58
CA ILE A 73 -45.09 -0.50 11.57
C ILE A 73 -46.09 -0.43 10.42
N LYS A 74 -46.54 0.78 10.09
CA LYS A 74 -47.59 0.90 9.08
C LYS A 74 -47.12 1.57 7.79
N SER A 75 -45.81 1.81 7.67
CA SER A 75 -45.24 2.31 6.42
C SER A 75 -43.92 1.59 6.17
N TYR A 76 -43.72 1.17 4.93
CA TYR A 76 -42.52 0.42 4.59
C TYR A 76 -41.96 0.90 3.26
N ARG A 77 -40.73 1.41 3.30
CA ARG A 77 -40.04 1.89 2.10
C ARG A 77 -39.18 0.74 1.59
N PHE A 78 -39.34 0.39 0.31
CA PHE A 78 -38.50 -0.64 -0.29
C PHE A 78 -38.16 -0.22 -1.72
N SER A 79 -37.20 -0.88 -2.36
CA SER A 79 -36.95 -0.57 -3.76
C SER A 79 -37.34 -1.71 -4.68
N ILE A 80 -37.65 -1.35 -5.92
CA ILE A 80 -37.95 -2.30 -6.99
C ILE A 80 -36.69 -2.40 -7.86
N ALA A 81 -36.25 -3.63 -8.09
CA ALA A 81 -35.03 -3.89 -8.86
C ALA A 81 -35.37 -3.84 -10.32
N TRP A 82 -34.87 -2.81 -10.98
CA TRP A 82 -35.08 -2.59 -12.41
C TRP A 82 -34.82 -3.85 -13.24
N PRO A 83 -33.69 -4.53 -13.03
CA PRO A 83 -33.49 -5.70 -13.89
C PRO A 83 -34.39 -6.92 -13.65
N ARG A 84 -35.23 -6.94 -12.60
CA ARG A 84 -36.25 -8.00 -12.47
C ARG A 84 -37.39 -7.73 -13.44
N ILE A 85 -37.51 -6.45 -13.80
CA ILE A 85 -38.65 -6.00 -14.60
C ILE A 85 -38.26 -5.86 -16.08
N PHE A 86 -37.10 -5.26 -16.34
CA PHE A 86 -36.56 -5.20 -17.69
C PHE A 86 -35.13 -5.71 -17.58
N PRO A 87 -34.92 -7.02 -17.81
CA PRO A 87 -33.58 -7.57 -17.63
C PRO A 87 -32.50 -6.87 -18.45
N LYS A 88 -32.87 -6.38 -19.63
CA LYS A 88 -31.95 -5.66 -20.49
C LYS A 88 -32.05 -4.15 -20.34
N GLY A 89 -32.92 -3.66 -19.46
CA GLY A 89 -33.10 -2.24 -19.21
C GLY A 89 -34.30 -1.62 -19.92
N PHE A 90 -34.71 -2.23 -21.02
CA PHE A 90 -35.83 -1.75 -21.82
C PHE A 90 -36.27 -2.92 -22.67
N GLY A 91 -37.34 -2.71 -23.46
CA GLY A 91 -37.82 -3.74 -24.34
C GLY A 91 -38.80 -4.67 -23.68
N GLU A 92 -38.47 -5.96 -23.64
CA GLU A 92 -39.39 -6.97 -23.15
C GLU A 92 -39.59 -6.99 -21.63
N ILE A 93 -40.83 -6.79 -21.20
CA ILE A 93 -41.15 -6.81 -19.78
C ILE A 93 -41.11 -8.23 -19.21
N ASN A 94 -40.49 -8.42 -18.04
CA ASN A 94 -40.43 -9.74 -17.41
C ASN A 94 -41.63 -9.86 -16.45
N GLN A 95 -42.62 -10.67 -16.80
CA GLN A 95 -43.84 -10.78 -16.00
C GLN A 95 -43.62 -11.34 -14.59
N LYS A 96 -42.70 -12.29 -14.45
CA LYS A 96 -42.37 -12.84 -13.14
C LYS A 96 -41.85 -11.76 -12.20
N GLY A 97 -41.07 -10.82 -12.72
CA GLY A 97 -40.58 -9.71 -11.91
C GLY A 97 -41.69 -8.80 -11.44
N ILE A 98 -42.57 -8.41 -12.35
CA ILE A 98 -43.70 -7.58 -11.94
C ILE A 98 -44.56 -8.33 -10.91
N GLN A 99 -44.68 -9.63 -11.10
CA GLN A 99 -45.55 -10.42 -10.25
C GLN A 99 -45.01 -10.49 -8.83
N PHE A 100 -43.69 -10.58 -8.68
CA PHE A 100 -43.10 -10.56 -7.34
C PHE A 100 -43.49 -9.29 -6.60
N TYR A 101 -43.33 -8.14 -7.25
CA TYR A 101 -43.67 -6.87 -6.60
C TYR A 101 -45.16 -6.70 -6.34
N ARG A 102 -45.99 -7.17 -7.27
CA ARG A 102 -47.45 -7.21 -7.06
C ARG A 102 -47.80 -8.02 -5.81
N ASP A 103 -47.18 -9.19 -5.66
CA ASP A 103 -47.43 -10.03 -4.49
C ASP A 103 -46.93 -9.36 -3.22
N LEU A 104 -45.75 -8.73 -3.28
CA LEU A 104 -45.22 -8.06 -2.09
C LEU A 104 -46.12 -6.89 -1.69
N ILE A 105 -46.48 -6.06 -2.66
CA ILE A 105 -47.34 -4.92 -2.42
C ILE A 105 -48.69 -5.38 -1.86
N ASP A 106 -49.29 -6.38 -2.48
CA ASP A 106 -50.57 -6.90 -1.97
C ASP A 106 -50.44 -7.46 -0.55
N GLU A 107 -49.29 -8.08 -0.26
CA GLU A 107 -49.05 -8.59 1.08
C GLU A 107 -48.95 -7.49 2.13
N LEU A 108 -48.23 -6.42 1.78
CA LEU A 108 -48.14 -5.26 2.65
C LEU A 108 -49.51 -4.65 2.91
N ILE A 109 -50.26 -4.39 1.84
CA ILE A 109 -51.56 -3.76 2.00
C ILE A 109 -52.57 -4.57 2.81
N LYS A 110 -52.62 -5.88 2.58
CA LYS A 110 -53.46 -6.80 3.33
C LYS A 110 -53.16 -6.72 4.83
N ASN A 111 -51.93 -6.35 5.16
CA ASN A 111 -51.48 -6.29 6.54
C ASN A 111 -51.36 -4.88 7.11
N ASP A 112 -52.12 -3.96 6.50
CA ASP A 112 -52.25 -2.58 6.91
C ASP A 112 -50.96 -1.75 6.84
N ILE A 113 -50.08 -2.08 5.90
CA ILE A 113 -48.81 -1.36 5.76
C ILE A 113 -48.82 -0.59 4.45
N GLU A 114 -48.57 0.72 4.51
CA GLU A 114 -48.51 1.54 3.30
C GLU A 114 -47.14 1.47 2.65
N PRO A 115 -47.08 1.00 1.40
CA PRO A 115 -45.80 0.99 0.69
C PRO A 115 -45.32 2.37 0.21
N ALA A 116 -44.03 2.62 0.36
CA ALA A 116 -43.36 3.76 -0.26
C ALA A 116 -42.28 3.16 -1.14
N ILE A 117 -42.34 3.40 -2.45
CA ILE A 117 -41.46 2.72 -3.37
C ILE A 117 -40.34 3.60 -3.92
N THR A 118 -39.11 3.14 -3.73
CA THR A 118 -37.94 3.76 -4.35
C THR A 118 -37.78 3.11 -5.73
N ILE A 119 -37.86 3.93 -6.77
CA ILE A 119 -37.82 3.41 -8.13
C ILE A 119 -36.41 2.96 -8.51
N TYR A 120 -35.41 3.77 -8.18
CA TYR A 120 -34.04 3.37 -8.48
C TYR A 120 -33.21 3.41 -7.21
N HIS A 121 -32.71 2.26 -6.80
CA HIS A 121 -31.81 2.21 -5.66
C HIS A 121 -30.52 1.49 -6.03
N TRP A 122 -29.88 2.00 -7.08
CA TRP A 122 -28.52 1.70 -7.52
C TRP A 122 -28.26 0.46 -8.37
N ASP A 123 -29.32 -0.25 -8.68
CA ASP A 123 -29.20 -1.54 -9.36
C ASP A 123 -29.44 -1.40 -10.86
N LEU A 124 -28.74 -0.48 -11.50
CA LEU A 124 -28.85 -0.33 -12.95
C LEU A 124 -28.60 -1.64 -13.70
N PRO A 125 -29.49 -2.04 -14.62
CA PRO A 125 -29.14 -3.21 -15.43
C PRO A 125 -27.75 -3.07 -16.06
N GLN A 126 -26.94 -4.13 -15.95
CA GLN A 126 -25.60 -4.10 -16.52
C GLN A 126 -25.58 -3.79 -18.01
N LYS A 127 -26.61 -4.25 -18.73
CA LYS A 127 -26.72 -3.98 -20.17
C LYS A 127 -26.74 -2.49 -20.47
N LEU A 128 -27.28 -1.71 -19.54
CA LEU A 128 -27.28 -0.26 -19.66
C LEU A 128 -25.91 0.35 -19.35
N GLN A 129 -25.15 -0.26 -18.44
CA GLN A 129 -23.81 0.23 -18.20
C GLN A 129 -22.90 -0.03 -19.40
N ASP A 130 -23.23 -1.08 -20.17
CA ASP A 130 -22.51 -1.38 -21.41
C ASP A 130 -22.70 -0.27 -22.44
N ILE A 131 -23.76 0.52 -22.32
CA ILE A 131 -23.91 1.72 -23.16
C ILE A 131 -23.65 3.03 -22.40
N GLY A 132 -22.80 2.99 -21.38
CA GLY A 132 -22.39 4.22 -20.69
C GLY A 132 -23.07 4.48 -19.36
N GLY A 133 -24.10 3.70 -19.05
CA GLY A 133 -24.82 3.94 -17.80
C GLY A 133 -25.34 5.36 -17.71
N TRP A 134 -25.23 5.94 -16.52
CA TRP A 134 -25.76 7.28 -16.27
C TRP A 134 -25.01 8.41 -16.99
N ALA A 135 -23.89 8.12 -17.64
CA ALA A 135 -23.22 9.12 -18.47
C ALA A 135 -23.96 9.34 -19.78
N ASN A 136 -24.83 8.39 -20.14
CA ASN A 136 -25.54 8.42 -21.43
C ASN A 136 -26.97 8.86 -21.17
N PRO A 137 -27.40 10.01 -21.74
CA PRO A 137 -28.78 10.44 -21.49
C PRO A 137 -29.85 9.46 -21.99
N GLN A 138 -29.49 8.55 -22.90
CA GLN A 138 -30.43 7.52 -23.35
C GLN A 138 -30.87 6.64 -22.18
N VAL A 139 -29.98 6.44 -21.21
CA VAL A 139 -30.29 5.65 -20.02
C VAL A 139 -31.32 6.36 -19.14
N ALA A 140 -31.25 7.69 -19.07
CA ALA A 140 -32.30 8.45 -18.38
C ALA A 140 -33.66 8.28 -19.06
N ASP A 141 -33.67 8.18 -20.39
CA ASP A 141 -34.93 7.96 -21.09
C ASP A 141 -35.49 6.58 -20.77
N TYR A 142 -34.64 5.57 -20.75
CA TYR A 142 -35.11 4.24 -20.39
C TYR A 142 -35.62 4.19 -18.94
N TYR A 143 -35.00 4.97 -18.07
CA TYR A 143 -35.47 5.05 -16.68
C TYR A 143 -36.92 5.55 -16.59
N VAL A 144 -37.26 6.56 -17.38
CA VAL A 144 -38.61 7.12 -17.33
C VAL A 144 -39.65 6.10 -17.84
N ASP A 145 -39.28 5.34 -18.87
CA ASP A 145 -40.17 4.29 -19.36
C ASP A 145 -40.39 3.24 -18.28
N TYR A 146 -39.35 2.94 -17.53
CA TYR A 146 -39.45 1.98 -16.43
C TYR A 146 -40.31 2.61 -15.33
N ALA A 147 -40.10 3.88 -15.00
CA ALA A 147 -40.94 4.52 -14.00
C ALA A 147 -42.41 4.50 -14.45
N ASN A 148 -42.66 4.85 -15.71
CA ASN A 148 -44.04 4.85 -16.23
C ASN A 148 -44.72 3.50 -16.07
N LEU A 149 -44.00 2.40 -16.29
CA LEU A 149 -44.56 1.07 -16.08
C LEU A 149 -44.95 0.85 -14.62
N LEU A 150 -44.06 1.18 -13.69
CA LEU A 150 -44.39 1.05 -12.26
C LEU A 150 -45.59 1.89 -11.85
N PHE A 151 -45.67 3.13 -12.34
CA PHE A 151 -46.80 3.97 -12.01
C PHE A 151 -48.08 3.31 -12.51
N ARG A 152 -48.02 2.79 -13.74
CA ARG A 152 -49.19 2.16 -14.33
C ARG A 152 -49.61 0.89 -13.58
N GLU A 153 -48.65 0.04 -13.23
CA GLU A 153 -48.98 -1.22 -12.56
C GLU A 153 -49.43 -1.04 -11.11
N PHE A 154 -48.77 -0.15 -10.38
CA PHE A 154 -48.94 -0.07 -8.93
C PHE A 154 -49.50 1.22 -8.37
N GLY A 155 -49.56 2.28 -9.17
CA GLY A 155 -49.94 3.61 -8.70
C GLY A 155 -51.33 3.78 -8.13
N ASP A 156 -52.19 2.81 -8.45
CA ASP A 156 -53.53 2.70 -7.89
C ASP A 156 -53.46 2.39 -6.40
N ARG A 157 -52.40 1.72 -5.96
CA ARG A 157 -52.26 1.20 -4.60
C ARG A 157 -51.06 1.75 -3.82
N VAL A 158 -50.12 2.36 -4.52
CA VAL A 158 -48.90 2.91 -3.92
C VAL A 158 -49.02 4.43 -4.03
N LYS A 159 -48.98 5.13 -2.90
CA LYS A 159 -49.17 6.57 -2.90
C LYS A 159 -47.94 7.42 -2.57
N THR A 160 -46.79 6.78 -2.34
CA THR A 160 -45.54 7.50 -2.13
C THR A 160 -44.49 6.88 -3.04
N TRP A 161 -43.89 7.71 -3.89
CA TRP A 161 -42.86 7.28 -4.83
C TRP A 161 -41.58 8.08 -4.62
N ILE A 162 -40.44 7.40 -4.63
CA ILE A 162 -39.16 8.07 -4.53
C ILE A 162 -38.45 7.77 -5.85
N THR A 163 -38.09 8.79 -6.62
CA THR A 163 -37.50 8.52 -7.93
C THR A 163 -36.12 7.90 -7.85
N HIS A 164 -35.29 8.49 -6.99
CA HIS A 164 -33.91 8.08 -6.82
C HIS A 164 -33.50 8.12 -5.36
N ASN A 165 -32.70 7.13 -4.96
CA ASN A 165 -32.06 7.14 -3.66
C ASN A 165 -30.64 7.68 -3.80
N GLU A 166 -30.36 8.75 -3.06
CA GLU A 166 -28.99 9.27 -2.93
C GLU A 166 -28.22 9.37 -4.24
N PRO A 167 -28.71 10.21 -5.18
CA PRO A 167 -28.00 10.44 -6.44
C PRO A 167 -26.55 10.91 -6.23
N TRP A 168 -26.27 11.63 -5.15
CA TRP A 168 -24.89 12.02 -4.83
C TRP A 168 -24.01 10.80 -4.64
N VAL A 169 -24.52 9.80 -3.91
CA VAL A 169 -23.72 8.59 -3.65
C VAL A 169 -23.57 7.82 -4.96
N ALA A 170 -24.68 7.60 -5.67
CA ALA A 170 -24.63 6.91 -6.95
C ALA A 170 -23.61 7.55 -7.90
N SER A 171 -23.65 8.88 -8.04
CA SER A 171 -22.71 9.51 -8.96
C SER A 171 -21.30 9.59 -8.38
N TYR A 172 -21.17 10.08 -7.16
CA TYR A 172 -19.84 10.31 -6.60
C TYR A 172 -19.12 9.00 -6.26
N LEU A 173 -19.75 8.11 -5.50
CA LEU A 173 -19.09 6.85 -5.13
C LEU A 173 -18.98 5.90 -6.32
N GLY A 174 -19.98 5.91 -7.20
CA GLY A 174 -20.02 5.01 -8.34
C GLY A 174 -19.21 5.43 -9.56
N TYR A 175 -19.11 6.74 -9.81
CA TYR A 175 -18.45 7.23 -11.01
C TYR A 175 -17.22 8.13 -10.77
N ALA A 176 -17.06 8.65 -9.55
CA ALA A 176 -15.89 9.47 -9.23
C ALA A 176 -14.85 8.76 -8.38
N LEU A 177 -15.29 8.11 -7.30
CA LEU A 177 -14.35 7.44 -6.40
C LEU A 177 -14.12 5.96 -6.71
N GLY A 178 -14.97 5.37 -7.55
CA GLY A 178 -14.86 3.96 -7.90
C GLY A 178 -15.11 2.98 -6.76
N VAL A 179 -15.72 3.45 -5.69
CA VAL A 179 -15.96 2.59 -4.55
C VAL A 179 -17.27 1.82 -4.60
N HIS A 180 -18.25 2.30 -5.37
CA HIS A 180 -19.51 1.62 -5.63
C HIS A 180 -19.63 1.33 -7.12
N ALA A 181 -20.51 0.40 -7.47
CA ALA A 181 -20.79 0.12 -8.89
C ALA A 181 -21.22 1.40 -9.60
N PRO A 182 -20.80 1.60 -10.86
CA PRO A 182 -20.01 0.66 -11.67
C PRO A 182 -18.49 0.72 -11.43
N GLY A 183 -18.02 1.52 -10.49
CA GLY A 183 -16.59 1.49 -10.15
C GLY A 183 -15.71 2.40 -10.98
N ILE A 184 -16.27 3.47 -11.52
CA ILE A 184 -15.53 4.38 -12.38
C ILE A 184 -14.87 5.44 -11.50
N LYS A 185 -13.75 6.00 -11.97
CA LYS A 185 -12.99 6.99 -11.20
C LYS A 185 -12.71 8.25 -12.02
N ASP A 186 -13.77 9.04 -12.24
CA ASP A 186 -13.71 10.16 -13.16
C ASP A 186 -14.74 11.17 -12.69
N MET A 187 -14.30 12.17 -11.93
CA MET A 187 -15.20 13.20 -11.39
C MET A 187 -15.98 13.94 -12.47
N LYS A 188 -15.36 14.21 -13.61
CA LYS A 188 -16.07 14.88 -14.70
C LYS A 188 -17.26 14.05 -15.20
N MET A 189 -17.03 12.75 -15.37
CA MET A 189 -18.08 11.81 -15.72
C MET A 189 -19.15 11.68 -14.63
N ALA A 190 -18.73 11.70 -13.36
CA ALA A 190 -19.65 11.60 -12.24
C ALA A 190 -20.64 12.77 -12.25
N LEU A 191 -20.14 13.95 -12.57
CA LEU A 191 -20.99 15.14 -12.61
C LEU A 191 -21.97 15.07 -13.76
N LEU A 192 -21.52 14.49 -14.88
CA LEU A 192 -22.42 14.18 -15.99
C LEU A 192 -23.48 13.13 -15.60
N ALA A 193 -23.07 12.09 -14.90
CA ALA A 193 -23.99 11.04 -14.44
C ALA A 193 -25.04 11.66 -13.51
N ALA A 194 -24.57 12.51 -12.59
CA ALA A 194 -25.46 13.22 -11.66
C ALA A 194 -26.47 14.07 -12.44
N HIS A 195 -26.00 14.76 -13.48
CA HIS A 195 -26.91 15.55 -14.31
C HIS A 195 -28.01 14.69 -14.93
N ASN A 196 -27.63 13.57 -15.55
CA ASN A 196 -28.61 12.68 -16.19
C ASN A 196 -29.58 12.04 -15.19
N ILE A 197 -29.09 11.70 -14.00
CA ILE A 197 -29.96 11.20 -12.93
C ILE A 197 -31.02 12.24 -12.56
N LEU A 198 -30.63 13.50 -12.37
CA LEU A 198 -31.57 14.57 -12.09
C LEU A 198 -32.53 14.74 -13.27
N LEU A 199 -32.01 14.69 -14.49
CA LEU A 199 -32.91 14.79 -15.64
C LEU A 199 -34.01 13.74 -15.60
N SER A 200 -33.63 12.49 -15.33
CA SER A 200 -34.55 11.35 -15.23
C SER A 200 -35.55 11.56 -14.10
N HIS A 201 -35.11 12.08 -12.97
CA HIS A 201 -36.03 12.48 -11.89
C HIS A 201 -37.11 13.46 -12.38
N PHE A 202 -36.71 14.60 -12.94
CA PHE A 202 -37.70 15.59 -13.35
C PHE A 202 -38.65 15.03 -14.39
N LYS A 203 -38.14 14.21 -15.30
CA LYS A 203 -38.99 13.64 -16.35
C LYS A 203 -39.98 12.64 -15.77
N ALA A 204 -39.55 11.86 -14.77
CA ALA A 204 -40.47 10.93 -14.10
C ALA A 204 -41.52 11.72 -13.31
N VAL A 205 -41.11 12.81 -12.67
CA VAL A 205 -42.08 13.65 -11.98
C VAL A 205 -43.12 14.21 -12.96
N LYS A 206 -42.66 14.73 -14.10
CA LYS A 206 -43.56 15.27 -15.11
C LYS A 206 -44.57 14.20 -15.54
N ALA A 207 -44.08 13.00 -15.84
CA ALA A 207 -44.94 11.88 -16.21
C ALA A 207 -45.95 11.52 -15.13
N TYR A 208 -45.49 11.44 -13.87
CA TYR A 208 -46.36 11.16 -12.74
C TYR A 208 -47.54 12.13 -12.64
N ARG A 209 -47.28 13.43 -12.76
CA ARG A 209 -48.32 14.45 -12.63
C ARG A 209 -49.50 14.26 -13.58
N GLU A 210 -49.25 13.75 -14.78
CA GLU A 210 -50.32 13.52 -15.76
C GLU A 210 -51.32 12.44 -15.34
N LEU A 211 -50.92 11.56 -14.44
CA LEU A 211 -51.75 10.41 -14.05
C LEU A 211 -52.84 10.71 -13.03
N GLU A 212 -52.68 11.80 -12.29
CA GLU A 212 -53.68 12.25 -11.34
C GLU A 212 -54.03 11.11 -10.38
N GLN A 213 -53.00 10.37 -9.95
CA GLN A 213 -53.18 9.33 -8.96
C GLN A 213 -53.28 10.03 -7.60
N ASP A 214 -53.58 9.31 -6.54
CA ASP A 214 -53.78 10.01 -5.30
C ASP A 214 -52.48 10.32 -4.54
N GLY A 215 -51.34 10.11 -5.18
CA GLY A 215 -50.07 10.07 -4.43
C GLY A 215 -49.12 11.24 -4.51
N GLN A 216 -47.89 11.01 -4.06
CA GLN A 216 -46.89 12.05 -4.00
C GLN A 216 -45.56 11.48 -4.49
N ILE A 217 -44.74 12.33 -5.09
CA ILE A 217 -43.46 11.88 -5.63
C ILE A 217 -42.34 12.84 -5.21
N GLY A 218 -41.14 12.32 -5.02
CA GLY A 218 -40.04 13.17 -4.60
C GLY A 218 -38.75 12.41 -4.74
N ILE A 219 -37.63 13.03 -4.38
CA ILE A 219 -36.32 12.41 -4.45
C ILE A 219 -35.80 12.25 -3.03
N THR A 220 -34.89 11.30 -2.85
CA THR A 220 -34.21 11.13 -1.57
C THR A 220 -32.73 11.50 -1.71
N LEU A 221 -32.28 12.40 -0.83
CA LEU A 221 -30.90 12.86 -0.84
C LEU A 221 -30.20 12.52 0.47
N ASN A 222 -28.96 12.04 0.36
CA ASN A 222 -28.13 11.94 1.56
C ASN A 222 -27.57 13.34 1.86
N LEU A 223 -27.69 13.73 3.13
CA LEU A 223 -27.38 15.09 3.54
C LEU A 223 -26.64 15.00 4.86
N SER A 224 -25.66 15.87 5.06
CA SER A 224 -24.78 15.83 6.22
C SER A 224 -24.35 17.26 6.61
N THR A 225 -24.88 17.74 7.73
CA THR A 225 -24.63 19.08 8.23
C THR A 225 -23.13 19.30 8.41
N CYS A 226 -22.65 20.43 7.88
CA CYS A 226 -21.23 20.77 7.94
C CYS A 226 -20.98 21.86 8.99
N TYR A 227 -19.89 21.68 9.74
CA TYR A 227 -19.45 22.62 10.76
C TYR A 227 -17.98 22.94 10.54
N SER A 228 -17.61 24.18 10.85
CA SER A 228 -16.21 24.60 10.76
C SER A 228 -15.43 24.07 11.96
N ASN A 229 -14.20 23.61 11.72
CA ASN A 229 -13.32 23.10 12.76
C ASN A 229 -12.85 24.18 13.74
N SER A 230 -12.95 25.43 13.32
CA SER A 230 -12.58 26.58 14.16
C SER A 230 -13.37 27.82 13.75
N ALA A 231 -12.98 28.98 14.26
CA ALA A 231 -13.67 30.24 13.96
C ALA A 231 -12.96 31.08 12.91
N ASP A 232 -11.79 30.62 12.47
CA ASP A 232 -11.00 31.26 11.43
C ASP A 232 -11.78 31.25 10.11
N GLU A 233 -11.81 32.41 9.45
CA GLU A 233 -12.58 32.61 8.23
C GLU A 233 -12.26 31.57 7.17
N GLU A 234 -11.02 31.12 7.18
CA GLU A 234 -10.46 30.07 6.35
C GLU A 234 -11.26 28.77 6.49
N ASP A 235 -11.37 28.30 7.73
CA ASP A 235 -12.10 27.07 8.04
C ASP A 235 -13.60 27.19 7.78
N ILE A 236 -14.19 28.32 8.12
CA ILE A 236 -15.60 28.57 7.86
C ILE A 236 -15.94 28.48 6.36
N ALA A 237 -15.07 29.02 5.51
CA ALA A 237 -15.30 28.98 4.07
C ALA A 237 -15.17 27.53 3.56
N ALA A 238 -14.21 26.79 4.12
CA ALA A 238 -14.03 25.38 3.78
C ALA A 238 -15.29 24.56 4.11
N ALA A 239 -15.89 24.84 5.26
CA ALA A 239 -17.13 24.14 5.63
C ALA A 239 -18.26 24.46 4.66
N HIS A 240 -18.27 25.68 4.13
CA HIS A 240 -19.32 26.10 3.22
C HIS A 240 -19.12 25.45 1.85
N ARG A 241 -17.87 25.24 1.47
CA ARG A 241 -17.56 24.49 0.24
C ARG A 241 -17.98 23.02 0.40
N SER A 242 -17.63 22.37 1.50
CA SER A 242 -18.05 20.99 1.67
C SER A 242 -19.58 20.90 1.71
N ASP A 243 -20.23 21.88 2.35
CA ASP A 243 -21.68 21.95 2.34
C ASP A 243 -22.20 22.05 0.90
N GLY A 244 -21.53 22.84 0.08
CA GLY A 244 -21.87 23.01 -1.34
C GLY A 244 -21.91 21.70 -2.11
N TRP A 245 -20.96 20.81 -1.85
CA TRP A 245 -20.94 19.51 -2.53
C TRP A 245 -21.87 18.49 -1.86
N ASN A 246 -21.68 18.27 -0.57
CA ASN A 246 -22.51 17.33 0.19
C ASN A 246 -24.02 17.61 0.11
N ASN A 247 -24.40 18.87 0.24
CA ASN A 247 -25.80 19.23 0.42
C ASN A 247 -26.41 20.08 -0.69
N ARG A 248 -25.78 21.21 -1.00
CA ARG A 248 -26.39 22.19 -1.90
C ARG A 248 -26.47 21.79 -3.36
N TRP A 249 -25.53 20.98 -3.85
CA TRP A 249 -25.56 20.65 -5.28
C TRP A 249 -26.90 20.02 -5.68
N PHE A 250 -27.29 18.96 -4.98
CA PHE A 250 -28.56 18.31 -5.21
C PHE A 250 -29.77 18.99 -4.58
N LEU A 251 -29.61 19.66 -3.44
CA LEU A 251 -30.73 20.40 -2.87
C LEU A 251 -31.17 21.51 -3.82
N ASP A 252 -30.22 22.31 -4.29
CA ASP A 252 -30.53 23.40 -5.20
C ASP A 252 -31.10 22.83 -6.49
N ALA A 253 -30.49 21.75 -7.02
CA ALA A 253 -31.00 21.16 -8.25
C ALA A 253 -32.44 20.68 -8.08
N ALA A 254 -32.71 19.88 -7.05
CA ALA A 254 -34.03 19.26 -6.87
C ALA A 254 -35.12 20.23 -6.41
N LEU A 255 -34.72 21.25 -5.66
CA LEU A 255 -35.70 22.15 -5.07
C LEU A 255 -35.83 23.50 -5.77
N LYS A 256 -34.79 23.93 -6.46
CA LYS A 256 -34.81 25.22 -7.15
C LYS A 256 -34.54 25.10 -8.64
N GLY A 257 -34.03 23.97 -9.09
CA GLY A 257 -33.77 23.78 -10.51
C GLY A 257 -32.51 24.47 -11.03
N THR A 258 -31.56 24.71 -10.14
CA THR A 258 -30.28 25.33 -10.52
C THR A 258 -29.15 24.70 -9.71
N TYR A 259 -27.93 24.72 -10.23
CA TYR A 259 -26.81 24.26 -9.41
C TYR A 259 -26.21 25.47 -8.68
N PRO A 260 -25.64 25.27 -7.48
CA PRO A 260 -25.06 26.41 -6.76
C PRO A 260 -23.89 27.02 -7.53
N GLU A 261 -23.93 28.33 -7.74
CA GLU A 261 -22.93 29.00 -8.56
C GLU A 261 -21.52 28.96 -8.00
N ASP A 262 -21.39 29.01 -6.68
CA ASP A 262 -20.07 28.90 -6.07
C ASP A 262 -19.40 27.58 -6.42
N MET A 263 -20.17 26.50 -6.44
CA MET A 263 -19.61 25.18 -6.75
C MET A 263 -19.29 25.00 -8.23
N ILE A 264 -20.15 25.53 -9.10
CA ILE A 264 -19.85 25.54 -10.52
C ILE A 264 -18.51 26.19 -10.82
N LYS A 265 -18.26 27.32 -10.17
CA LYS A 265 -17.02 28.08 -10.32
C LYS A 265 -15.84 27.23 -9.85
N ILE A 266 -15.94 26.62 -8.69
CA ILE A 266 -14.89 25.76 -8.17
C ILE A 266 -14.59 24.60 -9.11
N PHE A 267 -15.64 23.90 -9.52
CA PHE A 267 -15.47 22.80 -10.46
C PHE A 267 -14.90 23.25 -11.80
N SER A 268 -15.37 24.40 -12.29
CA SER A 268 -14.87 24.95 -13.55
C SER A 268 -13.39 25.31 -13.47
N ASP A 269 -13.01 25.98 -12.37
CA ASP A 269 -11.64 26.47 -12.19
C ASP A 269 -10.63 25.34 -12.07
N THR A 270 -11.08 24.18 -11.60
CA THR A 270 -10.22 23.01 -11.49
C THR A 270 -10.42 22.05 -12.66
N ASN A 271 -11.12 22.51 -13.69
CA ASN A 271 -11.39 21.76 -14.91
C ASN A 271 -12.02 20.37 -14.71
N ILE A 272 -12.87 20.22 -13.70
CA ILE A 272 -13.62 18.97 -13.52
C ILE A 272 -15.09 19.10 -13.92
N MET A 273 -15.55 20.31 -14.22
CA MET A 273 -16.93 20.53 -14.62
C MET A 273 -17.16 20.01 -16.04
N PRO A 274 -18.14 19.13 -16.23
CA PRO A 274 -18.40 18.66 -17.59
C PRO A 274 -19.18 19.69 -18.40
N GLU A 275 -19.04 19.61 -19.72
CA GLU A 275 -19.88 20.39 -20.62
C GLU A 275 -21.24 19.73 -20.51
N LEU A 276 -22.23 20.50 -20.10
CA LEU A 276 -23.59 19.99 -19.98
C LEU A 276 -24.46 20.72 -21.00
N PRO A 277 -25.63 20.17 -21.36
CA PRO A 277 -26.47 20.87 -22.32
C PRO A 277 -26.73 22.29 -21.81
N LYS A 278 -26.77 23.24 -22.73
CA LYS A 278 -26.96 24.66 -22.43
C LYS A 278 -28.18 24.99 -21.56
N GLU A 279 -29.31 24.34 -21.83
CA GLU A 279 -30.55 24.61 -21.11
C GLU A 279 -30.55 24.16 -19.64
N LEU A 280 -29.64 23.27 -19.26
CA LEU A 280 -29.62 22.74 -17.89
C LEU A 280 -31.01 22.27 -17.47
N PHE A 281 -31.57 22.78 -16.37
CA PHE A 281 -32.92 22.41 -15.95
C PHE A 281 -33.98 23.48 -16.24
N THR A 282 -33.59 24.54 -16.94
CA THR A 282 -34.48 25.66 -17.23
C THR A 282 -35.79 25.26 -17.91
N GLU A 283 -35.76 24.21 -18.72
CA GLU A 283 -36.99 23.78 -19.40
C GLU A 283 -37.64 22.52 -18.82
N VAL A 284 -36.97 21.83 -17.90
CA VAL A 284 -37.49 20.56 -17.40
C VAL A 284 -37.81 20.54 -15.91
N PHE A 285 -37.36 21.53 -15.16
CA PHE A 285 -37.59 21.54 -13.72
C PHE A 285 -39.06 21.29 -13.35
N GLU A 286 -39.24 20.42 -12.37
CA GLU A 286 -40.54 20.04 -11.82
C GLU A 286 -40.43 20.03 -10.30
N THR A 287 -41.37 20.69 -9.63
CA THR A 287 -41.45 20.67 -8.18
C THR A 287 -41.90 19.30 -7.68
N SER A 288 -41.21 18.77 -6.67
CA SER A 288 -41.60 17.54 -5.98
C SER A 288 -42.67 17.81 -4.91
N ASP A 289 -43.37 16.76 -4.51
CA ASP A 289 -44.35 16.84 -3.42
C ASP A 289 -43.63 16.79 -2.08
N PHE A 290 -42.47 16.15 -2.00
CA PHE A 290 -41.74 16.13 -0.74
C PHE A 290 -40.27 15.94 -1.05
N LEU A 291 -39.45 16.10 -0.01
CA LEU A 291 -38.03 15.83 -0.09
C LEU A 291 -37.76 14.72 0.90
N GLY A 292 -37.07 13.67 0.46
CA GLY A 292 -36.66 12.59 1.34
C GLY A 292 -35.23 12.87 1.77
N ILE A 293 -35.00 12.77 3.07
CA ILE A 293 -33.70 13.06 3.66
C ILE A 293 -33.14 11.79 4.28
N ASN A 294 -31.90 11.49 3.93
CA ASN A 294 -31.15 10.40 4.55
C ASN A 294 -30.05 11.05 5.36
N TYR A 295 -30.16 11.02 6.69
CA TYR A 295 -29.19 11.64 7.59
C TYR A 295 -28.61 10.61 8.53
N TYR A 296 -27.28 10.62 8.66
CA TYR A 296 -26.57 9.76 9.61
C TYR A 296 -25.59 10.46 10.54
N THR A 297 -24.94 11.51 10.04
CA THR A 297 -23.85 12.15 10.78
C THR A 297 -23.52 13.54 10.24
N ARG A 298 -22.64 14.25 10.93
CA ARG A 298 -22.16 15.55 10.49
C ARG A 298 -20.76 15.43 9.92
N GLN A 299 -20.27 16.54 9.40
CA GLN A 299 -18.89 16.68 8.96
C GLN A 299 -18.35 17.94 9.64
N VAL A 300 -17.17 17.84 10.24
CA VAL A 300 -16.50 19.03 10.75
C VAL A 300 -15.35 19.23 9.78
N VAL A 301 -15.16 20.47 9.34
CA VAL A 301 -14.28 20.73 8.20
C VAL A 301 -13.26 21.83 8.46
N LYS A 302 -12.02 21.58 8.02
CA LYS A 302 -11.02 22.64 8.04
C LYS A 302 -10.54 22.93 6.63
N ASN A 303 -10.00 24.12 6.41
CA ASN A 303 -9.41 24.47 5.12
C ASN A 303 -8.14 23.66 4.87
N ASN A 304 -7.98 23.24 3.62
CA ASN A 304 -6.77 22.56 3.17
C ASN A 304 -6.68 22.88 1.69
N SER A 305 -5.89 23.89 1.33
CA SER A 305 -5.82 24.37 -0.04
C SER A 305 -5.40 23.30 -1.06
N GLU A 306 -4.84 22.20 -0.56
CA GLU A 306 -4.44 21.10 -1.43
C GLU A 306 -5.49 20.00 -1.57
N ALA A 307 -6.58 20.11 -0.81
CA ALA A 307 -7.62 19.10 -0.83
C ALA A 307 -8.70 19.36 -1.87
N PHE A 308 -9.46 18.32 -2.18
CA PHE A 308 -10.63 18.43 -3.05
C PHE A 308 -11.51 19.51 -2.45
N ILE A 309 -11.93 20.46 -3.29
CA ILE A 309 -12.71 21.63 -2.89
C ILE A 309 -12.12 22.36 -1.66
N GLY A 310 -10.81 22.21 -1.48
CA GLY A 310 -10.07 22.86 -0.40
C GLY A 310 -10.59 22.56 0.99
N ALA A 311 -11.19 21.40 1.17
CA ALA A 311 -11.85 21.07 2.41
C ALA A 311 -11.37 19.71 2.90
N GLU A 312 -11.20 19.61 4.21
CA GLU A 312 -10.78 18.37 4.85
C GLU A 312 -11.62 18.15 6.09
N SER A 313 -12.18 16.94 6.19
CA SER A 313 -12.96 16.52 7.34
C SER A 313 -12.02 16.24 8.50
N VAL A 314 -12.43 16.64 9.70
CA VAL A 314 -11.64 16.38 10.90
C VAL A 314 -12.25 15.22 11.71
N ALA A 315 -11.44 14.24 12.08
CA ALA A 315 -11.93 13.10 12.85
C ALA A 315 -12.22 13.61 14.27
N MET A 316 -13.44 13.41 14.74
CA MET A 316 -13.83 13.99 16.03
C MET A 316 -13.68 13.00 17.18
N ASP A 317 -13.45 13.55 18.36
CA ASP A 317 -13.33 12.80 19.60
C ASP A 317 -14.72 12.75 20.23
N ASN A 318 -15.51 11.77 19.79
CA ASN A 318 -16.87 11.61 20.28
C ASN A 318 -17.27 10.19 19.94
N PRO A 319 -18.30 9.67 20.65
CA PRO A 319 -18.81 8.34 20.36
C PRO A 319 -19.19 8.23 18.89
N LYS A 320 -18.95 7.05 18.32
CA LYS A 320 -19.20 6.84 16.91
C LYS A 320 -19.69 5.42 16.67
N THR A 321 -20.28 5.19 15.49
CA THR A 321 -20.85 3.90 15.14
C THR A 321 -19.79 2.98 14.57
N GLU A 322 -20.20 1.78 14.19
CA GLU A 322 -19.25 0.81 13.63
C GLU A 322 -18.81 1.24 12.23
N MET A 323 -19.50 2.22 11.64
CA MET A 323 -19.02 2.83 10.41
C MET A 323 -17.91 3.85 10.67
N GLY A 324 -17.69 4.24 11.93
CA GLY A 324 -16.74 5.30 12.25
C GLY A 324 -17.42 6.66 12.22
N TRP A 325 -18.74 6.68 12.05
CA TRP A 325 -19.46 7.95 11.94
C TRP A 325 -19.83 8.51 13.32
N GLU A 326 -19.52 9.78 13.53
CA GLU A 326 -19.82 10.46 14.79
C GLU A 326 -21.32 10.47 15.02
N ILE A 327 -21.72 10.16 16.26
CA ILE A 327 -23.12 10.18 16.64
C ILE A 327 -23.40 11.63 17.01
N TYR A 328 -24.24 12.29 16.21
CA TYR A 328 -24.46 13.72 16.36
C TYR A 328 -25.91 14.14 16.05
N PRO A 329 -26.83 13.83 16.98
CA PRO A 329 -28.23 14.13 16.78
C PRO A 329 -28.54 15.60 16.53
N GLN A 330 -27.67 16.49 17.01
CA GLN A 330 -27.88 17.93 16.83
C GLN A 330 -27.83 18.28 15.34
N GLY A 331 -27.03 17.53 14.59
CA GLY A 331 -26.91 17.70 13.14
C GLY A 331 -28.21 17.53 12.40
N LEU A 332 -29.05 16.62 12.89
CA LEU A 332 -30.36 16.38 12.31
C LEU A 332 -31.33 17.53 12.58
N TYR A 333 -31.33 18.05 13.81
CA TYR A 333 -32.12 19.24 14.08
C TYR A 333 -31.65 20.40 13.19
N ASP A 334 -30.34 20.60 13.13
CA ASP A 334 -29.74 21.67 12.33
C ASP A 334 -30.08 21.54 10.85
N LEU A 335 -30.02 20.32 10.34
CA LEU A 335 -30.35 20.07 8.95
C LEU A 335 -31.82 20.35 8.63
N LEU A 336 -32.73 19.83 9.45
CA LEU A 336 -34.16 20.00 9.20
C LEU A 336 -34.58 21.47 9.20
N THR A 337 -34.11 22.20 10.20
CA THR A 337 -34.38 23.64 10.28
C THR A 337 -33.71 24.40 9.15
N ARG A 338 -32.51 23.97 8.74
CA ARG A 338 -31.81 24.58 7.60
C ARG A 338 -32.57 24.42 6.29
N ILE A 339 -33.13 23.23 6.06
CA ILE A 339 -33.89 22.98 4.83
C ILE A 339 -35.13 23.86 4.79
N HIS A 340 -35.83 23.96 5.91
CA HIS A 340 -36.99 24.84 5.99
C HIS A 340 -36.62 26.31 5.80
N ARG A 341 -35.47 26.71 6.35
CA ARG A 341 -34.93 28.06 6.21
C ARG A 341 -34.59 28.41 4.76
N ASP A 342 -33.89 27.51 4.07
CA ASP A 342 -33.42 27.82 2.72
C ASP A 342 -34.37 27.49 1.57
N TYR A 343 -35.24 26.50 1.77
CA TYR A 343 -36.08 26.05 0.65
C TYR A 343 -37.59 26.13 0.90
N GLY A 344 -37.98 26.75 2.01
CA GLY A 344 -39.40 26.98 2.25
C GLY A 344 -40.19 25.77 2.71
N ASN A 345 -41.48 25.76 2.37
CA ASN A 345 -42.43 24.87 3.03
C ASN A 345 -42.67 23.45 2.50
N ILE A 346 -41.77 22.93 1.66
CA ILE A 346 -41.94 21.61 1.08
C ILE A 346 -41.98 20.53 2.15
N ASP A 347 -42.95 19.62 2.05
CA ASP A 347 -43.05 18.50 2.98
C ASP A 347 -41.71 17.76 3.08
N LEU A 348 -41.30 17.41 4.30
CA LEU A 348 -40.09 16.61 4.48
C LEU A 348 -40.39 15.24 5.08
N TYR A 349 -39.65 14.24 4.59
CA TYR A 349 -39.61 12.91 5.20
C TYR A 349 -38.17 12.53 5.49
N ILE A 350 -37.89 12.04 6.69
CA ILE A 350 -36.63 11.34 6.90
C ILE A 350 -36.79 9.94 6.26
N THR A 351 -36.19 9.73 5.09
CA THR A 351 -36.32 8.45 4.41
C THR A 351 -35.31 7.43 4.89
N GLU A 352 -34.31 7.89 5.63
CA GLU A 352 -33.35 7.02 6.29
C GLU A 352 -32.69 7.74 7.45
N ASN A 353 -32.61 7.04 8.56
CA ASN A 353 -31.72 7.43 9.65
C ASN A 353 -31.54 6.13 10.45
N GLY A 354 -30.32 5.84 10.90
CA GLY A 354 -30.08 4.61 11.64
C GLY A 354 -28.61 4.52 11.93
N ALA A 355 -28.17 3.38 12.45
CA ALA A 355 -26.78 3.22 12.86
C ALA A 355 -26.31 1.77 12.77
N ALA A 356 -25.02 1.62 12.45
CA ALA A 356 -24.41 0.30 12.45
C ALA A 356 -23.72 0.06 13.79
N PHE A 357 -24.04 -1.08 14.40
CA PHE A 357 -23.39 -1.52 15.63
C PHE A 357 -23.12 -3.01 15.58
N ASN A 358 -22.18 -3.49 16.41
CA ASN A 358 -21.80 -4.89 16.46
C ASN A 358 -22.84 -5.66 17.30
N ASP A 359 -23.95 -6.02 16.66
CA ASP A 359 -25.06 -6.70 17.35
C ASP A 359 -24.93 -8.21 17.18
N MET A 360 -25.39 -8.95 18.19
CA MET A 360 -25.35 -10.40 18.18
C MET A 360 -26.39 -10.96 19.15
N VAL A 361 -26.79 -12.21 18.89
CA VAL A 361 -27.77 -12.87 19.74
C VAL A 361 -27.07 -13.37 20.99
N ASN A 362 -27.67 -13.11 22.15
CA ASN A 362 -27.04 -13.51 23.42
C ASN A 362 -27.55 -14.89 23.90
N ARG A 363 -27.09 -15.30 25.09
CA ARG A 363 -27.43 -16.61 25.64
C ARG A 363 -28.92 -16.86 25.80
N ASP A 364 -29.72 -15.80 25.92
CA ASP A 364 -31.17 -15.92 26.01
C ASP A 364 -31.92 -15.70 24.69
N GLY A 365 -31.19 -15.70 23.58
CA GLY A 365 -31.84 -15.46 22.28
C GLY A 365 -32.22 -14.02 21.97
N LYS A 366 -31.71 -13.04 22.73
CA LYS A 366 -32.05 -11.64 22.48
C LYS A 366 -30.92 -10.86 21.84
N VAL A 367 -31.27 -9.75 21.20
CA VAL A 367 -30.26 -8.87 20.62
C VAL A 367 -30.46 -7.53 21.31
N GLU A 368 -29.64 -7.28 22.33
CA GLU A 368 -29.80 -6.09 23.17
C GLU A 368 -28.96 -4.93 22.62
N ASP A 369 -29.50 -4.23 21.63
CA ASP A 369 -28.76 -3.18 20.94
C ASP A 369 -29.03 -1.81 21.57
N GLU A 370 -28.56 -1.62 22.80
CA GLU A 370 -28.79 -0.37 23.50
C GLU A 370 -28.19 0.84 22.77
N ASN A 371 -27.04 0.64 22.15
CA ASN A 371 -26.41 1.75 21.41
C ASN A 371 -27.34 2.27 20.31
N ARG A 372 -27.99 1.37 19.59
CA ARG A 372 -28.90 1.81 18.53
C ARG A 372 -30.15 2.46 19.12
N LEU A 373 -30.65 1.87 20.21
CA LEU A 373 -31.84 2.41 20.85
C LEU A 373 -31.57 3.85 21.25
N ASP A 374 -30.42 4.08 21.88
CA ASP A 374 -30.05 5.41 22.37
C ASP A 374 -29.85 6.35 21.18
N TYR A 375 -29.20 5.83 20.12
CA TYR A 375 -29.04 6.61 18.91
C TYR A 375 -30.41 7.07 18.38
N LEU A 376 -31.36 6.15 18.37
CA LEU A 376 -32.66 6.45 17.79
C LEU A 376 -33.43 7.41 18.69
N TYR A 377 -33.30 7.22 19.99
CA TYR A 377 -34.00 8.11 20.93
C TYR A 377 -33.59 9.57 20.67
N THR A 378 -32.28 9.80 20.57
CA THR A 378 -31.76 11.16 20.43
C THR A 378 -32.08 11.82 19.08
N HIS A 379 -32.07 11.01 18.03
CA HIS A 379 -32.43 11.46 16.69
C HIS A 379 -33.93 11.71 16.54
N PHE A 380 -34.79 10.87 17.12
CA PHE A 380 -36.23 11.15 17.09
C PHE A 380 -36.49 12.40 17.94
N ALA A 381 -35.77 12.55 19.06
CA ALA A 381 -35.95 13.74 19.88
C ALA A 381 -35.63 15.02 19.10
N ALA A 382 -34.55 14.99 18.33
CA ALA A 382 -34.13 16.11 17.50
C ALA A 382 -35.19 16.38 16.42
N ALA A 383 -35.70 15.32 15.80
CA ALA A 383 -36.76 15.47 14.80
C ALA A 383 -38.02 16.12 15.39
N LEU A 384 -38.40 15.69 16.59
CA LEU A 384 -39.58 16.22 17.29
C LEU A 384 -39.38 17.71 17.61
N SER A 385 -38.16 18.07 17.98
CA SER A 385 -37.86 19.46 18.28
C SER A 385 -37.97 20.27 16.99
N ALA A 386 -37.50 19.73 15.87
CA ALA A 386 -37.63 20.44 14.61
C ALA A 386 -39.11 20.70 14.28
N ILE A 387 -39.96 19.69 14.50
CA ILE A 387 -41.40 19.84 14.34
C ILE A 387 -41.96 20.98 15.19
N GLU A 388 -41.52 21.04 16.45
CA GLU A 388 -41.91 22.14 17.35
C GLU A 388 -41.46 23.50 16.80
N ALA A 389 -40.31 23.54 16.12
CA ALA A 389 -39.82 24.76 15.51
C ALA A 389 -40.54 25.10 14.21
N GLY A 390 -41.51 24.27 13.83
CA GLY A 390 -42.30 24.52 12.63
C GLY A 390 -41.86 23.85 11.35
N VAL A 391 -40.89 22.94 11.40
CA VAL A 391 -40.45 22.23 10.18
C VAL A 391 -41.55 21.25 9.76
N PRO A 392 -41.96 21.24 8.48
CA PRO A 392 -43.01 20.31 8.07
C PRO A 392 -42.54 18.86 7.84
N LEU A 393 -42.00 18.26 8.89
CA LEU A 393 -41.53 16.88 8.87
C LEU A 393 -42.75 15.99 9.06
N LYS A 394 -43.01 15.18 8.04
CA LYS A 394 -44.23 14.37 7.99
C LYS A 394 -44.06 12.90 8.34
N GLY A 395 -42.82 12.41 8.32
CA GLY A 395 -42.56 11.01 8.59
C GLY A 395 -41.08 10.68 8.75
N TYR A 396 -40.81 9.46 9.20
CA TYR A 396 -39.45 9.05 9.57
C TYR A 396 -39.35 7.55 9.35
N TYR A 397 -38.41 7.14 8.49
CA TYR A 397 -38.14 5.73 8.20
C TYR A 397 -36.79 5.34 8.76
N ILE A 398 -36.76 4.31 9.59
CA ILE A 398 -35.48 3.85 10.13
C ILE A 398 -34.75 3.01 9.09
N TRP A 399 -33.48 3.31 8.85
CA TRP A 399 -32.63 2.40 8.07
C TRP A 399 -31.90 1.57 9.13
N SER A 400 -32.05 0.24 9.14
CA SER A 400 -32.85 -0.49 8.15
C SER A 400 -33.79 -1.45 8.86
N PHE A 401 -34.81 -1.96 8.17
CA PHE A 401 -35.65 -3.00 8.74
C PHE A 401 -34.83 -4.17 9.29
N MET A 402 -33.91 -4.70 8.48
CA MET A 402 -33.08 -5.82 8.92
C MET A 402 -31.63 -5.58 8.49
N ASP A 403 -30.70 -6.25 9.16
CA ASP A 403 -29.29 -6.21 8.81
C ASP A 403 -29.22 -6.71 7.37
N ASN A 404 -28.29 -6.16 6.58
CA ASN A 404 -28.30 -6.48 5.15
C ASN A 404 -26.93 -6.29 4.52
N PHE A 405 -26.86 -6.43 3.20
CA PHE A 405 -25.61 -6.22 2.47
C PHE A 405 -25.30 -4.72 2.42
N GLU A 406 -24.28 -4.29 3.16
CA GLU A 406 -23.98 -2.85 3.23
C GLU A 406 -22.97 -2.47 2.15
N TRP A 407 -23.39 -2.69 0.90
CA TRP A 407 -22.60 -2.28 -0.26
C TRP A 407 -21.14 -2.74 -0.18
N ALA A 408 -20.19 -1.83 -0.38
CA ALA A 408 -18.77 -2.19 -0.41
C ALA A 408 -18.24 -2.70 0.93
N GLU A 409 -19.00 -2.45 2.00
CA GLU A 409 -18.65 -2.98 3.33
C GLU A 409 -19.09 -4.42 3.53
N GLY A 410 -19.89 -4.94 2.61
CA GLY A 410 -20.43 -6.29 2.75
C GLY A 410 -21.37 -6.46 3.93
N TYR A 411 -21.39 -7.66 4.49
CA TYR A 411 -22.30 -8.02 5.58
C TYR A 411 -21.81 -7.61 6.96
N GLU A 412 -20.58 -7.13 7.03
CA GLU A 412 -19.95 -6.75 8.30
C GLU A 412 -20.61 -5.62 9.09
N LYS A 413 -21.39 -4.78 8.43
CA LYS A 413 -22.02 -3.64 9.08
C LYS A 413 -23.53 -3.86 9.16
N ARG A 414 -24.01 -3.93 10.40
CA ARG A 414 -25.39 -4.28 10.74
C ARG A 414 -26.18 -3.03 11.13
N PHE A 415 -27.11 -2.63 10.26
CA PHE A 415 -27.98 -1.48 10.47
C PHE A 415 -29.41 -1.83 10.88
N GLY A 416 -29.76 -3.12 10.95
CA GLY A 416 -31.14 -3.49 11.20
C GLY A 416 -31.70 -3.22 12.58
N ILE A 417 -33.01 -3.04 12.63
CA ILE A 417 -33.72 -3.17 13.91
C ILE A 417 -34.10 -4.64 14.09
N VAL A 418 -33.83 -5.46 13.08
CA VAL A 418 -34.01 -6.91 13.12
C VAL A 418 -32.69 -7.59 12.71
N HIS A 419 -32.17 -8.46 13.56
CA HIS A 419 -30.90 -9.16 13.31
C HIS A 419 -31.10 -10.29 12.31
N VAL A 420 -30.15 -10.49 11.41
CA VAL A 420 -30.23 -11.59 10.45
C VAL A 420 -28.96 -12.43 10.59
N ASN A 421 -29.15 -13.73 10.82
CA ASN A 421 -28.04 -14.67 10.85
C ASN A 421 -27.89 -15.10 9.39
N TYR A 422 -26.77 -14.78 8.77
CA TYR A 422 -26.59 -15.12 7.34
C TYR A 422 -26.38 -16.59 7.03
N LYS A 423 -26.06 -17.39 8.03
CA LYS A 423 -25.88 -18.83 7.79
C LYS A 423 -27.23 -19.55 7.77
N THR A 424 -28.17 -19.09 8.58
CA THR A 424 -29.42 -19.82 8.79
C THR A 424 -30.62 -19.00 8.32
N GLN A 425 -30.38 -17.72 8.05
CA GLN A 425 -31.42 -16.72 7.73
C GLN A 425 -32.38 -16.39 8.87
N GLU A 426 -32.11 -16.87 10.08
CA GLU A 426 -32.93 -16.49 11.22
C GLU A 426 -33.01 -14.98 11.42
N ARG A 427 -34.23 -14.46 11.56
CA ARG A 427 -34.48 -13.11 12.03
C ARG A 427 -34.72 -13.11 13.54
N THR A 428 -34.09 -12.15 14.22
CA THR A 428 -34.31 -11.92 15.65
C THR A 428 -34.53 -10.42 15.85
N ILE A 429 -35.73 -10.08 16.32
CA ILE A 429 -36.09 -8.69 16.55
C ILE A 429 -35.18 -8.16 17.66
N LYS A 430 -34.56 -7.01 17.42
CA LYS A 430 -33.67 -6.35 18.37
C LYS A 430 -34.43 -5.49 19.36
N LYS A 431 -33.78 -5.21 20.50
CA LYS A 431 -34.35 -4.33 21.52
C LYS A 431 -34.88 -3.01 20.96
N SER A 432 -34.11 -2.39 20.06
CA SER A 432 -34.49 -1.13 19.43
C SER A 432 -35.84 -1.20 18.71
N ALA A 433 -36.13 -2.32 18.06
CA ALA A 433 -37.42 -2.50 17.36
C ALA A 433 -38.57 -2.49 18.35
N TYR A 434 -38.37 -3.13 19.50
CA TYR A 434 -39.40 -3.15 20.53
C TYR A 434 -39.61 -1.74 21.08
N TRP A 435 -38.54 -0.96 21.18
CA TRP A 435 -38.64 0.45 21.60
C TRP A 435 -39.44 1.23 20.55
N TYR A 436 -39.14 0.98 19.27
CA TYR A 436 -39.85 1.60 18.17
C TYR A 436 -41.34 1.27 18.19
N LYS A 437 -41.68 0.01 18.42
CA LYS A 437 -43.09 -0.38 18.52
C LYS A 437 -43.81 0.46 19.57
N GLU A 438 -43.18 0.64 20.73
CA GLU A 438 -43.77 1.47 21.78
C GLU A 438 -43.90 2.93 21.37
N LEU A 439 -42.89 3.49 20.70
CA LEU A 439 -42.97 4.86 20.22
C LEU A 439 -44.17 5.05 19.28
N ILE A 440 -44.30 4.16 18.31
CA ILE A 440 -45.41 4.20 17.34
C ILE A 440 -46.76 4.08 18.03
N GLU A 441 -46.89 3.11 18.93
CA GLU A 441 -48.11 2.93 19.71
C GLU A 441 -48.45 4.17 20.53
N ARG A 442 -47.47 4.72 21.24
CA ARG A 442 -47.69 5.92 22.05
C ARG A 442 -48.19 7.09 21.22
N SER A 443 -47.65 7.22 20.01
CA SER A 443 -47.98 8.33 19.13
C SER A 443 -49.33 8.15 18.44
N ASN A 444 -49.79 6.90 18.33
CA ASN A 444 -51.06 6.59 17.67
C ASN A 444 -52.31 7.03 18.43
N MET B 1 30.78 -8.76 -35.23
CA MET B 1 29.63 -9.47 -35.89
C MET B 1 29.38 -8.93 -37.30
N GLU B 2 29.04 -9.88 -38.17
CA GLU B 2 28.74 -9.65 -39.58
C GLU B 2 27.66 -8.59 -39.79
N LYS B 3 27.89 -7.69 -40.75
CA LYS B 3 26.90 -6.70 -41.11
C LYS B 3 25.67 -7.40 -41.72
N LEU B 4 24.48 -6.94 -41.36
CA LEU B 4 23.25 -7.56 -41.87
C LEU B 4 22.85 -6.91 -43.19
N ARG B 5 22.30 -7.71 -44.10
CA ARG B 5 21.81 -7.22 -45.38
C ARG B 5 20.46 -7.86 -45.69
N PHE B 6 19.42 -7.04 -45.87
CA PHE B 6 18.09 -7.55 -46.21
C PHE B 6 17.82 -7.46 -47.72
N PRO B 7 16.82 -8.21 -48.21
CA PRO B 7 16.51 -8.12 -49.63
C PRO B 7 16.21 -6.69 -50.09
N LYS B 8 16.45 -6.44 -51.37
CA LYS B 8 16.29 -5.11 -51.94
C LYS B 8 14.88 -4.56 -51.74
N ASP B 9 13.87 -5.44 -51.84
CA ASP B 9 12.49 -4.98 -51.73
C ASP B 9 11.96 -4.94 -50.29
N PHE B 10 12.80 -5.25 -49.31
CA PHE B 10 12.37 -5.25 -47.91
C PHE B 10 12.04 -3.82 -47.46
N ILE B 11 10.95 -3.69 -46.72
CA ILE B 11 10.47 -2.38 -46.29
C ILE B 11 10.94 -2.03 -44.88
N PHE B 12 11.69 -0.95 -44.80
CA PHE B 12 12.25 -0.52 -43.53
C PHE B 12 11.55 0.75 -43.09
N GLY B 13 11.02 0.74 -41.87
CA GLY B 13 10.24 1.89 -41.44
C GLY B 13 10.45 2.17 -39.97
N THR B 14 9.67 3.12 -39.48
CA THR B 14 9.64 3.46 -38.07
C THR B 14 8.21 3.86 -37.71
N ALA B 15 7.85 3.81 -36.42
CA ALA B 15 6.43 4.03 -36.12
C ALA B 15 6.24 4.96 -34.93
N THR B 16 5.10 5.64 -34.91
CA THR B 16 4.67 6.49 -33.80
C THR B 16 3.16 6.32 -33.64
N ALA B 17 2.56 6.95 -32.64
CA ALA B 17 1.10 7.04 -32.50
C ALA B 17 0.76 8.48 -32.14
N ALA B 18 -0.43 8.92 -32.54
CA ALA B 18 -0.83 10.31 -32.41
C ALA B 18 -0.76 10.84 -30.98
N TYR B 19 -1.38 10.15 -30.02
CA TYR B 19 -1.39 10.67 -28.64
C TYR B 19 0.03 10.71 -28.08
N GLN B 20 0.88 9.82 -28.56
CA GLN B 20 2.21 9.73 -27.97
C GLN B 20 3.16 10.85 -28.41
N ILE B 21 2.89 11.45 -29.57
CA ILE B 21 3.77 12.47 -30.13
C ILE B 21 3.18 13.84 -30.44
N GLU B 22 1.89 13.91 -30.75
CA GLU B 22 1.36 15.13 -31.35
C GLU B 22 1.28 16.37 -30.47
N GLY B 23 0.85 16.22 -29.22
CA GLY B 23 0.49 17.39 -28.42
C GLY B 23 -0.69 18.13 -29.05
N ALA B 24 -0.72 19.46 -28.95
CA ALA B 24 -1.84 20.28 -29.44
C ALA B 24 -3.17 19.61 -29.09
N TYR B 25 -3.30 19.13 -27.85
CA TYR B 25 -4.45 18.30 -27.47
C TYR B 25 -5.83 18.97 -27.57
N LYS B 26 -5.87 20.30 -27.59
CA LYS B 26 -7.15 20.98 -27.75
C LYS B 26 -7.15 22.04 -28.85
N GLU B 27 -6.11 22.03 -29.69
CA GLU B 27 -6.07 22.98 -30.79
C GLU B 27 -7.03 22.60 -31.92
N ASP B 28 -7.41 23.60 -32.71
CA ASP B 28 -8.22 23.40 -33.91
C ASP B 28 -9.49 22.59 -33.71
N GLU B 29 -10.15 22.86 -32.59
CA GLU B 29 -11.41 22.21 -32.20
C GLU B 29 -11.35 20.70 -32.04
N LYS B 30 -10.15 20.13 -31.82
CA LYS B 30 -10.03 18.71 -31.53
C LYS B 30 -10.87 18.35 -30.30
N GLY B 31 -11.57 17.22 -30.36
CA GLY B 31 -12.34 16.75 -29.20
C GLY B 31 -11.48 16.06 -28.16
N GLU B 32 -11.99 15.98 -26.94
CA GLU B 32 -11.32 15.23 -25.88
C GLU B 32 -11.32 13.73 -26.18
N SER B 33 -10.18 13.08 -25.99
CA SER B 33 -10.10 11.63 -26.13
C SER B 33 -10.10 10.99 -24.74
N ILE B 34 -10.22 9.66 -24.70
CA ILE B 34 -10.16 8.94 -23.43
C ILE B 34 -8.82 9.08 -22.74
N TRP B 35 -7.76 9.29 -23.54
CA TRP B 35 -6.41 9.51 -23.02
C TRP B 35 -6.21 10.93 -22.45
N ASP B 36 -6.80 11.94 -23.08
CA ASP B 36 -6.82 13.29 -22.51
C ASP B 36 -7.51 13.22 -21.15
N ARG B 37 -8.62 12.48 -21.08
CA ARG B 37 -9.37 12.36 -19.83
C ARG B 37 -8.54 11.59 -18.79
N PHE B 38 -8.01 10.44 -19.19
CA PHE B 38 -7.31 9.54 -18.27
C PHE B 38 -6.07 10.21 -17.67
N SER B 39 -5.30 10.89 -18.51
CA SER B 39 -4.05 11.50 -18.03
C SER B 39 -4.26 12.79 -17.23
N HIS B 40 -5.46 13.35 -17.25
CA HIS B 40 -5.75 14.54 -16.46
C HIS B 40 -6.33 14.18 -15.09
N ILE B 41 -6.42 12.89 -14.78
CA ILE B 41 -6.89 12.40 -13.48
C ILE B 41 -5.68 11.86 -12.71
N PRO B 42 -5.44 12.38 -11.50
CA PRO B 42 -4.29 11.92 -10.70
C PRO B 42 -4.35 10.43 -10.42
N GLY B 43 -3.19 9.77 -10.40
CA GLY B 43 -3.13 8.36 -10.08
C GLY B 43 -3.09 7.41 -11.27
N ASN B 44 -3.26 7.95 -12.47
CA ASN B 44 -3.33 7.11 -13.67
C ASN B 44 -2.02 6.99 -14.44
N VAL B 45 -1.24 8.07 -14.49
CA VAL B 45 0.02 8.08 -15.24
C VAL B 45 1.17 8.46 -14.32
N ALA B 46 2.30 7.78 -14.48
CA ALA B 46 3.52 8.12 -13.74
C ALA B 46 3.82 9.62 -13.79
N LYS B 47 4.13 10.21 -12.64
CA LYS B 47 4.46 11.64 -12.51
C LYS B 47 3.42 12.65 -12.97
N MET B 48 2.15 12.23 -13.08
CA MET B 48 1.10 13.08 -13.63
C MET B 48 1.45 13.56 -15.04
N HIS B 49 2.19 12.75 -15.78
CA HIS B 49 2.52 13.15 -17.14
C HIS B 49 1.28 13.01 -18.00
N ASN B 50 1.21 13.80 -19.07
CA ASN B 50 0.11 13.74 -20.01
C ASN B 50 0.64 14.01 -21.42
N GLY B 51 -0.23 13.87 -22.42
CA GLY B 51 0.19 14.14 -23.80
C GLY B 51 -0.31 15.51 -24.27
N ASP B 52 -0.49 16.49 -23.39
CA ASP B 52 -0.94 17.81 -23.83
C ASP B 52 0.01 18.43 -24.86
N ILE B 53 1.31 18.21 -24.65
CA ILE B 53 2.38 18.74 -25.50
C ILE B 53 3.18 17.62 -26.18
N ALA B 54 3.53 16.58 -25.42
CA ALA B 54 4.27 15.44 -25.98
C ALA B 54 5.50 15.95 -26.73
N CYS B 55 5.69 15.48 -27.96
CA CYS B 55 6.80 15.89 -28.83
C CYS B 55 6.43 17.08 -29.72
N ASP B 56 5.27 17.68 -29.46
CA ASP B 56 4.82 18.86 -30.20
C ASP B 56 4.83 18.61 -31.71
N HIS B 57 4.59 17.37 -32.13
CA HIS B 57 4.68 16.98 -33.54
C HIS B 57 3.61 17.66 -34.40
N TYR B 58 2.47 18.03 -33.81
CA TYR B 58 1.44 18.77 -34.55
C TYR B 58 2.02 20.06 -35.12
N HIS B 59 2.90 20.69 -34.34
CA HIS B 59 3.59 21.90 -34.82
C HIS B 59 4.91 21.63 -35.54
N ARG B 60 5.57 20.53 -35.24
CA ARG B 60 6.94 20.30 -35.71
C ARG B 60 7.06 19.20 -36.74
N TYR B 61 5.95 18.83 -37.36
CA TYR B 61 6.00 17.70 -38.29
C TYR B 61 6.96 17.92 -39.46
N LYS B 62 7.11 19.14 -39.95
CA LYS B 62 8.06 19.35 -41.05
C LYS B 62 9.49 18.97 -40.68
N GLU B 63 9.90 19.31 -39.47
CA GLU B 63 11.22 18.92 -38.95
C GLU B 63 11.34 17.39 -38.86
N ASP B 64 10.31 16.77 -38.30
CA ASP B 64 10.29 15.31 -38.15
C ASP B 64 10.34 14.61 -39.52
N VAL B 65 9.63 15.12 -40.52
CA VAL B 65 9.71 14.52 -41.85
C VAL B 65 11.12 14.63 -42.44
N GLN B 66 11.76 15.78 -42.27
CA GLN B 66 13.14 15.92 -42.73
C GLN B 66 14.09 14.95 -42.02
N LEU B 67 13.83 14.67 -40.75
CA LEU B 67 14.62 13.66 -40.04
C LEU B 67 14.50 12.26 -40.65
N LEU B 68 13.27 11.85 -40.95
CA LEU B 68 13.03 10.58 -41.64
C LEU B 68 13.78 10.54 -42.97
N LYS B 69 13.74 11.63 -43.72
CA LYS B 69 14.42 11.68 -45.01
C LYS B 69 15.94 11.57 -44.85
N SER B 70 16.51 12.29 -43.89
CA SER B 70 17.95 12.24 -43.66
C SER B 70 18.43 10.84 -43.23
N LEU B 71 17.56 10.07 -42.58
CA LEU B 71 17.92 8.71 -42.18
C LEU B 71 17.68 7.71 -43.29
N GLY B 72 17.04 8.15 -44.37
CA GLY B 72 16.71 7.30 -45.51
C GLY B 72 15.58 6.33 -45.24
N ILE B 73 14.73 6.64 -44.27
CA ILE B 73 13.60 5.80 -43.92
C ILE B 73 12.55 5.89 -45.03
N LYS B 74 12.09 4.74 -45.51
CA LYS B 74 11.21 4.66 -46.68
C LYS B 74 9.71 4.64 -46.38
N SER B 75 9.35 4.22 -45.17
CA SER B 75 7.96 4.03 -44.80
C SER B 75 7.82 4.52 -43.37
N TYR B 76 6.74 5.24 -43.14
CA TYR B 76 6.53 5.80 -41.80
C TYR B 76 5.12 5.40 -41.37
N ARG B 77 5.05 4.67 -40.26
CA ARG B 77 3.77 4.26 -39.70
C ARG B 77 3.36 5.27 -38.62
N PHE B 78 2.17 5.85 -38.75
CA PHE B 78 1.69 6.80 -37.74
C PHE B 78 0.19 6.62 -37.58
N SER B 79 -0.41 7.21 -36.56
CA SER B 79 -1.85 7.08 -36.42
C SER B 79 -2.58 8.39 -36.62
N ILE B 80 -3.87 8.30 -36.95
CA ILE B 80 -4.72 9.46 -37.08
C ILE B 80 -5.61 9.49 -35.83
N ALA B 81 -5.64 10.64 -35.18
CA ALA B 81 -6.41 10.82 -33.96
C ALA B 81 -7.86 11.09 -34.32
N TRP B 82 -8.71 10.09 -34.12
CA TRP B 82 -10.15 10.18 -34.39
C TRP B 82 -10.78 11.49 -33.90
N PRO B 83 -10.51 11.93 -32.66
CA PRO B 83 -11.17 13.15 -32.21
C PRO B 83 -10.74 14.45 -32.88
N ARG B 84 -9.64 14.43 -33.65
CA ARG B 84 -9.30 15.57 -34.49
C ARG B 84 -10.25 15.63 -35.69
N ILE B 85 -10.76 14.48 -36.10
CA ILE B 85 -11.62 14.40 -37.29
C ILE B 85 -13.11 14.50 -36.92
N PHE B 86 -13.52 13.77 -35.87
CA PHE B 86 -14.89 13.80 -35.36
C PHE B 86 -14.75 14.08 -33.85
N PRO B 87 -14.82 15.36 -33.45
CA PRO B 87 -14.61 15.70 -32.03
C PRO B 87 -15.60 15.02 -31.09
N LYS B 88 -16.79 14.69 -31.58
CA LYS B 88 -17.81 13.99 -30.79
C LYS B 88 -17.92 12.50 -31.15
N GLY B 89 -17.01 12.02 -31.98
CA GLY B 89 -17.00 10.62 -32.36
C GLY B 89 -17.72 10.37 -33.66
N PHE B 90 -18.75 11.16 -33.94
CA PHE B 90 -19.56 11.01 -35.15
C PHE B 90 -20.21 12.37 -35.39
N GLY B 91 -20.87 12.49 -36.54
CA GLY B 91 -21.56 13.73 -36.85
C GLY B 91 -20.70 14.73 -37.60
N GLU B 92 -20.56 15.92 -37.02
CA GLU B 92 -19.85 17.04 -37.63
C GLU B 92 -18.35 16.75 -37.83
N ILE B 93 -17.92 16.84 -39.08
CA ILE B 93 -16.53 16.62 -39.46
C ILE B 93 -15.71 17.88 -39.28
N ASN B 94 -14.56 17.74 -38.62
CA ASN B 94 -13.64 18.84 -38.38
C ASN B 94 -12.64 18.95 -39.53
N GLN B 95 -12.84 19.93 -40.41
CA GLN B 95 -11.97 20.13 -41.56
C GLN B 95 -10.53 20.48 -41.23
N LYS B 96 -10.31 21.12 -40.09
CA LYS B 96 -8.95 21.44 -39.66
C LYS B 96 -8.16 20.18 -39.34
N GLY B 97 -8.83 19.17 -38.76
CA GLY B 97 -8.25 17.87 -38.43
C GLY B 97 -7.87 17.12 -39.69
N ILE B 98 -8.78 17.10 -40.65
CA ILE B 98 -8.45 16.50 -41.95
C ILE B 98 -7.28 17.21 -42.63
N GLN B 99 -7.28 18.54 -42.58
CA GLN B 99 -6.23 19.33 -43.24
C GLN B 99 -4.85 19.03 -42.64
N PHE B 100 -4.79 18.85 -41.32
CA PHE B 100 -3.51 18.51 -40.70
C PHE B 100 -2.94 17.23 -41.30
N TYR B 101 -3.75 16.17 -41.31
CA TYR B 101 -3.25 14.89 -41.85
C TYR B 101 -2.99 14.96 -43.35
N ARG B 102 -3.78 15.76 -44.04
CA ARG B 102 -3.54 15.97 -45.48
C ARG B 102 -2.18 16.61 -45.69
N ASP B 103 -1.86 17.61 -44.87
CA ASP B 103 -0.56 18.28 -44.91
C ASP B 103 0.58 17.35 -44.53
N LEU B 104 0.38 16.53 -43.50
CA LEU B 104 1.38 15.54 -43.10
C LEU B 104 1.63 14.52 -44.23
N ILE B 105 0.54 13.94 -44.73
CA ILE B 105 0.64 12.95 -45.80
C ILE B 105 1.38 13.53 -47.02
N ASP B 106 1.00 14.73 -47.44
CA ASP B 106 1.65 15.36 -48.60
C ASP B 106 3.13 15.65 -48.38
N GLU B 107 3.47 15.98 -47.13
CA GLU B 107 4.84 16.29 -46.75
C GLU B 107 5.67 15.01 -46.78
N LEU B 108 5.10 13.90 -46.35
CA LEU B 108 5.80 12.62 -46.43
C LEU B 108 6.08 12.26 -47.88
N ILE B 109 5.04 12.35 -48.70
CA ILE B 109 5.11 11.93 -50.10
C ILE B 109 6.11 12.77 -50.88
N LYS B 110 6.08 14.08 -50.67
CA LYS B 110 7.02 14.94 -51.39
C LYS B 110 8.46 14.67 -50.97
N ASN B 111 8.65 14.04 -49.81
CA ASN B 111 9.97 13.68 -49.33
C ASN B 111 10.27 12.18 -49.48
N ASP B 112 9.50 11.53 -50.34
CA ASP B 112 9.70 10.13 -50.75
C ASP B 112 9.51 9.08 -49.66
N ILE B 113 8.60 9.37 -48.73
CA ILE B 113 8.30 8.45 -47.63
C ILE B 113 6.88 7.95 -47.86
N GLU B 114 6.71 6.63 -47.77
CA GLU B 114 5.40 6.01 -47.93
C GLU B 114 4.68 6.01 -46.59
N PRO B 115 3.50 6.61 -46.55
CA PRO B 115 2.75 6.61 -45.30
C PRO B 115 2.02 5.28 -45.04
N ALA B 116 2.03 4.81 -43.79
CA ALA B 116 1.24 3.64 -43.41
C ALA B 116 0.44 4.11 -42.21
N ILE B 117 -0.89 4.14 -42.34
CA ILE B 117 -1.76 4.73 -41.33
C ILE B 117 -2.52 3.73 -40.44
N THR B 118 -2.28 3.84 -39.15
CA THR B 118 -3.05 3.13 -38.13
C THR B 118 -4.29 3.99 -37.89
N ILE B 119 -5.46 3.39 -38.11
CA ILE B 119 -6.72 4.12 -38.01
C ILE B 119 -7.07 4.38 -36.55
N TYR B 120 -6.88 3.38 -35.69
CA TYR B 120 -7.21 3.55 -34.28
C TYR B 120 -6.01 3.14 -33.45
N HIS B 121 -5.47 4.08 -32.69
CA HIS B 121 -4.35 3.78 -31.81
C HIS B 121 -4.66 4.32 -30.41
N TRP B 122 -5.83 3.89 -29.91
CA TRP B 122 -6.28 3.99 -28.52
C TRP B 122 -6.92 5.29 -28.06
N ASP B 123 -7.05 6.23 -28.98
CA ASP B 123 -7.56 7.55 -28.66
C ASP B 123 -9.05 7.75 -28.98
N LEU B 124 -9.87 6.86 -28.44
CA LEU B 124 -11.32 6.96 -28.63
C LEU B 124 -11.84 8.33 -28.18
N PRO B 125 -12.67 8.99 -28.99
CA PRO B 125 -13.28 10.21 -28.48
C PRO B 125 -14.01 9.96 -27.15
N GLN B 126 -13.73 10.79 -26.15
CA GLN B 126 -14.38 10.67 -24.85
C GLN B 126 -15.91 10.64 -24.94
N LYS B 127 -16.49 11.41 -25.85
CA LYS B 127 -17.95 11.41 -25.99
C LYS B 127 -18.49 10.04 -26.39
N LEU B 128 -17.64 9.18 -26.96
CA LEU B 128 -18.04 7.80 -27.25
C LEU B 128 -17.88 6.91 -26.02
N GLN B 129 -16.88 7.18 -25.17
CA GLN B 129 -16.80 6.44 -23.90
C GLN B 129 -18.01 6.79 -23.02
N ASP B 130 -18.53 8.01 -23.16
CA ASP B 130 -19.77 8.36 -22.45
C ASP B 130 -20.96 7.48 -22.84
N ILE B 131 -20.90 6.86 -24.01
CA ILE B 131 -21.91 5.87 -24.38
C ILE B 131 -21.41 4.43 -24.32
N GLY B 132 -20.43 4.18 -23.45
CA GLY B 132 -19.95 2.83 -23.20
C GLY B 132 -18.67 2.45 -23.92
N GLY B 133 -18.20 3.29 -24.83
CA GLY B 133 -16.97 3.03 -25.57
C GLY B 133 -17.05 1.70 -26.29
N TRP B 134 -15.99 0.89 -26.21
CA TRP B 134 -15.97 -0.35 -26.97
C TRP B 134 -16.90 -1.47 -26.49
N ALA B 135 -17.55 -1.28 -25.35
CA ALA B 135 -18.56 -2.23 -24.86
C ALA B 135 -19.86 -2.09 -25.65
N ASN B 136 -20.03 -0.97 -26.34
CA ASN B 136 -21.24 -0.63 -27.11
C ASN B 136 -21.00 -0.87 -28.60
N PRO B 137 -21.73 -1.79 -29.24
CA PRO B 137 -21.45 -2.09 -30.65
C PRO B 137 -21.73 -0.91 -31.57
N GLN B 138 -22.51 0.07 -31.10
CA GLN B 138 -22.73 1.29 -31.88
C GLN B 138 -21.43 2.05 -32.12
N VAL B 139 -20.49 1.94 -31.18
CA VAL B 139 -19.20 2.61 -31.28
C VAL B 139 -18.37 1.93 -32.36
N ALA B 140 -18.56 0.63 -32.53
CA ALA B 140 -17.92 -0.09 -33.65
C ALA B 140 -18.41 0.47 -34.99
N ASP B 141 -19.68 0.82 -35.06
CA ASP B 141 -20.25 1.33 -36.31
C ASP B 141 -19.76 2.74 -36.62
N TYR B 142 -19.63 3.57 -35.58
CA TYR B 142 -19.07 4.90 -35.73
C TYR B 142 -17.61 4.81 -36.18
N TYR B 143 -16.92 3.79 -35.69
CA TYR B 143 -15.54 3.57 -36.11
C TYR B 143 -15.47 3.34 -37.62
N VAL B 144 -16.39 2.54 -38.15
CA VAL B 144 -16.37 2.24 -39.59
C VAL B 144 -16.67 3.49 -40.42
N ASP B 145 -17.60 4.30 -39.94
CA ASP B 145 -17.90 5.59 -40.57
C ASP B 145 -16.64 6.46 -40.65
N TYR B 146 -15.88 6.47 -39.56
CA TYR B 146 -14.62 7.20 -39.47
C TYR B 146 -13.58 6.60 -40.42
N ALA B 147 -13.39 5.28 -40.38
CA ALA B 147 -12.48 4.62 -41.32
C ALA B 147 -12.85 4.91 -42.77
N ASN B 148 -14.14 4.88 -43.09
CA ASN B 148 -14.58 5.14 -44.46
C ASN B 148 -14.23 6.56 -44.92
N LEU B 149 -14.35 7.54 -44.03
CA LEU B 149 -13.97 8.91 -44.38
C LEU B 149 -12.48 8.99 -44.72
N LEU B 150 -11.65 8.37 -43.89
CA LEU B 150 -10.21 8.30 -44.14
C LEU B 150 -9.88 7.64 -45.47
N PHE B 151 -10.53 6.53 -45.78
CA PHE B 151 -10.29 5.89 -47.09
C PHE B 151 -10.65 6.85 -48.21
N ARG B 152 -11.80 7.51 -48.09
CA ARG B 152 -12.22 8.39 -49.19
C ARG B 152 -11.34 9.63 -49.31
N GLU B 153 -10.88 10.15 -48.18
CA GLU B 153 -10.01 11.33 -48.18
C GLU B 153 -8.58 11.06 -48.63
N PHE B 154 -7.98 9.96 -48.19
CA PHE B 154 -6.55 9.73 -48.35
C PHE B 154 -6.16 8.47 -49.09
N GLY B 155 -7.15 7.64 -49.44
CA GLY B 155 -6.89 6.35 -50.03
C GLY B 155 -6.22 6.38 -51.40
N ASP B 156 -6.37 7.49 -52.12
CA ASP B 156 -5.66 7.68 -53.38
C ASP B 156 -4.14 7.78 -53.21
N ARG B 157 -3.68 8.13 -52.01
CA ARG B 157 -2.26 8.38 -51.73
C ARG B 157 -1.65 7.45 -50.68
N VAL B 158 -2.49 6.90 -49.81
CA VAL B 158 -2.05 5.99 -48.76
C VAL B 158 -2.44 4.57 -49.18
N LYS B 159 -1.45 3.67 -49.19
CA LYS B 159 -1.65 2.32 -49.69
C LYS B 159 -1.46 1.23 -48.64
N THR B 160 -1.25 1.63 -47.38
CA THR B 160 -1.14 0.64 -46.32
C THR B 160 -1.96 1.18 -45.15
N TRP B 161 -2.98 0.43 -44.77
CA TRP B 161 -3.86 0.79 -43.65
C TRP B 161 -3.83 -0.25 -42.55
N ILE B 162 -3.83 0.17 -41.29
CA ILE B 162 -3.90 -0.73 -40.16
C ILE B 162 -5.16 -0.33 -39.38
N THR B 163 -6.11 -1.24 -39.26
CA THR B 163 -7.39 -0.93 -38.64
C THR B 163 -7.21 -0.57 -37.17
N HIS B 164 -6.51 -1.45 -36.47
CA HIS B 164 -6.33 -1.35 -35.03
C HIS B 164 -4.91 -1.71 -34.62
N ASN B 165 -4.42 -0.99 -33.63
CA ASN B 165 -3.14 -1.33 -33.02
C ASN B 165 -3.42 -2.03 -31.69
N GLU B 166 -2.86 -3.22 -31.53
CA GLU B 166 -2.91 -3.97 -30.27
C GLU B 166 -4.27 -3.98 -29.57
N PRO B 167 -5.30 -4.55 -30.24
CA PRO B 167 -6.62 -4.66 -29.64
C PRO B 167 -6.59 -5.43 -28.31
N TRP B 168 -5.71 -6.42 -28.17
CA TRP B 168 -5.51 -7.07 -26.86
C TRP B 168 -5.15 -6.07 -25.77
N VAL B 169 -4.23 -5.15 -26.04
CA VAL B 169 -3.83 -4.17 -25.03
C VAL B 169 -4.99 -3.22 -24.74
N ALA B 170 -5.60 -2.68 -25.79
CA ALA B 170 -6.70 -1.74 -25.60
C ALA B 170 -7.81 -2.34 -24.74
N SER B 171 -8.15 -3.59 -25.02
CA SER B 171 -9.25 -4.22 -24.30
C SER B 171 -8.84 -4.68 -22.90
N TYR B 172 -7.71 -5.38 -22.79
CA TYR B 172 -7.29 -5.94 -21.52
C TYR B 172 -6.76 -4.87 -20.56
N LEU B 173 -5.85 -4.03 -21.03
CA LEU B 173 -5.34 -2.98 -20.16
C LEU B 173 -6.32 -1.85 -19.90
N GLY B 174 -7.18 -1.58 -20.87
CA GLY B 174 -8.13 -0.47 -20.76
C GLY B 174 -9.43 -0.85 -20.07
N TYR B 175 -9.86 -2.10 -20.24
CA TYR B 175 -11.15 -2.53 -19.73
C TYR B 175 -11.10 -3.61 -18.64
N ALA B 176 -9.99 -4.35 -18.53
CA ALA B 176 -9.88 -5.38 -17.52
C ALA B 176 -8.93 -5.03 -16.37
N LEU B 177 -7.77 -4.47 -16.66
CA LEU B 177 -6.80 -4.14 -15.62
C LEU B 177 -6.89 -2.71 -15.13
N GLY B 178 -7.59 -1.85 -15.87
CA GLY B 178 -7.73 -0.43 -15.52
C GLY B 178 -6.45 0.39 -15.59
N VAL B 179 -5.44 -0.14 -16.27
CA VAL B 179 -4.10 0.44 -16.34
C VAL B 179 -4.00 1.51 -17.43
N HIS B 180 -4.80 1.35 -18.49
CA HIS B 180 -4.87 2.26 -19.64
C HIS B 180 -6.29 2.80 -19.72
N ALA B 181 -6.47 3.93 -20.40
CA ALA B 181 -7.79 4.50 -20.65
C ALA B 181 -8.66 3.42 -21.31
N PRO B 182 -9.94 3.35 -20.95
CA PRO B 182 -10.63 4.27 -20.06
C PRO B 182 -10.51 3.91 -18.58
N GLY B 183 -9.67 2.94 -18.21
CA GLY B 183 -9.45 2.66 -16.78
C GLY B 183 -10.50 1.79 -16.10
N ILE B 184 -11.16 0.94 -16.89
CA ILE B 184 -12.21 0.05 -16.36
C ILE B 184 -11.56 -1.26 -15.90
N LYS B 185 -12.13 -1.90 -14.86
CA LYS B 185 -11.57 -3.14 -14.32
C LYS B 185 -12.63 -4.25 -14.27
N ASP B 186 -12.95 -4.76 -15.44
CA ASP B 186 -14.04 -5.73 -15.61
C ASP B 186 -13.67 -6.64 -16.78
N MET B 187 -13.09 -7.80 -16.50
CA MET B 187 -12.70 -8.73 -17.55
C MET B 187 -13.85 -9.15 -18.48
N LYS B 188 -15.05 -9.36 -17.94
CA LYS B 188 -16.19 -9.70 -18.81
C LYS B 188 -16.47 -8.58 -19.82
N MET B 189 -16.48 -7.34 -19.33
CA MET B 189 -16.55 -6.18 -20.22
C MET B 189 -15.38 -6.09 -21.21
N ALA B 190 -14.18 -6.42 -20.75
CA ALA B 190 -13.04 -6.38 -21.65
C ALA B 190 -13.18 -7.34 -22.84
N LEU B 191 -13.71 -8.52 -22.59
CA LEU B 191 -13.90 -9.50 -23.67
C LEU B 191 -14.96 -9.01 -24.65
N LEU B 192 -15.97 -8.30 -24.14
CA LEU B 192 -17.00 -7.70 -24.98
C LEU B 192 -16.40 -6.57 -25.82
N ALA B 193 -15.59 -5.70 -25.21
CA ALA B 193 -14.87 -4.65 -25.92
C ALA B 193 -13.98 -5.25 -27.01
N ALA B 194 -13.22 -6.30 -26.70
CA ALA B 194 -12.36 -6.96 -27.69
C ALA B 194 -13.17 -7.48 -28.86
N HIS B 195 -14.34 -8.04 -28.55
CA HIS B 195 -15.24 -8.53 -29.60
C HIS B 195 -15.73 -7.41 -30.52
N ASN B 196 -16.22 -6.30 -29.93
CA ASN B 196 -16.62 -5.15 -30.72
C ASN B 196 -15.47 -4.53 -31.50
N ILE B 197 -14.26 -4.54 -30.94
CA ILE B 197 -13.09 -4.05 -31.67
C ILE B 197 -12.88 -4.91 -32.91
N LEU B 198 -12.88 -6.22 -32.74
CA LEU B 198 -12.76 -7.13 -33.90
C LEU B 198 -13.87 -6.95 -34.93
N LEU B 199 -15.12 -6.80 -34.47
CA LEU B 199 -16.23 -6.48 -35.37
C LEU B 199 -15.95 -5.23 -36.21
N SER B 200 -15.39 -4.19 -35.57
CA SER B 200 -15.05 -2.95 -36.25
C SER B 200 -13.94 -3.17 -37.29
N HIS B 201 -12.98 -4.04 -36.95
CA HIS B 201 -11.91 -4.38 -37.89
C HIS B 201 -12.51 -5.02 -39.15
N PHE B 202 -13.31 -6.06 -38.99
CA PHE B 202 -13.88 -6.74 -40.16
C PHE B 202 -14.77 -5.84 -41.01
N LYS B 203 -15.56 -4.98 -40.36
CA LYS B 203 -16.43 -4.05 -41.05
C LYS B 203 -15.63 -3.03 -41.88
N ALA B 204 -14.51 -2.57 -41.34
CA ALA B 204 -13.64 -1.62 -42.04
C ALA B 204 -12.93 -2.31 -43.20
N VAL B 205 -12.52 -3.57 -43.03
CA VAL B 205 -11.92 -4.31 -44.14
C VAL B 205 -12.92 -4.42 -45.30
N LYS B 206 -14.15 -4.81 -44.97
CA LYS B 206 -15.23 -4.90 -45.94
C LYS B 206 -15.44 -3.55 -46.65
N ALA B 207 -15.51 -2.48 -45.88
CA ALA B 207 -15.63 -1.13 -46.43
C ALA B 207 -14.52 -0.80 -47.43
N TYR B 208 -13.29 -1.12 -47.02
CA TYR B 208 -12.11 -0.90 -47.85
C TYR B 208 -12.19 -1.66 -49.17
N ARG B 209 -12.58 -2.93 -49.10
CA ARG B 209 -12.78 -3.77 -50.29
C ARG B 209 -13.76 -3.14 -51.28
N GLU B 210 -14.87 -2.57 -50.79
CA GLU B 210 -15.90 -1.98 -51.65
C GLU B 210 -15.40 -0.81 -52.47
N LEU B 211 -14.40 -0.10 -51.95
CA LEU B 211 -13.85 1.06 -52.64
C LEU B 211 -12.88 0.69 -53.76
N GLU B 212 -12.40 -0.55 -53.76
CA GLU B 212 -11.45 -1.03 -54.77
C GLU B 212 -10.28 -0.08 -54.98
N GLN B 213 -9.60 0.28 -53.89
CA GLN B 213 -8.41 1.11 -54.00
C GLN B 213 -7.18 0.22 -54.20
N ASP B 214 -6.02 0.83 -54.44
CA ASP B 214 -4.82 0.07 -54.77
C ASP B 214 -4.15 -0.65 -53.60
N GLY B 215 -4.54 -0.34 -52.36
CA GLY B 215 -3.72 -0.74 -51.22
C GLY B 215 -4.00 -2.03 -50.49
N GLN B 216 -3.52 -2.09 -49.26
CA GLN B 216 -3.62 -3.29 -48.45
C GLN B 216 -4.03 -2.85 -47.05
N ILE B 217 -4.80 -3.71 -46.39
CA ILE B 217 -5.28 -3.43 -45.04
C ILE B 217 -5.07 -4.67 -44.18
N GLY B 218 -4.78 -4.43 -42.90
CA GLY B 218 -4.54 -5.52 -41.96
C GLY B 218 -4.72 -4.99 -40.55
N ILE B 219 -4.46 -5.84 -39.57
CA ILE B 219 -4.56 -5.42 -38.18
C ILE B 219 -3.17 -5.61 -37.56
N THR B 220 -2.86 -4.91 -36.48
CA THR B 220 -1.58 -5.09 -35.80
C THR B 220 -1.83 -5.68 -34.41
N LEU B 221 -1.17 -6.79 -34.09
CA LEU B 221 -1.35 -7.46 -32.79
C LEU B 221 -0.06 -7.50 -32.00
N ASN B 222 -0.15 -7.30 -30.69
CA ASN B 222 1.01 -7.51 -29.83
C ASN B 222 1.07 -9.01 -29.58
N LEU B 223 2.26 -9.58 -29.73
CA LEU B 223 2.39 -11.02 -29.60
C LEU B 223 3.68 -11.26 -28.84
N SER B 224 3.63 -12.28 -27.97
CA SER B 224 4.78 -12.53 -27.11
C SER B 224 4.90 -14.03 -26.92
N THR B 225 5.97 -14.59 -27.50
CA THR B 225 6.19 -16.03 -27.45
C THR B 225 6.19 -16.53 -26.00
N CYS B 226 5.45 -17.61 -25.74
CA CYS B 226 5.40 -18.16 -24.38
C CYS B 226 6.21 -19.45 -24.28
N TYR B 227 6.91 -19.62 -23.17
CA TYR B 227 7.74 -20.81 -22.97
C TYR B 227 7.42 -21.36 -21.58
N SER B 228 7.28 -22.68 -21.52
CA SER B 228 7.14 -23.32 -20.22
C SER B 228 8.44 -23.20 -19.40
N ASN B 229 8.25 -22.92 -18.11
CA ASN B 229 9.37 -22.90 -17.18
C ASN B 229 10.06 -24.26 -17.00
N SER B 230 9.36 -25.36 -17.25
CA SER B 230 9.92 -26.70 -17.10
C SER B 230 9.27 -27.69 -18.08
N ALA B 231 9.60 -28.97 -17.91
CA ALA B 231 9.03 -30.06 -18.68
C ALA B 231 7.87 -30.73 -17.96
N ASP B 232 7.47 -30.18 -16.81
CA ASP B 232 6.36 -30.71 -16.06
C ASP B 232 5.10 -30.45 -16.90
N GLU B 233 4.27 -31.47 -17.07
CA GLU B 233 3.07 -31.35 -17.92
C GLU B 233 2.20 -30.16 -17.56
N GLU B 234 2.04 -29.89 -16.26
CA GLU B 234 1.21 -28.74 -15.85
C GLU B 234 1.81 -27.37 -16.18
N ASP B 235 3.14 -27.23 -16.20
CA ASP B 235 3.81 -26.00 -16.65
C ASP B 235 3.64 -25.81 -18.16
N ILE B 236 3.73 -26.89 -18.91
CA ILE B 236 3.56 -26.84 -20.36
C ILE B 236 2.16 -26.37 -20.71
N ALA B 237 1.18 -26.93 -20.01
CA ALA B 237 -0.23 -26.60 -20.22
C ALA B 237 -0.47 -25.14 -19.84
N ALA B 238 0.18 -24.67 -18.78
CA ALA B 238 0.07 -23.26 -18.36
C ALA B 238 0.61 -22.32 -19.44
N ALA B 239 1.77 -22.66 -20.02
CA ALA B 239 2.33 -21.86 -21.11
C ALA B 239 1.36 -21.78 -22.30
N HIS B 240 0.66 -22.88 -22.58
CA HIS B 240 -0.32 -22.95 -23.67
C HIS B 240 -1.55 -22.07 -23.38
N ARG B 241 -1.97 -21.99 -22.11
CA ARG B 241 -3.07 -21.13 -21.74
C ARG B 241 -2.68 -19.66 -21.92
N SER B 242 -1.49 -19.30 -21.47
CA SER B 242 -0.96 -17.95 -21.61
C SER B 242 -0.81 -17.63 -23.10
N ASP B 243 -0.29 -18.58 -23.87
CA ASP B 243 -0.25 -18.42 -25.33
C ASP B 243 -1.65 -18.19 -25.90
N GLY B 244 -2.64 -18.92 -25.37
CA GLY B 244 -4.01 -18.76 -25.82
C GLY B 244 -4.57 -17.35 -25.65
N TRP B 245 -4.26 -16.70 -24.53
CA TRP B 245 -4.75 -15.34 -24.30
C TRP B 245 -3.86 -14.29 -24.99
N ASN B 246 -2.55 -14.36 -24.75
CA ASN B 246 -1.64 -13.36 -25.33
C ASN B 246 -1.62 -13.38 -26.85
N ASN B 247 -1.69 -14.56 -27.45
CA ASN B 247 -1.51 -14.71 -28.90
C ASN B 247 -2.71 -15.24 -29.67
N ARG B 248 -3.19 -16.43 -29.31
CA ARG B 248 -4.21 -17.13 -30.10
C ARG B 248 -5.58 -16.47 -30.15
N TRP B 249 -5.98 -15.81 -29.06
CA TRP B 249 -7.31 -15.18 -29.05
C TRP B 249 -7.53 -14.29 -30.27
N PHE B 250 -6.63 -13.34 -30.50
CA PHE B 250 -6.74 -12.41 -31.62
C PHE B 250 -6.18 -12.96 -32.92
N LEU B 251 -5.15 -13.80 -32.82
CA LEU B 251 -4.63 -14.40 -34.06
C LEU B 251 -5.69 -15.28 -34.71
N ASP B 252 -6.33 -16.17 -33.95
CA ASP B 252 -7.39 -17.00 -34.51
C ASP B 252 -8.52 -16.12 -35.05
N ALA B 253 -8.89 -15.09 -34.30
CA ALA B 253 -10.01 -14.23 -34.74
C ALA B 253 -9.69 -13.53 -36.06
N ALA B 254 -8.56 -12.83 -36.12
CA ALA B 254 -8.19 -12.06 -37.31
C ALA B 254 -7.84 -12.93 -38.51
N LEU B 255 -7.20 -14.07 -38.27
CA LEU B 255 -6.77 -14.94 -39.37
C LEU B 255 -7.70 -16.10 -39.71
N LYS B 256 -8.46 -16.57 -38.73
CA LYS B 256 -9.35 -17.71 -38.97
C LYS B 256 -10.83 -17.39 -38.79
N GLY B 257 -11.14 -16.27 -38.15
CA GLY B 257 -12.53 -15.90 -37.89
C GLY B 257 -13.19 -16.67 -36.76
N THR B 258 -12.40 -17.20 -35.84
CA THR B 258 -12.93 -17.97 -34.72
C THR B 258 -12.10 -17.68 -33.47
N TYR B 259 -12.66 -17.91 -32.29
CA TYR B 259 -11.91 -17.76 -31.06
C TYR B 259 -11.41 -19.16 -30.68
N PRO B 260 -10.24 -19.27 -30.00
CA PRO B 260 -9.78 -20.61 -29.62
C PRO B 260 -10.70 -21.28 -28.59
N GLU B 261 -11.13 -22.49 -28.92
CA GLU B 261 -12.10 -23.22 -28.09
C GLU B 261 -11.60 -23.48 -26.68
N ASP B 262 -10.31 -23.76 -26.51
CA ASP B 262 -9.81 -24.00 -25.17
C ASP B 262 -9.99 -22.78 -24.27
N MET B 263 -9.82 -21.59 -24.86
CA MET B 263 -9.88 -20.34 -24.10
C MET B 263 -11.31 -19.96 -23.78
N ILE B 264 -12.22 -20.14 -24.73
CA ILE B 264 -13.65 -19.96 -24.49
C ILE B 264 -14.12 -20.79 -23.30
N LYS B 265 -13.64 -22.03 -23.23
CA LYS B 265 -14.01 -22.94 -22.15
C LYS B 265 -13.46 -22.43 -20.81
N ILE B 266 -12.19 -22.06 -20.78
CA ILE B 266 -11.58 -21.51 -19.58
C ILE B 266 -12.35 -20.27 -19.11
N PHE B 267 -12.63 -19.35 -20.02
CA PHE B 267 -13.38 -18.14 -19.66
C PHE B 267 -14.81 -18.44 -19.23
N SER B 268 -15.48 -19.37 -19.92
CA SER B 268 -16.85 -19.72 -19.55
C SER B 268 -16.91 -20.39 -18.18
N ASP B 269 -15.97 -21.29 -17.92
CA ASP B 269 -15.94 -22.02 -16.66
C ASP B 269 -15.70 -21.14 -15.45
N THR B 270 -15.03 -20.01 -15.65
CA THR B 270 -14.79 -19.07 -14.56
C THR B 270 -15.80 -17.93 -14.58
N ASN B 271 -16.84 -18.09 -15.38
CA ASN B 271 -17.91 -17.10 -15.48
C ASN B 271 -17.48 -15.69 -15.91
N ILE B 272 -16.39 -15.56 -16.65
CA ILE B 272 -16.02 -14.24 -17.16
C ILE B 272 -16.23 -14.07 -18.66
N MET B 273 -16.71 -15.10 -19.34
CA MET B 273 -17.01 -15.01 -20.76
C MET B 273 -18.32 -14.26 -20.95
N PRO B 274 -18.32 -13.13 -21.69
CA PRO B 274 -19.57 -12.39 -21.87
C PRO B 274 -20.49 -13.11 -22.85
N GLU B 275 -21.79 -12.82 -22.78
CA GLU B 275 -22.67 -13.35 -23.82
C GLU B 275 -22.46 -12.45 -25.04
N LEU B 276 -22.09 -13.08 -26.15
CA LEU B 276 -21.82 -12.37 -27.40
C LEU B 276 -22.89 -12.79 -28.40
N PRO B 277 -23.06 -12.03 -29.50
CA PRO B 277 -24.08 -12.46 -30.46
C PRO B 277 -23.80 -13.87 -30.97
N LYS B 278 -24.83 -14.66 -31.24
CA LYS B 278 -24.66 -16.06 -31.60
C LYS B 278 -23.80 -16.24 -32.85
N GLU B 279 -23.98 -15.33 -33.81
CA GLU B 279 -23.26 -15.37 -35.08
C GLU B 279 -21.74 -15.25 -34.98
N LEU B 280 -21.25 -14.67 -33.89
CA LEU B 280 -19.81 -14.41 -33.70
C LEU B 280 -19.26 -13.75 -34.96
N PHE B 281 -18.22 -14.34 -35.58
CA PHE B 281 -17.68 -13.77 -36.81
C PHE B 281 -18.07 -14.53 -38.07
N THR B 282 -19.04 -15.45 -37.95
CA THR B 282 -19.37 -16.35 -39.04
C THR B 282 -19.89 -15.66 -40.29
N GLU B 283 -20.57 -14.53 -40.12
CA GLU B 283 -21.03 -13.80 -41.30
C GLU B 283 -20.31 -12.51 -41.63
N VAL B 284 -19.34 -12.10 -40.81
CA VAL B 284 -18.59 -10.87 -41.05
C VAL B 284 -17.08 -11.05 -41.31
N PHE B 285 -16.59 -12.27 -41.18
CA PHE B 285 -15.15 -12.50 -41.36
C PHE B 285 -14.66 -11.99 -42.71
N GLU B 286 -13.58 -11.24 -42.68
CA GLU B 286 -12.89 -10.75 -43.88
C GLU B 286 -11.41 -11.05 -43.72
N THR B 287 -10.80 -11.55 -44.78
CA THR B 287 -9.36 -11.81 -44.81
C THR B 287 -8.59 -10.49 -44.89
N SER B 288 -7.54 -10.34 -44.09
CA SER B 288 -6.63 -9.20 -44.17
C SER B 288 -5.57 -9.42 -45.24
N ASP B 289 -5.01 -8.35 -45.80
CA ASP B 289 -3.91 -8.47 -46.76
C ASP B 289 -2.58 -8.79 -46.09
N PHE B 290 -2.45 -8.42 -44.82
CA PHE B 290 -1.23 -8.66 -44.07
C PHE B 290 -1.52 -8.70 -42.57
N LEU B 291 -0.61 -9.29 -41.81
CA LEU B 291 -0.71 -9.23 -40.35
C LEU B 291 0.44 -8.37 -39.83
N GLY B 292 0.13 -7.42 -38.96
CA GLY B 292 1.16 -6.61 -38.33
C GLY B 292 1.51 -7.23 -36.98
N ILE B 293 2.80 -7.38 -36.72
CA ILE B 293 3.26 -7.99 -35.47
C ILE B 293 4.03 -6.98 -34.62
N ASN B 294 3.61 -6.81 -33.36
CA ASN B 294 4.38 -6.01 -32.42
C ASN B 294 5.04 -6.98 -31.44
N TYR B 295 6.36 -7.05 -31.46
CA TYR B 295 7.10 -7.96 -30.59
C TYR B 295 8.15 -7.21 -29.79
N TYR B 296 8.22 -7.47 -28.48
CA TYR B 296 9.22 -6.87 -27.60
C TYR B 296 9.97 -7.89 -26.74
N THR B 297 9.27 -8.94 -26.31
CA THR B 297 9.82 -9.87 -25.34
C THR B 297 9.02 -11.18 -25.31
N ARG B 298 9.51 -12.14 -24.53
CA ARG B 298 8.83 -13.42 -24.33
C ARG B 298 8.17 -13.47 -22.96
N GLN B 299 7.39 -14.52 -22.71
CA GLN B 299 6.83 -14.81 -21.40
C GLN B 299 7.24 -16.23 -21.04
N VAL B 300 7.78 -16.40 -19.85
CA VAL B 300 8.10 -17.72 -19.32
C VAL B 300 7.05 -17.98 -18.24
N VAL B 301 6.43 -19.16 -18.32
CA VAL B 301 5.19 -19.42 -17.59
C VAL B 301 5.32 -20.71 -16.79
N LYS B 302 4.75 -20.70 -15.60
CA LYS B 302 4.53 -21.91 -14.80
C LYS B 302 3.08 -21.98 -14.34
N ASN B 303 2.65 -23.19 -13.99
CA ASN B 303 1.31 -23.42 -13.48
C ASN B 303 1.12 -22.77 -12.12
N ASN B 304 -0.04 -22.15 -11.93
CA ASN B 304 -0.46 -21.67 -10.61
C ASN B 304 -1.98 -21.67 -10.62
N SER B 305 -2.58 -22.64 -9.96
CA SER B 305 -4.03 -22.82 -10.02
C SER B 305 -4.84 -21.67 -9.40
N GLU B 306 -4.17 -20.78 -8.68
CA GLU B 306 -4.82 -19.61 -8.07
C GLU B 306 -4.67 -18.35 -8.90
N ALA B 307 -3.99 -18.42 -10.04
CA ALA B 307 -3.76 -17.26 -10.89
C ALA B 307 -4.75 -17.20 -12.06
N PHE B 308 -4.86 -16.02 -12.65
CA PHE B 308 -5.67 -15.83 -13.85
C PHE B 308 -5.20 -16.82 -14.91
N ILE B 309 -6.14 -17.58 -15.46
CA ILE B 309 -5.93 -18.65 -16.45
C ILE B 309 -4.86 -19.66 -16.04
N GLY B 310 -4.74 -19.88 -14.73
CA GLY B 310 -3.81 -20.81 -14.12
C GLY B 310 -2.35 -20.61 -14.50
N ALA B 311 -1.96 -19.37 -14.77
CA ALA B 311 -0.62 -19.11 -15.31
C ALA B 311 0.08 -17.99 -14.57
N GLU B 312 1.32 -18.27 -14.18
CA GLU B 312 2.12 -17.29 -13.46
C GLU B 312 3.38 -17.03 -14.28
N SER B 313 3.71 -15.77 -14.50
CA SER B 313 4.90 -15.44 -15.27
C SER B 313 6.12 -15.58 -14.36
N VAL B 314 7.25 -15.96 -14.94
CA VAL B 314 8.49 -16.21 -14.18
C VAL B 314 9.55 -15.17 -14.55
N ALA B 315 10.18 -14.57 -13.53
CA ALA B 315 11.22 -13.56 -13.76
C ALA B 315 12.53 -14.27 -14.08
N MET B 316 13.08 -13.95 -15.25
CA MET B 316 14.29 -14.61 -15.73
C MET B 316 15.54 -13.80 -15.39
N ASP B 317 16.61 -14.50 -15.04
CA ASP B 317 17.87 -13.84 -14.74
C ASP B 317 18.62 -13.63 -16.06
N ASN B 318 18.29 -12.54 -16.75
CA ASN B 318 18.90 -12.18 -18.02
C ASN B 318 18.80 -10.66 -18.21
N PRO B 319 19.63 -10.10 -19.10
CA PRO B 319 19.54 -8.65 -19.30
C PRO B 319 18.15 -8.22 -19.76
N LYS B 320 17.72 -7.05 -19.30
CA LYS B 320 16.38 -6.58 -19.57
C LYS B 320 16.44 -5.09 -19.91
N THR B 321 15.35 -4.58 -20.45
CA THR B 321 15.32 -3.17 -20.84
C THR B 321 14.89 -2.35 -19.63
N GLU B 322 14.69 -1.06 -19.82
CA GLU B 322 14.22 -0.17 -18.76
C GLU B 322 12.76 -0.43 -18.40
N MET B 323 12.05 -1.17 -19.25
CA MET B 323 10.70 -1.65 -18.93
C MET B 323 10.70 -2.87 -18.00
N GLY B 324 11.87 -3.43 -17.72
CA GLY B 324 11.98 -4.71 -17.01
C GLY B 324 11.76 -5.90 -17.93
N TRP B 325 11.69 -5.67 -19.23
CA TRP B 325 11.43 -6.75 -20.18
C TRP B 325 12.70 -7.45 -20.61
N GLU B 326 12.67 -8.78 -20.51
CA GLU B 326 13.80 -9.60 -20.93
C GLU B 326 14.08 -9.38 -22.41
N ILE B 327 15.38 -9.25 -22.70
CA ILE B 327 15.85 -9.07 -24.06
C ILE B 327 16.00 -10.48 -24.60
N TYR B 328 15.13 -10.82 -25.55
CA TYR B 328 15.03 -12.21 -26.00
C TYR B 328 14.76 -12.28 -27.51
N PRO B 329 15.77 -11.98 -28.34
CA PRO B 329 15.57 -11.97 -29.80
C PRO B 329 15.14 -13.32 -30.39
N GLN B 330 15.55 -14.44 -29.78
CA GLN B 330 15.17 -15.74 -30.32
C GLN B 330 13.65 -15.90 -30.29
N GLY B 331 12.98 -15.20 -29.38
CA GLY B 331 11.52 -15.17 -29.34
C GLY B 331 10.87 -14.67 -30.62
N LEU B 332 11.54 -13.76 -31.31
CA LEU B 332 11.02 -13.20 -32.57
C LEU B 332 11.14 -14.20 -33.71
N TYR B 333 12.28 -14.88 -33.78
CA TYR B 333 12.44 -15.96 -34.75
C TYR B 333 11.39 -17.04 -34.48
N ASP B 334 11.24 -17.42 -33.21
CA ASP B 334 10.28 -18.45 -32.81
C ASP B 334 8.86 -18.05 -33.18
N LEU B 335 8.51 -16.80 -32.89
CA LEU B 335 7.17 -16.31 -33.21
C LEU B 335 6.91 -16.28 -34.72
N LEU B 336 7.82 -15.70 -35.50
CA LEU B 336 7.67 -15.62 -36.96
C LEU B 336 7.45 -16.97 -37.62
N THR B 337 8.31 -17.92 -37.27
CA THR B 337 8.19 -19.27 -37.80
C THR B 337 6.91 -19.98 -37.35
N ARG B 338 6.51 -19.80 -36.09
CA ARG B 338 5.26 -20.34 -35.57
C ARG B 338 4.04 -19.82 -36.32
N ILE B 339 3.99 -18.51 -36.55
CA ILE B 339 2.89 -17.93 -37.32
C ILE B 339 2.87 -18.49 -38.74
N HIS B 340 4.05 -18.60 -39.35
CA HIS B 340 4.13 -19.15 -40.70
C HIS B 340 3.58 -20.58 -40.73
N ARG B 341 3.98 -21.43 -39.79
CA ARG B 341 3.49 -22.81 -39.77
C ARG B 341 2.02 -22.93 -39.37
N ASP B 342 1.60 -22.19 -38.33
CA ASP B 342 0.27 -22.40 -37.74
C ASP B 342 -0.91 -21.80 -38.50
N TYR B 343 -0.63 -20.80 -39.33
CA TYR B 343 -1.69 -20.08 -40.04
C TYR B 343 -1.34 -20.12 -41.51
N GLY B 344 -2.35 -20.09 -42.37
CA GLY B 344 -2.12 -20.12 -43.82
C GLY B 344 -1.36 -18.88 -44.26
N ASN B 345 -0.74 -18.96 -45.43
CA ASN B 345 0.05 -17.88 -46.01
C ASN B 345 -0.62 -16.52 -45.86
N ILE B 346 0.06 -15.60 -45.17
CA ILE B 346 -0.35 -14.20 -45.13
C ILE B 346 0.95 -13.40 -45.03
N ASP B 347 1.04 -12.29 -45.75
CA ASP B 347 2.19 -11.40 -45.63
C ASP B 347 2.33 -10.92 -44.19
N LEU B 348 3.55 -10.91 -43.68
CA LEU B 348 3.84 -10.43 -42.33
C LEU B 348 4.68 -9.16 -42.35
N TYR B 349 4.40 -8.26 -41.42
CA TYR B 349 5.21 -7.07 -41.18
C TYR B 349 5.42 -7.00 -39.68
N ILE B 350 6.63 -6.71 -39.23
CA ILE B 350 6.84 -6.34 -37.85
C ILE B 350 6.48 -4.86 -37.83
N THR B 351 5.34 -4.52 -37.23
CA THR B 351 4.88 -3.15 -37.15
C THR B 351 5.43 -2.40 -35.94
N GLU B 352 6.01 -3.13 -34.99
CA GLU B 352 6.73 -2.55 -33.87
C GLU B 352 7.71 -3.56 -33.30
N ASN B 353 8.91 -3.07 -33.05
CA ASN B 353 9.92 -3.77 -32.26
C ASN B 353 10.90 -2.70 -31.80
N GLY B 354 11.34 -2.75 -30.55
CA GLY B 354 12.23 -1.73 -30.04
C GLY B 354 12.42 -1.89 -28.55
N ALA B 355 13.06 -0.92 -27.92
CA ALA B 355 13.40 -1.04 -26.51
C ALA B 355 13.58 0.31 -25.83
N ALA B 356 13.26 0.34 -24.54
CA ALA B 356 13.43 1.50 -23.70
C ALA B 356 14.75 1.38 -22.97
N PHE B 357 15.60 2.38 -23.11
CA PHE B 357 16.84 2.46 -22.35
C PHE B 357 17.02 3.91 -21.87
N ASN B 358 17.88 4.10 -20.89
CA ASN B 358 18.14 5.41 -20.28
C ASN B 358 19.11 6.18 -21.18
N ASP B 359 18.56 6.96 -22.11
CA ASP B 359 19.33 7.67 -23.12
C ASP B 359 19.47 9.14 -22.77
N MET B 360 20.67 9.69 -22.96
CA MET B 360 20.87 11.12 -22.70
C MET B 360 21.96 11.66 -23.63
N VAL B 361 21.93 12.97 -23.85
CA VAL B 361 22.95 13.63 -24.66
C VAL B 361 24.27 13.75 -23.89
N ASN B 362 25.38 13.33 -24.50
CA ASN B 362 26.68 13.45 -23.82
C ASN B 362 27.41 14.77 -24.10
N ARG B 363 28.61 14.93 -23.54
CA ARG B 363 29.41 16.15 -23.67
C ARG B 363 29.78 16.51 -25.11
N ASP B 364 29.75 15.51 -25.98
CA ASP B 364 30.04 15.67 -27.40
C ASP B 364 28.79 15.81 -28.25
N GLY B 365 27.65 15.99 -27.60
CA GLY B 365 26.38 16.14 -28.32
C GLY B 365 25.82 14.86 -28.90
N LYS B 366 26.29 13.72 -28.40
CA LYS B 366 25.87 12.42 -28.90
C LYS B 366 24.94 11.68 -27.95
N VAL B 367 24.11 10.81 -28.51
CA VAL B 367 23.32 9.88 -27.70
C VAL B 367 23.79 8.49 -28.10
N GLU B 368 24.72 7.96 -27.32
CA GLU B 368 25.38 6.70 -27.60
C GLU B 368 24.61 5.51 -27.02
N ASP B 369 23.49 5.19 -27.65
CA ASP B 369 22.58 4.17 -27.15
C ASP B 369 22.96 2.76 -27.63
N GLU B 370 24.12 2.31 -27.17
CA GLU B 370 24.62 1.01 -27.58
C GLU B 370 23.70 -0.14 -27.17
N ASN B 371 23.00 -0.05 -26.04
CA ASN B 371 22.09 -1.13 -25.67
C ASN B 371 20.97 -1.28 -26.69
N ARG B 372 20.44 -0.16 -27.19
CA ARG B 372 19.42 -0.21 -28.23
C ARG B 372 19.99 -0.75 -29.54
N LEU B 373 21.17 -0.27 -29.92
CA LEU B 373 21.79 -0.77 -31.15
C LEU B 373 21.93 -2.29 -31.10
N ASP B 374 22.42 -2.82 -29.99
CA ASP B 374 22.67 -4.26 -29.86
C ASP B 374 21.35 -5.02 -29.86
N TYR B 375 20.35 -4.46 -29.20
CA TYR B 375 19.01 -5.04 -29.17
C TYR B 375 18.50 -5.09 -30.61
N LEU B 376 18.63 -3.99 -31.35
CA LEU B 376 18.14 -3.98 -32.73
C LEU B 376 18.93 -4.95 -33.60
N TYR B 377 20.25 -4.95 -33.45
CA TYR B 377 21.04 -5.89 -34.25
C TYR B 377 20.48 -7.31 -34.12
N THR B 378 20.29 -7.78 -32.89
CA THR B 378 19.91 -9.17 -32.67
C THR B 378 18.49 -9.48 -33.12
N HIS B 379 17.58 -8.51 -32.98
CA HIS B 379 16.22 -8.71 -33.47
C HIS B 379 16.13 -8.67 -34.99
N PHE B 380 16.87 -7.75 -35.62
CA PHE B 380 16.95 -7.80 -37.09
C PHE B 380 17.60 -9.10 -37.57
N ALA B 381 18.62 -9.57 -36.87
CA ALA B 381 19.28 -10.82 -37.25
C ALA B 381 18.28 -11.99 -37.18
N ALA B 382 17.40 -11.98 -36.17
CA ALA B 382 16.41 -13.04 -35.99
C ALA B 382 15.37 -13.01 -37.10
N ALA B 383 15.01 -11.79 -37.50
CA ALA B 383 14.02 -11.59 -38.55
C ALA B 383 14.61 -12.03 -39.88
N LEU B 384 15.87 -11.72 -40.10
CA LEU B 384 16.56 -12.12 -41.33
C LEU B 384 16.65 -13.65 -41.42
N SER B 385 16.97 -14.30 -40.30
CA SER B 385 17.00 -15.75 -40.22
C SER B 385 15.63 -16.34 -40.53
N ALA B 386 14.55 -15.70 -40.05
CA ALA B 386 13.20 -16.15 -40.38
C ALA B 386 12.89 -16.09 -41.87
N ILE B 387 13.30 -14.99 -42.51
CA ILE B 387 13.15 -14.84 -43.96
C ILE B 387 13.90 -15.99 -44.64
N GLU B 388 15.12 -16.27 -44.19
CA GLU B 388 15.92 -17.35 -44.78
C GLU B 388 15.20 -18.69 -44.64
N ALA B 389 14.41 -18.83 -43.58
CA ALA B 389 13.64 -20.04 -43.32
C ALA B 389 12.31 -20.07 -44.06
N GLY B 390 12.06 -19.06 -44.91
CA GLY B 390 10.87 -19.03 -45.75
C GLY B 390 9.69 -18.23 -45.23
N VAL B 391 9.84 -17.56 -44.10
CA VAL B 391 8.74 -16.73 -43.60
C VAL B 391 8.55 -15.51 -44.49
N PRO B 392 7.30 -15.22 -44.89
CA PRO B 392 7.09 -14.08 -45.78
C PRO B 392 7.01 -12.75 -45.02
N LEU B 393 8.11 -12.39 -44.37
CA LEU B 393 8.24 -11.14 -43.60
C LEU B 393 8.59 -10.08 -44.65
N LYS B 394 7.73 -9.09 -44.83
CA LYS B 394 7.87 -8.11 -45.90
C LYS B 394 8.43 -6.75 -45.47
N GLY B 395 8.43 -6.49 -44.16
CA GLY B 395 8.86 -5.20 -43.66
C GLY B 395 9.00 -5.21 -42.15
N TYR B 396 9.61 -4.17 -41.61
CA TYR B 396 9.97 -4.06 -40.21
C TYR B 396 10.01 -2.58 -39.84
N TYR B 397 9.22 -2.21 -38.84
CA TYR B 397 9.11 -0.85 -38.32
C TYR B 397 9.61 -0.81 -36.89
N ILE B 398 10.61 0.02 -36.63
CA ILE B 398 11.17 0.18 -35.28
C ILE B 398 10.22 1.07 -34.49
N TRP B 399 9.86 0.60 -33.30
CA TRP B 399 9.18 1.44 -32.31
C TRP B 399 10.30 1.98 -31.41
N SER B 400 10.54 3.29 -31.36
CA SER B 400 9.77 4.32 -32.05
C SER B 400 10.72 5.26 -32.79
N PHE B 401 10.17 6.01 -33.73
CA PHE B 401 10.92 7.08 -34.39
C PHE B 401 11.60 7.98 -33.36
N MET B 402 10.84 8.46 -32.38
CA MET B 402 11.38 9.36 -31.37
C MET B 402 10.87 8.99 -29.98
N ASP B 403 11.62 9.40 -28.95
CA ASP B 403 11.17 9.22 -27.58
C ASP B 403 9.80 9.87 -27.50
N ASN B 404 8.88 9.32 -26.72
CA ASN B 404 7.52 9.85 -26.67
C ASN B 404 6.80 9.49 -25.38
N PHE B 405 5.52 9.86 -25.29
CA PHE B 405 4.69 9.54 -24.12
C PHE B 405 4.38 8.04 -24.04
N GLU B 406 5.03 7.32 -23.14
CA GLU B 406 4.85 5.87 -23.04
C GLU B 406 3.66 5.52 -22.14
N TRP B 407 2.49 6.03 -22.53
CA TRP B 407 1.22 5.72 -21.88
C TRP B 407 1.27 5.86 -20.36
N ALA B 408 0.91 4.83 -19.59
CA ALA B 408 0.87 4.99 -18.13
C ALA B 408 2.26 5.17 -17.50
N GLU B 409 3.31 4.88 -18.26
CA GLU B 409 4.68 5.14 -17.78
C GLU B 409 5.14 6.59 -18.00
N GLY B 410 4.35 7.37 -18.73
CA GLY B 410 4.71 8.75 -19.00
C GLY B 410 5.98 8.87 -19.83
N TYR B 411 6.74 9.94 -19.61
CA TYR B 411 7.91 10.22 -20.45
C TYR B 411 9.16 9.49 -20.01
N GLU B 412 9.08 8.80 -18.87
CA GLU B 412 10.26 8.19 -18.28
C GLU B 412 10.87 7.04 -19.08
N LYS B 413 10.14 6.49 -20.03
CA LYS B 413 10.65 5.36 -20.80
C LYS B 413 10.86 5.83 -22.23
N ARG B 414 12.12 5.83 -22.66
CA ARG B 414 12.51 6.36 -23.96
C ARG B 414 12.72 5.21 -24.95
N PHE B 415 11.88 5.14 -25.99
CA PHE B 415 11.98 4.11 -27.01
C PHE B 415 12.52 4.60 -28.34
N GLY B 416 12.87 5.88 -28.46
CA GLY B 416 13.18 6.44 -29.79
C GLY B 416 14.52 6.03 -30.38
N ILE B 417 14.64 6.09 -31.70
CA ILE B 417 15.97 6.08 -32.31
C ILE B 417 16.41 7.56 -32.45
N VAL B 418 15.53 8.47 -32.05
CA VAL B 418 15.79 9.91 -32.00
C VAL B 418 15.42 10.40 -30.59
N HIS B 419 16.37 11.06 -29.92
CA HIS B 419 16.16 11.58 -28.56
C HIS B 419 15.36 12.88 -28.60
N VAL B 420 14.38 13.02 -27.71
CA VAL B 420 13.63 14.27 -27.61
C VAL B 420 13.86 14.92 -26.24
N ASN B 421 14.24 16.19 -26.28
CA ASN B 421 14.35 16.99 -25.07
C ASN B 421 12.94 17.55 -24.87
N TYR B 422 12.24 17.14 -23.82
CA TYR B 422 10.86 17.62 -23.61
C TYR B 422 10.70 19.08 -23.21
N LYS B 423 11.79 19.74 -22.82
CA LYS B 423 11.72 21.15 -22.45
C LYS B 423 11.91 22.00 -23.70
N THR B 424 12.90 21.66 -24.52
CA THR B 424 13.23 22.51 -25.67
C THR B 424 12.70 21.97 -26.99
N GLN B 425 12.24 20.71 -26.96
CA GLN B 425 11.79 19.99 -28.14
C GLN B 425 12.92 19.69 -29.13
N GLU B 426 14.17 19.92 -28.74
CA GLU B 426 15.29 19.49 -29.57
C GLU B 426 15.24 17.99 -29.87
N ARG B 427 15.48 17.64 -31.14
CA ARG B 427 15.65 16.25 -31.55
C ARG B 427 17.15 15.97 -31.70
N THR B 428 17.59 14.82 -31.24
CA THR B 428 19.00 14.45 -31.40
C THR B 428 19.02 13.00 -31.89
N ILE B 429 19.49 12.79 -33.11
CA ILE B 429 19.61 11.45 -33.67
C ILE B 429 20.51 10.59 -32.77
N LYS B 430 20.04 9.40 -32.41
CA LYS B 430 20.85 8.50 -31.58
C LYS B 430 21.75 7.64 -32.45
N LYS B 431 22.75 7.03 -31.81
CA LYS B 431 23.66 6.08 -32.47
C LYS B 431 22.93 4.95 -33.21
N SER B 432 21.86 4.40 -32.63
CA SER B 432 21.08 3.34 -33.26
C SER B 432 20.41 3.77 -34.58
N ALA B 433 20.05 5.06 -34.69
CA ALA B 433 19.44 5.55 -35.91
C ALA B 433 20.46 5.61 -37.05
N TYR B 434 21.70 5.96 -36.73
CA TYR B 434 22.76 5.96 -37.75
C TYR B 434 23.09 4.54 -38.20
N TRP B 435 23.09 3.62 -37.23
CA TRP B 435 23.19 2.19 -37.55
C TRP B 435 22.06 1.74 -38.48
N TYR B 436 20.84 2.16 -38.19
CA TYR B 436 19.69 1.81 -39.03
C TYR B 436 19.85 2.37 -40.44
N LYS B 437 20.31 3.62 -40.53
CA LYS B 437 20.58 4.27 -41.82
C LYS B 437 21.50 3.41 -42.68
N GLU B 438 22.56 2.89 -42.08
CA GLU B 438 23.51 2.05 -42.80
C GLU B 438 22.86 0.73 -43.21
N LEU B 439 22.05 0.15 -42.32
CA LEU B 439 21.31 -1.07 -42.63
C LEU B 439 20.42 -0.89 -43.88
N ILE B 440 19.64 0.18 -43.87
CA ILE B 440 18.75 0.50 -44.99
C ILE B 440 19.53 0.68 -46.29
N GLU B 441 20.58 1.49 -46.23
CA GLU B 441 21.43 1.81 -47.39
C GLU B 441 22.06 0.54 -47.95
N ARG B 442 22.55 -0.32 -47.08
CA ARG B 442 23.24 -1.56 -47.47
C ARG B 442 22.27 -2.53 -48.15
N SER B 443 21.02 -2.53 -47.69
CA SER B 443 20.00 -3.42 -48.21
C SER B 443 19.43 -2.90 -49.53
N ASN B 444 19.63 -1.62 -49.80
CA ASN B 444 19.19 -0.96 -51.02
C ASN B 444 20.36 -0.72 -51.98
N LEU C 4 -24.85 -19.04 37.75
CA LEU C 4 -23.48 -19.61 37.92
C LEU C 4 -23.03 -19.43 39.35
N ARG C 5 -22.32 -20.42 39.88
CA ARG C 5 -21.86 -20.39 41.26
C ARG C 5 -20.55 -21.17 41.33
N PHE C 6 -19.49 -20.48 41.73
CA PHE C 6 -18.17 -21.08 41.87
C PHE C 6 -17.91 -21.43 43.32
N PRO C 7 -16.97 -22.35 43.58
CA PRO C 7 -16.58 -22.70 44.95
C PRO C 7 -16.20 -21.47 45.78
N LYS C 8 -16.50 -21.54 47.08
CA LYS C 8 -16.29 -20.43 48.00
C LYS C 8 -14.86 -19.87 48.05
N ASP C 9 -13.88 -20.75 47.82
CA ASP C 9 -12.48 -20.38 47.82
C ASP C 9 -11.99 -19.83 46.48
N PHE C 10 -12.86 -19.81 45.48
CA PHE C 10 -12.46 -19.35 44.15
C PHE C 10 -12.12 -17.85 44.17
N ILE C 11 -11.01 -17.50 43.53
CA ILE C 11 -10.54 -16.12 43.48
C ILE C 11 -11.14 -15.36 42.30
N PHE C 12 -11.91 -14.31 42.58
CA PHE C 12 -12.44 -13.46 41.53
C PHE C 12 -11.68 -12.14 41.50
N GLY C 13 -11.06 -11.84 40.35
CA GLY C 13 -10.34 -10.59 40.23
C GLY C 13 -10.56 -9.82 38.96
N THR C 14 -9.76 -8.78 38.83
CA THR C 14 -9.71 -7.95 37.63
C THR C 14 -8.27 -7.48 37.44
N ALA C 15 -7.91 -7.09 36.21
CA ALA C 15 -6.52 -6.84 35.84
C ALA C 15 -6.33 -5.58 35.01
N THR C 16 -5.18 -4.95 35.24
CA THR C 16 -4.72 -3.79 34.48
C THR C 16 -3.22 -3.96 34.25
N ALA C 17 -2.61 -3.01 33.54
CA ALA C 17 -1.16 -3.00 33.33
C ALA C 17 -0.77 -1.53 33.44
N ALA C 18 0.42 -1.26 33.97
CA ALA C 18 0.87 0.10 34.25
C ALA C 18 0.81 1.10 33.08
N TYR C 19 1.42 0.75 31.95
CA TYR C 19 1.45 1.68 30.82
C TYR C 19 0.03 1.98 30.32
N GLN C 20 -0.85 0.99 30.47
CA GLN C 20 -2.19 1.11 29.92
C GLN C 20 -3.09 2.04 30.71
N ILE C 21 -2.80 2.23 31.99
CA ILE C 21 -3.69 3.05 32.82
C ILE C 21 -3.04 4.20 33.58
N GLU C 22 -1.74 4.14 33.88
CA GLU C 22 -1.20 5.07 34.88
C GLU C 22 -1.08 6.52 34.46
N GLY C 23 -0.66 6.77 33.23
CA GLY C 23 -0.29 8.13 32.83
C GLY C 23 0.95 8.55 33.60
N ALA C 24 1.04 9.82 33.95
CA ALA C 24 2.20 10.43 34.62
C ALA C 24 3.51 9.87 34.08
N TYR C 25 3.62 9.84 32.75
CA TYR C 25 4.74 9.19 32.08
C TYR C 25 6.12 9.80 32.33
N LYS C 26 6.18 11.07 32.74
CA LYS C 26 7.46 11.76 33.06
C LYS C 26 7.58 12.24 34.50
N GLU C 27 6.55 11.98 35.32
CA GLU C 27 6.52 12.49 36.69
C GLU C 27 7.46 11.75 37.62
N ASP C 28 7.84 12.44 38.70
CA ASP C 28 8.64 11.85 39.78
C ASP C 28 9.88 11.13 39.28
N GLU C 29 10.51 11.71 38.26
CA GLU C 29 11.75 11.22 37.68
C GLU C 29 11.67 9.82 37.06
N LYS C 30 10.48 9.38 36.66
CA LYS C 30 10.32 8.11 35.94
C LYS C 30 11.13 8.13 34.65
N GLY C 31 11.79 7.02 34.34
CA GLY C 31 12.56 6.93 33.10
C GLY C 31 11.65 6.64 31.93
N GLU C 32 12.14 6.93 30.73
CA GLU C 32 11.42 6.62 29.49
C GLU C 32 11.37 5.11 29.29
N SER C 33 10.20 4.57 28.93
CA SER C 33 10.09 3.16 28.58
C SER C 33 10.07 2.99 27.06
N ILE C 34 10.19 1.74 26.58
CA ILE C 34 10.12 1.48 25.14
C ILE C 34 8.74 1.86 24.59
N TRP C 35 7.72 1.88 25.46
CA TRP C 35 6.38 2.26 25.03
C TRP C 35 6.19 3.77 24.94
N ASP C 36 6.84 4.51 25.83
CA ASP C 36 6.92 5.96 25.72
C ASP C 36 7.56 6.31 24.39
N ARG C 37 8.63 5.59 24.03
CA ARG C 37 9.34 5.85 22.79
C ARG C 37 8.47 5.51 21.59
N PHE C 38 7.92 4.31 21.62
CA PHE C 38 7.20 3.74 20.48
C PHE C 38 5.98 4.59 20.15
N SER C 39 5.22 4.98 21.18
CA SER C 39 4.00 5.75 20.99
C SER C 39 4.22 7.22 20.67
N HIS C 40 5.43 7.72 20.85
CA HIS C 40 5.75 9.10 20.50
C HIS C 40 6.24 9.21 19.06
N ILE C 41 6.30 8.11 18.34
CA ILE C 41 6.72 8.07 16.94
C ILE C 41 5.52 7.81 16.03
N PRO C 42 5.20 8.75 15.13
CA PRO C 42 4.05 8.57 14.23
C PRO C 42 4.13 7.27 13.43
N GLY C 43 2.99 6.63 13.22
CA GLY C 43 2.93 5.39 12.45
C GLY C 43 2.86 4.09 13.24
N ASN C 44 3.07 4.18 14.55
CA ASN C 44 3.13 2.99 15.41
C ASN C 44 1.83 2.67 16.14
N VAL C 45 1.09 3.71 16.52
CA VAL C 45 -0.12 3.51 17.29
C VAL C 45 -1.28 4.23 16.59
N ALA C 46 -2.44 3.58 16.54
CA ALA C 46 -3.66 4.13 15.95
C ALA C 46 -3.98 5.50 16.51
N LYS C 47 -4.35 6.40 15.59
CA LYS C 47 -4.73 7.76 15.90
C LYS C 47 -3.64 8.56 16.63
N MET C 48 -2.39 8.10 16.61
CA MET C 48 -1.30 8.75 17.32
C MET C 48 -1.51 8.75 18.84
N HIS C 49 -2.28 7.79 19.34
CA HIS C 49 -2.55 7.75 20.77
C HIS C 49 -1.29 7.36 21.55
N ASN C 50 -1.25 7.75 22.83
CA ASN C 50 -0.08 7.38 23.64
C ASN C 50 -0.51 7.21 25.09
N GLY C 51 0.38 6.65 25.90
CA GLY C 51 0.13 6.45 27.33
C GLY C 51 0.51 7.60 28.23
N ASP C 52 0.67 8.79 27.68
CA ASP C 52 1.14 9.94 28.48
C ASP C 52 0.25 10.22 29.67
N ILE C 53 -1.06 10.16 29.45
CA ILE C 53 -2.07 10.42 30.48
C ILE C 53 -2.94 9.18 30.77
N ALA C 54 -3.36 8.47 29.72
CA ALA C 54 -4.17 7.26 29.85
C ALA C 54 -5.32 7.54 30.81
N CYS C 55 -5.49 6.67 31.81
CA CYS C 55 -6.55 6.82 32.80
C CYS C 55 -6.15 7.66 34.01
N ASP C 56 -4.96 8.27 33.98
CA ASP C 56 -4.48 9.11 35.09
C ASP C 56 -4.57 8.38 36.43
N HIS C 57 -4.39 7.06 36.40
CA HIS C 57 -4.49 6.23 37.60
C HIS C 57 -3.37 6.55 38.59
N TYR C 58 -2.23 7.04 38.10
CA TYR C 58 -1.18 7.47 39.01
C TYR C 58 -1.72 8.49 40.01
N HIS C 59 -2.63 9.37 39.60
CA HIS C 59 -3.18 10.35 40.51
C HIS C 59 -4.55 9.97 41.08
N ARG C 60 -5.26 9.11 40.38
CA ARG C 60 -6.62 8.76 40.74
C ARG C 60 -6.75 7.39 41.43
N TYR C 61 -5.64 6.79 41.87
CA TYR C 61 -5.72 5.42 42.39
C TYR C 61 -6.67 5.21 43.57
N LYS C 62 -6.80 6.21 44.45
CA LYS C 62 -7.65 6.04 45.63
C LYS C 62 -9.12 5.85 45.25
N GLU C 63 -9.60 6.67 44.31
CA GLU C 63 -10.96 6.55 43.78
C GLU C 63 -11.12 5.19 43.10
N ASP C 64 -10.11 4.79 42.33
CA ASP C 64 -10.14 3.50 41.65
C ASP C 64 -10.19 2.33 42.61
N VAL C 65 -9.48 2.44 43.73
CA VAL C 65 -9.54 1.39 44.74
C VAL C 65 -10.95 1.30 45.33
N GLN C 66 -11.57 2.45 45.55
CA GLN C 66 -12.95 2.46 46.05
C GLN C 66 -13.94 1.80 45.11
N LEU C 67 -13.76 1.97 43.80
CA LEU C 67 -14.56 1.24 42.83
C LEU C 67 -14.40 -0.27 42.93
N LEU C 68 -13.16 -0.74 43.09
CA LEU C 68 -12.91 -2.16 43.30
C LEU C 68 -13.72 -2.68 44.49
N LYS C 69 -13.60 -1.98 45.61
CA LYS C 69 -14.33 -2.32 46.83
C LYS C 69 -15.85 -2.28 46.63
N SER C 70 -16.33 -1.27 45.90
CA SER C 70 -17.75 -1.14 45.59
C SER C 70 -18.31 -2.32 44.79
N LEU C 71 -17.45 -3.00 44.03
CA LEU C 71 -17.85 -4.14 43.23
C LEU C 71 -17.64 -5.46 43.95
N GLY C 72 -17.13 -5.40 45.19
CA GLY C 72 -16.83 -6.59 45.96
C GLY C 72 -15.70 -7.40 45.35
N ILE C 73 -14.85 -6.76 44.56
CA ILE C 73 -13.70 -7.43 43.96
C ILE C 73 -12.65 -7.58 45.05
N LYS C 74 -12.19 -8.80 45.30
CA LYS C 74 -11.22 -9.01 46.38
C LYS C 74 -9.80 -9.37 45.95
N SER C 75 -9.58 -9.41 44.64
CA SER C 75 -8.23 -9.61 44.12
C SER C 75 -8.06 -8.68 42.92
N TYR C 76 -6.90 -8.03 42.89
CA TYR C 76 -6.59 -7.07 41.83
C TYR C 76 -5.19 -7.31 41.29
N ARG C 77 -5.12 -7.59 40.00
CA ARG C 77 -3.85 -7.82 39.32
C ARG C 77 -3.39 -6.54 38.64
N PHE C 78 -2.18 -6.09 38.94
CA PHE C 78 -1.66 -4.89 38.29
C PHE C 78 -0.18 -5.11 38.04
N SER C 79 0.40 -4.24 37.21
CA SER C 79 1.83 -4.31 36.95
C SER C 79 2.57 -3.14 37.57
N ILE C 80 3.85 -3.36 37.88
CA ILE C 80 4.74 -2.31 38.34
C ILE C 80 5.61 -1.88 37.15
N ALA C 81 5.67 -0.58 36.92
CA ALA C 81 6.47 0.00 35.84
C ALA C 81 7.95 0.06 36.23
N TRP C 82 8.74 -0.82 35.66
CA TRP C 82 10.18 -0.88 35.94
C TRP C 82 10.86 0.51 35.88
N PRO C 83 10.57 1.34 34.84
CA PRO C 83 11.25 2.64 34.76
C PRO C 83 10.88 3.63 35.87
N ARG C 84 9.80 3.39 36.61
CA ARG C 84 9.52 4.21 37.79
C ARG C 84 10.47 3.90 38.95
N ILE C 85 11.02 2.68 38.95
CA ILE C 85 11.89 2.21 40.04
C ILE C 85 13.35 2.36 39.66
N PHE C 86 13.71 1.89 38.47
CA PHE C 86 15.04 2.12 37.91
C PHE C 86 14.85 2.90 36.61
N PRO C 87 14.98 4.24 36.66
CA PRO C 87 14.77 5.02 35.44
C PRO C 87 15.74 4.69 34.32
N LYS C 88 16.90 4.16 34.67
CA LYS C 88 17.88 3.76 33.67
C LYS C 88 17.97 2.24 33.56
N GLY C 89 17.04 1.53 34.18
CA GLY C 89 17.02 0.07 34.14
C GLY C 89 17.78 -0.61 35.26
N PHE C 90 18.83 0.07 35.74
CA PHE C 90 19.67 -0.42 36.82
C PHE C 90 20.34 0.78 37.46
N GLY C 91 21.04 0.56 38.58
CA GLY C 91 21.72 1.65 39.28
C GLY C 91 20.89 2.30 40.37
N GLU C 92 20.80 3.62 40.32
CA GLU C 92 20.03 4.43 41.26
C GLU C 92 18.58 3.99 41.40
N ILE C 93 18.16 3.63 42.63
CA ILE C 93 16.76 3.30 42.90
C ILE C 93 15.97 4.60 43.02
N ASN C 94 14.81 4.68 42.39
CA ASN C 94 13.98 5.87 42.52
C ASN C 94 12.97 5.70 43.65
N GLN C 95 13.20 6.33 44.80
CA GLN C 95 12.32 6.13 45.95
C GLN C 95 10.88 6.59 45.73
N LYS C 96 10.69 7.59 44.87
CA LYS C 96 9.34 8.05 44.59
C LYS C 96 8.50 6.98 43.90
N GLY C 97 9.16 6.17 43.07
CA GLY C 97 8.48 5.09 42.35
C GLY C 97 8.13 4.00 43.33
N ILE C 98 9.06 3.67 44.22
CA ILE C 98 8.77 2.70 45.27
C ILE C 98 7.61 3.20 46.13
N GLN C 99 7.66 4.48 46.50
CA GLN C 99 6.60 5.05 47.35
C GLN C 99 5.22 4.98 46.68
N PHE C 100 5.17 5.16 45.37
CA PHE C 100 3.87 5.09 44.70
C PHE C 100 3.24 3.71 44.85
N TYR C 101 4.01 2.66 44.57
CA TYR C 101 3.46 1.32 44.68
C TYR C 101 3.20 0.90 46.12
N ARG C 102 3.99 1.41 47.04
CA ARG C 102 3.78 1.16 48.46
C ARG C 102 2.41 1.70 48.85
N ASP C 103 2.13 2.92 48.40
CA ASP C 103 0.85 3.58 48.66
C ASP C 103 -0.32 2.86 48.01
N LEU C 104 -0.14 2.37 46.78
CA LEU C 104 -1.20 1.62 46.11
C LEU C 104 -1.49 0.30 46.84
N ILE C 105 -0.45 -0.46 47.15
CA ILE C 105 -0.60 -1.75 47.82
C ILE C 105 -1.29 -1.54 49.16
N ASP C 106 -0.84 -0.54 49.91
CA ASP C 106 -1.46 -0.24 51.20
C ASP C 106 -2.93 0.16 51.03
N GLU C 107 -3.24 0.91 49.99
CA GLU C 107 -4.62 1.32 49.75
C GLU C 107 -5.51 0.11 49.44
N LEU C 108 -4.99 -0.85 48.66
CA LEU C 108 -5.70 -2.08 48.32
C LEU C 108 -5.95 -2.92 49.57
N ILE C 109 -4.88 -3.19 50.31
CA ILE C 109 -5.03 -4.00 51.51
C ILE C 109 -5.97 -3.39 52.54
N LYS C 110 -5.90 -2.06 52.73
CA LYS C 110 -6.77 -1.34 53.66
C LYS C 110 -8.24 -1.54 53.27
N ASN C 111 -8.47 -1.73 51.98
CA ASN C 111 -9.82 -1.91 51.44
C ASN C 111 -10.16 -3.35 51.07
N ASP C 112 -9.45 -4.29 51.69
CA ASP C 112 -9.72 -5.71 51.62
C ASP C 112 -9.48 -6.35 50.27
N ILE C 113 -8.50 -5.82 49.53
CA ILE C 113 -8.23 -6.33 48.19
C ILE C 113 -6.83 -6.94 48.20
N GLU C 114 -6.71 -8.17 47.72
CA GLU C 114 -5.41 -8.86 47.64
C GLU C 114 -4.71 -8.49 46.34
N PRO C 115 -3.53 -7.88 46.45
CA PRO C 115 -2.76 -7.52 45.28
C PRO C 115 -2.07 -8.74 44.66
N ALA C 116 -2.05 -8.77 43.33
CA ALA C 116 -1.26 -9.75 42.58
C ALA C 116 -0.46 -8.86 41.64
N ILE C 117 0.86 -9.01 41.65
CA ILE C 117 1.72 -8.12 40.88
C ILE C 117 2.39 -8.78 39.69
N THR C 118 2.18 -8.19 38.51
CA THR C 118 2.95 -8.56 37.32
C THR C 118 4.23 -7.72 37.35
N ILE C 119 5.38 -8.38 37.42
CA ILE C 119 6.68 -7.72 37.51
C ILE C 119 7.04 -7.01 36.21
N TYR C 120 6.79 -7.67 35.08
CA TYR C 120 7.06 -7.10 33.77
C TYR C 120 5.84 -7.21 32.86
N HIS C 121 5.30 -6.05 32.48
CA HIS C 121 4.18 -5.99 31.55
C HIS C 121 4.53 -5.00 30.42
N TRP C 122 5.67 -5.30 29.78
CA TRP C 122 6.12 -4.73 28.50
C TRP C 122 6.80 -3.37 28.47
N ASP C 123 6.95 -2.73 29.63
CA ASP C 123 7.50 -1.39 29.70
C ASP C 123 8.97 -1.37 30.07
N LEU C 124 9.78 -2.06 29.27
CA LEU C 124 11.22 -2.09 29.48
C LEU C 124 11.76 -0.66 29.47
N PRO C 125 12.64 -0.31 30.41
CA PRO C 125 13.28 1.01 30.32
C PRO C 125 13.93 1.19 28.96
N GLN C 126 13.74 2.34 28.32
CA GLN C 126 14.37 2.58 27.01
C GLN C 126 15.90 2.47 27.07
N LYS C 127 16.48 2.88 28.18
CA LYS C 127 17.94 2.77 28.34
C LYS C 127 18.44 1.33 28.24
N LEU C 128 17.57 0.37 28.57
CA LEU C 128 17.91 -1.04 28.39
C LEU C 128 17.72 -1.47 26.94
N GLN C 129 16.76 -0.90 26.20
CA GLN C 129 16.69 -1.18 24.77
C GLN C 129 17.92 -0.66 24.01
N ASP C 130 18.50 0.43 24.51
CA ASP C 130 19.69 1.02 23.91
C ASP C 130 20.85 0.04 24.03
N ILE C 131 20.75 -0.92 24.95
CA ILE C 131 21.74 -1.98 25.06
C ILE C 131 21.21 -3.33 24.55
N GLY C 132 20.25 -3.26 23.64
CA GLY C 132 19.71 -4.42 22.93
C GLY C 132 18.45 -5.04 23.51
N GLY C 133 17.97 -4.50 24.62
CA GLY C 133 16.75 -5.02 25.23
C GLY C 133 16.82 -6.50 25.49
N TRP C 134 15.73 -7.21 25.21
CA TRP C 134 15.67 -8.64 25.50
C TRP C 134 16.62 -9.53 24.70
N ALA C 135 17.25 -8.99 23.66
CA ALA C 135 18.28 -9.73 22.92
C ALA C 135 19.58 -9.88 23.72
N ASN C 136 19.74 -9.09 24.78
CA ASN C 136 20.97 -9.04 25.58
C ASN C 136 20.76 -9.72 26.94
N PRO C 137 21.49 -10.82 27.22
CA PRO C 137 21.40 -11.57 28.48
C PRO C 137 21.58 -10.70 29.72
N GLN C 138 22.33 -9.62 29.61
CA GLN C 138 22.54 -8.70 30.75
C GLN C 138 21.22 -8.07 31.17
N VAL C 139 20.32 -7.87 30.21
CA VAL C 139 19.01 -7.31 30.50
C VAL C 139 18.20 -8.29 31.34
N ALA C 140 18.33 -9.58 31.04
CA ALA C 140 17.71 -10.60 31.88
C ALA C 140 18.24 -10.52 33.32
N ASP C 141 19.55 -10.34 33.50
CA ASP C 141 20.10 -10.15 34.84
C ASP C 141 19.59 -8.89 35.55
N TYR C 142 19.47 -7.78 34.83
CA TYR C 142 18.94 -6.55 35.43
C TYR C 142 17.48 -6.70 35.82
N TYR C 143 16.74 -7.48 35.02
CA TYR C 143 15.36 -7.81 35.37
C TYR C 143 15.30 -8.55 36.71
N VAL C 144 16.19 -9.52 36.91
CA VAL C 144 16.25 -10.27 38.16
C VAL C 144 16.56 -9.37 39.36
N ASP C 145 17.52 -8.45 39.20
CA ASP C 145 17.80 -7.47 40.26
C ASP C 145 16.56 -6.66 40.59
N TYR C 146 15.83 -6.25 39.56
CA TYR C 146 14.60 -5.50 39.71
C TYR C 146 13.53 -6.32 40.41
N ALA C 147 13.34 -7.58 40.01
CA ALA C 147 12.38 -8.46 40.66
C ALA C 147 12.75 -8.66 42.13
N ASN C 148 14.04 -8.90 42.39
CA ASN C 148 14.53 -8.99 43.76
C ASN C 148 14.22 -7.77 44.62
N LEU C 149 14.30 -6.58 44.04
CA LEU C 149 13.95 -5.35 44.77
C LEU C 149 12.46 -5.40 45.15
N LEU C 150 11.63 -5.80 44.21
CA LEU C 150 10.19 -5.90 44.47
C LEU C 150 9.86 -6.89 45.59
N PHE C 151 10.53 -8.03 45.59
CA PHE C 151 10.27 -9.03 46.63
C PHE C 151 10.68 -8.46 47.98
N ARG C 152 11.83 -7.78 48.01
CA ARG C 152 12.35 -7.19 49.24
C ARG C 152 11.44 -6.07 49.76
N GLU C 153 10.99 -5.19 48.87
CA GLU C 153 10.13 -4.08 49.28
C GLU C 153 8.69 -4.45 49.62
N PHE C 154 8.10 -5.38 48.87
CA PHE C 154 6.67 -5.67 48.94
C PHE C 154 6.28 -7.10 49.29
N GLY C 155 7.25 -8.02 49.32
CA GLY C 155 6.94 -9.45 49.44
C GLY C 155 6.33 -9.86 50.78
N ASP C 156 6.49 -9.01 51.79
CA ASP C 156 5.85 -9.29 53.09
C ASP C 156 4.34 -9.06 53.09
N ARG C 157 3.81 -8.43 52.05
CA ARG C 157 2.39 -8.16 51.96
C ARG C 157 1.80 -8.74 50.67
N VAL C 158 2.61 -8.85 49.61
CA VAL C 158 2.14 -9.40 48.33
C VAL C 158 2.49 -10.88 48.24
N LYS C 159 1.48 -11.70 47.98
CA LYS C 159 1.72 -13.14 47.97
C LYS C 159 1.44 -13.81 46.63
N THR C 160 1.14 -13.02 45.61
CA THR C 160 0.97 -13.55 44.25
C THR C 160 1.79 -12.69 43.29
N TRP C 161 2.72 -13.32 42.58
CA TRP C 161 3.64 -12.63 41.67
C TRP C 161 3.63 -13.31 40.31
N ILE C 162 3.58 -12.51 39.26
CA ILE C 162 3.63 -12.99 37.87
C ILE C 162 4.92 -12.41 37.31
N THR C 163 5.84 -13.28 36.91
CA THR C 163 7.14 -12.77 36.43
C THR C 163 7.00 -11.99 35.12
N HIS C 164 6.20 -12.52 34.20
CA HIS C 164 6.09 -11.91 32.89
C HIS C 164 4.66 -12.07 32.38
N ASN C 165 4.20 -11.01 31.71
CA ASN C 165 2.91 -11.10 31.01
C ASN C 165 3.20 -11.38 29.54
N GLU C 166 2.61 -12.46 29.02
CA GLU C 166 2.61 -12.80 27.60
C GLU C 166 3.96 -12.61 26.89
N PRO C 167 4.97 -13.39 27.27
CA PRO C 167 6.28 -13.32 26.61
C PRO C 167 6.23 -13.63 25.12
N TRP C 168 5.30 -14.47 24.68
CA TRP C 168 5.08 -14.71 23.24
C TRP C 168 4.70 -13.40 22.55
N VAL C 169 3.82 -12.61 23.15
CA VAL C 169 3.46 -11.33 22.57
C VAL C 169 4.62 -10.34 22.57
N ALA C 170 5.23 -10.11 23.73
CA ALA C 170 6.35 -9.18 23.81
C ALA C 170 7.44 -9.55 22.80
N SER C 171 7.72 -10.84 22.66
CA SER C 171 8.82 -11.25 21.79
C SER C 171 8.40 -11.22 20.31
N TYR C 172 7.26 -11.83 20.01
CA TYR C 172 6.82 -11.93 18.62
C TYR C 172 6.31 -10.61 18.08
N LEU C 173 5.44 -9.90 18.82
CA LEU C 173 4.95 -8.62 18.29
C LEU C 173 5.98 -7.50 18.41
N GLY C 174 6.82 -7.57 19.44
CA GLY C 174 7.81 -6.53 19.66
C GLY C 174 9.09 -6.67 18.85
N TYR C 175 9.49 -7.91 18.57
CA TYR C 175 10.77 -8.16 17.91
C TYR C 175 10.74 -8.86 16.55
N ALA C 176 9.64 -9.53 16.21
CA ALA C 176 9.52 -10.19 14.91
C ALA C 176 8.65 -9.43 13.93
N LEU C 177 7.51 -8.93 14.43
CA LEU C 177 6.53 -8.25 13.58
C LEU C 177 6.64 -6.73 13.62
N GLY C 178 7.30 -6.17 14.63
CA GLY C 178 7.46 -4.73 14.75
C GLY C 178 6.19 -3.94 15.04
N VAL C 179 5.17 -4.64 15.51
CA VAL C 179 3.85 -4.08 15.77
C VAL C 179 3.75 -3.50 17.18
N HIS C 180 4.58 -4.02 18.08
CA HIS C 180 4.70 -3.52 19.45
C HIS C 180 6.13 -3.04 19.68
N ALA C 181 6.30 -2.23 20.71
CA ALA C 181 7.63 -1.76 21.13
C ALA C 181 8.49 -3.00 21.38
N PRO C 182 9.79 -2.96 21.04
CA PRO C 182 10.59 -1.89 20.49
C PRO C 182 10.45 -1.75 18.97
N GLY C 183 9.57 -2.53 18.33
CA GLY C 183 9.35 -2.34 16.89
C GLY C 183 10.41 -2.95 15.99
N ILE C 184 11.03 -4.04 16.43
CA ILE C 184 12.00 -4.77 15.62
C ILE C 184 11.27 -5.81 14.77
N LYS C 185 11.82 -6.11 13.60
CA LYS C 185 11.24 -7.05 12.66
C LYS C 185 12.28 -8.12 12.29
N ASP C 186 12.61 -8.98 13.24
CA ASP C 186 13.66 -9.99 13.03
C ASP C 186 13.30 -11.23 13.86
N MET C 187 12.70 -12.21 13.20
CA MET C 187 12.24 -13.42 13.89
C MET C 187 13.35 -14.13 14.67
N LYS C 188 14.55 -14.22 14.10
CA LYS C 188 15.64 -14.88 14.78
C LYS C 188 15.95 -14.15 16.10
N MET C 189 15.96 -12.82 16.05
CA MET C 189 16.19 -12.03 17.26
C MET C 189 15.04 -12.19 18.26
N ALA C 190 13.82 -12.29 17.75
CA ALA C 190 12.63 -12.47 18.57
C ALA C 190 12.68 -13.79 19.35
N LEU C 191 13.25 -14.82 18.73
CA LEU C 191 13.35 -16.10 19.44
C LEU C 191 14.44 -16.04 20.51
N LEU C 192 15.47 -15.24 20.25
CA LEU C 192 16.50 -14.97 21.24
C LEU C 192 15.92 -14.15 22.38
N ALA C 193 15.11 -13.14 22.06
CA ALA C 193 14.45 -12.35 23.09
C ALA C 193 13.59 -13.24 23.98
N ALA C 194 12.83 -14.13 23.34
CA ALA C 194 11.97 -15.08 24.04
C ALA C 194 12.77 -15.98 24.97
N HIS C 195 13.90 -16.46 24.47
CA HIS C 195 14.77 -17.28 25.32
C HIS C 195 15.23 -16.51 26.55
N ASN C 196 15.68 -15.27 26.36
CA ASN C 196 16.20 -14.51 27.49
C ASN C 196 15.12 -14.15 28.50
N ILE C 197 13.92 -13.87 28.00
CA ILE C 197 12.77 -13.61 28.87
C ILE C 197 12.50 -14.84 29.74
N LEU C 198 12.54 -16.03 29.13
CA LEU C 198 12.30 -17.26 29.89
C LEU C 198 13.39 -17.50 30.93
N LEU C 199 14.64 -17.22 30.55
CA LEU C 199 15.74 -17.29 31.51
C LEU C 199 15.52 -16.37 32.70
N SER C 200 15.00 -15.17 32.41
CA SER C 200 14.75 -14.18 33.46
C SER C 200 13.64 -14.66 34.41
N HIS C 201 12.62 -15.31 33.84
CA HIS C 201 11.55 -15.94 34.60
C HIS C 201 12.12 -16.98 35.57
N PHE C 202 12.88 -17.94 35.05
CA PHE C 202 13.47 -18.97 35.91
C PHE C 202 14.39 -18.40 37.01
N LYS C 203 15.18 -17.39 36.68
CA LYS C 203 16.08 -16.79 37.67
C LYS C 203 15.27 -16.10 38.77
N ALA C 204 14.18 -15.44 38.39
CA ALA C 204 13.32 -14.76 39.35
C ALA C 204 12.60 -15.76 40.26
N VAL C 205 12.13 -16.87 39.70
CA VAL C 205 11.49 -17.90 40.50
C VAL C 205 12.51 -18.47 41.50
N LYS C 206 13.72 -18.75 41.01
CA LYS C 206 14.79 -19.22 41.91
C LYS C 206 15.02 -18.22 43.04
N ALA C 207 15.09 -16.94 42.71
CA ALA C 207 15.33 -15.89 43.71
C ALA C 207 14.20 -15.83 44.72
N TYR C 208 12.98 -15.93 44.23
CA TYR C 208 11.78 -15.94 45.06
C TYR C 208 11.78 -17.10 46.06
N ARG C 209 12.10 -18.29 45.57
CA ARG C 209 12.15 -19.47 46.43
C ARG C 209 13.14 -19.26 47.60
N GLU C 210 14.27 -18.64 47.31
CA GLU C 210 15.34 -18.49 48.33
C GLU C 210 14.94 -17.65 49.52
N LEU C 211 13.94 -16.79 49.32
CA LEU C 211 13.48 -15.84 50.33
C LEU C 211 12.51 -16.36 51.38
N GLU C 212 11.95 -17.55 51.18
CA GLU C 212 11.06 -18.16 52.16
C GLU C 212 9.82 -17.32 52.44
N GLN C 213 9.34 -16.61 51.43
CA GLN C 213 8.13 -15.80 51.57
C GLN C 213 6.93 -16.73 51.38
N ASP C 214 5.77 -16.31 51.87
CA ASP C 214 4.67 -17.27 51.99
C ASP C 214 3.81 -17.42 50.73
N GLY C 215 4.22 -16.77 49.64
CA GLY C 215 3.39 -16.66 48.47
C GLY C 215 3.66 -17.59 47.29
N GLN C 216 3.20 -17.17 46.13
CA GLN C 216 3.33 -17.99 44.94
C GLN C 216 3.78 -17.16 43.74
N ILE C 217 4.48 -17.80 42.81
CA ILE C 217 5.05 -17.11 41.67
C ILE C 217 4.86 -17.96 40.42
N GLY C 218 4.57 -17.32 39.30
CA GLY C 218 4.35 -18.02 38.04
C GLY C 218 4.47 -17.03 36.89
N ILE C 219 4.25 -17.52 35.68
CA ILE C 219 4.29 -16.71 34.49
C ILE C 219 2.87 -16.71 33.92
N THR C 220 2.56 -15.70 33.11
CA THR C 220 1.29 -15.60 32.43
C THR C 220 1.52 -15.77 30.92
N LEU C 221 0.79 -16.70 30.29
CA LEU C 221 0.92 -16.93 28.85
C LEU C 221 -0.37 -16.65 28.10
N ASN C 222 -0.26 -16.05 26.92
CA ASN C 222 -1.43 -15.95 26.06
C ASN C 222 -1.51 -17.29 25.31
N LEU C 223 -2.68 -17.91 25.36
CA LEU C 223 -2.89 -19.23 24.78
C LEU C 223 -4.17 -19.16 23.96
N SER C 224 -4.16 -19.86 22.82
CA SER C 224 -5.30 -19.79 21.91
C SER C 224 -5.46 -21.16 21.27
N THR C 225 -6.55 -21.85 21.62
CA THR C 225 -6.84 -23.20 21.15
C THR C 225 -6.96 -23.23 19.63
N CYS C 226 -6.25 -24.17 19.01
CA CYS C 226 -6.21 -24.28 17.56
C CYS C 226 -7.09 -25.44 17.08
N TYR C 227 -7.90 -25.17 16.06
CA TYR C 227 -8.79 -26.17 15.49
C TYR C 227 -8.46 -26.27 14.01
N SER C 228 -8.61 -27.46 13.44
CA SER C 228 -8.35 -27.64 12.02
C SER C 228 -9.56 -27.16 11.23
N ASN C 229 -9.33 -26.52 10.10
CA ASN C 229 -10.40 -26.05 9.22
C ASN C 229 -11.21 -27.19 8.59
N SER C 230 -10.65 -28.41 8.57
CA SER C 230 -11.35 -29.57 8.01
C SER C 230 -10.83 -30.88 8.56
N ALA C 231 -11.30 -31.97 7.93
CA ALA C 231 -10.92 -33.33 8.30
C ALA C 231 -9.64 -33.79 7.58
N ASP C 232 -9.19 -33.03 6.59
CA ASP C 232 -7.98 -33.33 5.84
C ASP C 232 -6.76 -33.39 6.76
N GLU C 233 -5.94 -34.41 6.56
CA GLU C 233 -4.75 -34.61 7.38
C GLU C 233 -3.81 -33.41 7.30
N GLU C 234 -3.68 -32.79 6.13
CA GLU C 234 -2.79 -31.65 5.98
C GLU C 234 -3.24 -30.44 6.81
N ASP C 235 -4.55 -30.25 6.99
CA ASP C 235 -5.09 -29.18 7.83
C ASP C 235 -4.95 -29.48 9.33
N ILE C 236 -5.13 -30.75 9.71
CA ILE C 236 -4.93 -31.21 11.08
C ILE C 236 -3.49 -30.92 11.51
N ALA C 237 -2.55 -31.25 10.63
CA ALA C 237 -1.12 -31.04 10.86
C ALA C 237 -0.79 -29.54 10.88
N ALA C 238 -1.48 -28.76 10.05
CA ALA C 238 -1.30 -27.31 10.06
C ALA C 238 -1.73 -26.74 11.42
N ALA C 239 -2.87 -27.19 11.93
CA ALA C 239 -3.36 -26.72 13.23
C ALA C 239 -2.40 -27.11 14.36
N HIS C 240 -1.80 -28.29 14.26
CA HIS C 240 -0.81 -28.74 15.23
C HIS C 240 0.44 -27.88 15.18
N ARG C 241 0.86 -27.46 13.99
CA ARG C 241 2.00 -26.54 13.86
C ARG C 241 1.69 -25.20 14.53
N SER C 242 0.53 -24.64 14.21
CA SER C 242 0.08 -23.39 14.80
C SER C 242 -0.02 -23.49 16.32
N ASP C 243 -0.48 -24.64 16.82
CA ASP C 243 -0.53 -24.92 18.26
C ASP C 243 0.88 -24.90 18.84
N GLY C 244 1.84 -25.39 18.05
CA GLY C 244 3.24 -25.43 18.46
C GLY C 244 3.81 -24.06 18.75
N TRP C 245 3.43 -23.09 17.92
CA TRP C 245 3.91 -21.73 18.13
C TRP C 245 3.06 -20.94 19.12
N ASN C 246 1.73 -20.95 18.96
CA ASN C 246 0.86 -20.19 19.86
C ASN C 246 0.91 -20.71 21.30
N ASN C 247 1.01 -22.02 21.46
CA ASN C 247 0.85 -22.60 22.79
C ASN C 247 2.03 -23.39 23.32
N ARG C 248 2.51 -24.35 22.53
CA ARG C 248 3.52 -25.27 23.02
C ARG C 248 4.90 -24.68 23.25
N TRP C 249 5.30 -23.66 22.49
CA TRP C 249 6.65 -23.10 22.66
C TRP C 249 6.87 -22.64 24.10
N PHE C 250 5.93 -21.87 24.64
CA PHE C 250 6.06 -21.39 26.02
C PHE C 250 5.46 -22.29 27.10
N LEU C 251 4.45 -23.09 26.75
CA LEU C 251 3.91 -24.08 27.69
C LEU C 251 4.99 -25.10 28.05
N ASP C 252 5.62 -25.66 27.02
CA ASP C 252 6.69 -26.65 27.21
C ASP C 252 7.87 -26.05 27.97
N ALA C 253 8.21 -24.81 27.64
CA ALA C 253 9.33 -24.16 28.31
C ALA C 253 9.04 -23.90 29.80
N ALA C 254 7.88 -23.30 30.08
CA ALA C 254 7.50 -22.97 31.45
C ALA C 254 7.14 -24.15 32.35
N LEU C 255 6.59 -25.20 31.76
CA LEU C 255 6.11 -26.35 32.53
C LEU C 255 7.02 -27.57 32.46
N LYS C 256 7.80 -27.71 31.39
CA LYS C 256 8.65 -28.90 31.26
C LYS C 256 10.12 -28.55 31.08
N GLY C 257 10.41 -27.27 30.82
CA GLY C 257 11.79 -26.79 30.69
C GLY C 257 12.46 -27.24 29.40
N THR C 258 11.65 -27.42 28.36
CA THR C 258 12.17 -27.80 27.05
C THR C 258 11.36 -27.08 25.97
N TYR C 259 11.90 -26.99 24.77
CA TYR C 259 11.14 -26.46 23.65
C TYR C 259 10.60 -27.61 22.81
N PRO C 260 9.45 -27.42 22.16
CA PRO C 260 8.89 -28.47 21.29
C PRO C 260 9.78 -28.71 20.08
N GLU C 261 10.21 -29.95 19.94
CA GLU C 261 11.16 -30.32 18.90
C GLU C 261 10.66 -30.12 17.47
N ASP C 262 9.35 -30.29 17.25
CA ASP C 262 8.78 -30.10 15.92
C ASP C 262 8.91 -28.65 15.47
N MET C 263 8.75 -27.73 16.43
CA MET C 263 8.88 -26.31 16.15
C MET C 263 10.35 -25.93 15.95
N ILE C 264 11.25 -26.52 16.75
CA ILE C 264 12.67 -26.26 16.56
C ILE C 264 13.07 -26.61 15.13
N LYS C 265 12.61 -27.76 14.64
CA LYS C 265 12.96 -28.23 13.32
C LYS C 265 12.41 -27.31 12.23
N ILE C 266 11.15 -26.90 12.37
CA ILE C 266 10.55 -25.97 11.41
C ILE C 266 11.36 -24.67 11.38
N PHE C 267 11.68 -24.16 12.57
CA PHE C 267 12.45 -22.92 12.68
C PHE C 267 13.86 -23.07 12.10
N SER C 268 14.51 -24.20 12.38
CA SER C 268 15.84 -24.46 11.85
C SER C 268 15.86 -24.60 10.33
N ASP C 269 14.86 -25.28 9.78
CA ASP C 269 14.81 -25.50 8.33
C ASP C 269 14.49 -24.24 7.54
N THR C 270 13.88 -23.24 8.18
CA THR C 270 13.61 -21.97 7.52
C THR C 270 14.60 -20.89 7.93
N ASN C 271 15.65 -21.32 8.64
CA ASN C 271 16.77 -20.50 9.07
C ASN C 271 16.42 -19.31 9.96
N ILE C 272 15.42 -19.50 10.81
CA ILE C 272 15.06 -18.45 11.78
C ILE C 272 15.38 -18.86 13.22
N MET C 273 15.91 -20.06 13.42
CA MET C 273 16.22 -20.49 14.78
C MET C 273 17.55 -19.87 15.22
N PRO C 274 17.55 -19.10 16.32
CA PRO C 274 18.84 -18.54 16.70
C PRO C 274 19.71 -19.62 17.36
N GLU C 275 21.01 -19.35 17.40
CA GLU C 275 21.96 -20.17 18.13
C GLU C 275 21.77 -19.82 19.60
N LEU C 276 21.26 -20.76 20.39
CA LEU C 276 21.06 -20.50 21.81
C LEU C 276 22.14 -21.22 22.61
N PRO C 277 22.32 -20.87 23.91
CA PRO C 277 23.29 -21.62 24.68
C PRO C 277 22.96 -23.11 24.66
N LYS C 278 23.98 -23.95 24.56
CA LYS C 278 23.76 -25.38 24.40
C LYS C 278 22.99 -26.01 25.55
N GLU C 279 23.18 -25.48 26.76
CA GLU C 279 22.49 -25.99 27.94
C GLU C 279 20.98 -25.70 27.93
N LEU C 280 20.54 -24.71 27.16
CA LEU C 280 19.11 -24.33 27.13
C LEU C 280 18.60 -24.16 28.56
N PHE C 281 17.53 -24.86 28.95
CA PHE C 281 17.04 -24.70 30.32
C PHE C 281 17.41 -25.85 31.27
N THR C 282 18.24 -26.76 30.80
CA THR C 282 18.63 -27.94 31.57
C THR C 282 19.22 -27.67 32.94
N GLU C 283 19.91 -26.54 33.11
CA GLU C 283 20.55 -26.23 34.39
C GLU C 283 19.83 -25.13 35.17
N VAL C 284 18.79 -24.55 34.59
CA VAL C 284 18.12 -23.42 35.23
C VAL C 284 16.61 -23.60 35.44
N PHE C 285 16.02 -24.64 34.86
CA PHE C 285 14.57 -24.83 35.00
C PHE C 285 14.09 -24.77 36.44
N GLU C 286 12.98 -24.05 36.67
CA GLU C 286 12.35 -23.96 37.99
C GLU C 286 10.85 -24.14 37.80
N THR C 287 10.26 -24.98 38.66
CA THR C 287 8.82 -25.19 38.66
C THR C 287 8.11 -23.95 39.20
N SER C 288 7.06 -23.53 38.51
CA SER C 288 6.20 -22.43 38.96
C SER C 288 5.16 -22.97 39.93
N ASP C 289 4.64 -22.10 40.78
CA ASP C 289 3.55 -22.45 41.70
C ASP C 289 2.21 -22.49 40.99
N PHE C 290 2.10 -21.74 39.89
CA PHE C 290 0.87 -21.72 39.11
C PHE C 290 1.19 -21.27 37.70
N LEU C 291 0.25 -21.50 36.80
CA LEU C 291 0.34 -20.97 35.45
C LEU C 291 -0.79 -19.97 35.26
N GLY C 292 -0.44 -18.77 34.77
CA GLY C 292 -1.45 -17.77 34.45
C GLY C 292 -1.82 -17.94 32.99
N ILE C 293 -3.12 -17.96 32.70
CA ILE C 293 -3.53 -18.12 31.32
C ILE C 293 -4.32 -16.89 30.90
N ASN C 294 -3.93 -16.33 29.75
CA ASN C 294 -4.67 -15.25 29.12
C ASN C 294 -5.30 -15.87 27.87
N TYR C 295 -6.63 -15.96 27.89
CA TYR C 295 -7.41 -16.56 26.80
C TYR C 295 -8.44 -15.57 26.30
N TYR C 296 -8.51 -15.43 24.98
CA TYR C 296 -9.50 -14.56 24.37
C TYR C 296 -10.30 -15.21 23.25
N THR C 297 -9.64 -16.08 22.50
CA THR C 297 -10.22 -16.60 21.26
C THR C 297 -9.49 -17.85 20.76
N ARG C 298 -10.00 -18.43 19.68
CA ARG C 298 -9.42 -19.63 19.07
C ARG C 298 -8.81 -19.28 17.73
N GLN C 299 -8.06 -20.22 17.16
CA GLN C 299 -7.59 -20.15 15.77
C GLN C 299 -8.18 -21.33 15.01
N VAL C 300 -8.69 -21.07 13.82
CA VAL C 300 -9.08 -22.12 12.89
C VAL C 300 -8.01 -22.07 11.80
N VAL C 301 -7.35 -23.21 11.59
CA VAL C 301 -6.15 -23.28 10.78
C VAL C 301 -6.27 -24.22 9.58
N LYS C 302 -5.76 -23.79 8.43
CA LYS C 302 -5.67 -24.68 7.29
C LYS C 302 -4.23 -24.68 6.80
N ASN C 303 -3.86 -25.73 6.07
CA ASN C 303 -2.54 -25.80 5.47
C ASN C 303 -2.31 -24.73 4.41
N ASN C 304 -1.12 -24.13 4.42
CA ASN C 304 -0.69 -23.19 3.40
C ASN C 304 0.83 -23.26 3.34
N SER C 305 1.30 -23.97 2.33
CA SER C 305 2.71 -24.33 2.23
C SER C 305 3.69 -23.18 2.13
N GLU C 306 3.26 -22.03 1.63
CA GLU C 306 4.18 -20.89 1.59
C GLU C 306 3.91 -19.84 2.67
N ALA C 307 3.21 -20.25 3.73
CA ALA C 307 2.96 -19.36 4.84
C ALA C 307 3.87 -19.71 6.00
N PHE C 308 4.08 -18.76 6.90
CA PHE C 308 4.85 -18.98 8.13
C PHE C 308 4.35 -20.26 8.79
N ILE C 309 5.28 -21.17 9.09
CA ILE C 309 5.01 -22.51 9.63
C ILE C 309 3.91 -23.30 8.93
N GLY C 310 3.76 -23.06 7.63
CA GLY C 310 2.76 -23.75 6.82
C GLY C 310 1.32 -23.65 7.32
N ALA C 311 0.99 -22.58 8.02
CA ALA C 311 -0.35 -22.40 8.59
C ALA C 311 -1.00 -21.06 8.30
N GLU C 312 -2.29 -21.10 8.01
CA GLU C 312 -3.10 -19.91 7.73
C GLU C 312 -4.36 -19.94 8.57
N SER C 313 -4.56 -18.93 9.41
CA SER C 313 -5.78 -18.83 10.19
C SER C 313 -6.90 -18.44 9.22
N VAL C 314 -8.05 -19.10 9.38
CA VAL C 314 -9.20 -18.86 8.52
C VAL C 314 -10.08 -17.85 9.26
N ALA C 315 -10.39 -16.74 8.59
CA ALA C 315 -11.30 -15.73 9.13
C ALA C 315 -12.69 -16.34 9.16
N MET C 316 -13.27 -16.51 10.35
CA MET C 316 -14.57 -17.17 10.49
C MET C 316 -15.68 -16.12 10.38
N ASP C 317 -16.89 -16.57 10.06
CA ASP C 317 -18.00 -15.65 9.86
C ASP C 317 -18.97 -15.70 11.04
N ASN C 318 -18.38 -15.78 12.23
CA ASN C 318 -19.10 -15.88 13.48
C ASN C 318 -19.00 -14.57 14.25
N PRO C 319 -19.85 -14.35 15.27
CA PRO C 319 -19.77 -13.14 16.05
C PRO C 319 -18.37 -12.92 16.61
N LYS C 320 -17.95 -11.67 16.62
CA LYS C 320 -16.57 -11.36 17.04
C LYS C 320 -16.56 -10.04 17.80
N THR C 321 -15.47 -9.79 18.53
CA THR C 321 -15.37 -8.54 19.27
C THR C 321 -14.86 -7.40 18.38
N GLU C 322 -14.72 -6.21 18.95
CA GLU C 322 -14.17 -5.09 18.18
C GLU C 322 -12.68 -5.30 17.81
N MET C 323 -12.01 -6.30 18.41
CA MET C 323 -10.64 -6.63 17.99
C MET C 323 -10.66 -7.52 16.75
N GLY C 324 -11.84 -7.99 16.37
CA GLY C 324 -12.01 -8.95 15.27
C GLY C 324 -11.81 -10.39 15.75
N TRP C 325 -11.79 -10.61 17.07
CA TRP C 325 -11.52 -11.95 17.59
C TRP C 325 -12.83 -12.70 17.75
N GLU C 326 -12.92 -13.87 17.14
CA GLU C 326 -14.08 -14.75 17.26
C GLU C 326 -14.40 -15.03 18.74
N ILE C 327 -15.69 -14.97 19.05
CA ILE C 327 -16.19 -15.24 20.40
C ILE C 327 -16.40 -16.75 20.45
N TYR C 328 -15.58 -17.44 21.25
CA TYR C 328 -15.61 -18.90 21.30
C TYR C 328 -15.27 -19.45 22.67
N PRO C 329 -16.23 -19.42 23.60
CA PRO C 329 -15.96 -19.93 24.95
C PRO C 329 -15.59 -21.41 25.03
N GLN C 330 -16.03 -22.23 24.07
CA GLN C 330 -15.65 -23.65 24.05
C GLN C 330 -14.12 -23.81 24.03
N GLY C 331 -13.45 -22.84 23.41
CA GLY C 331 -12.00 -22.83 23.31
C GLY C 331 -11.32 -22.74 24.66
N LEU C 332 -11.98 -22.07 25.61
CA LEU C 332 -11.49 -21.98 26.98
C LEU C 332 -11.63 -23.30 27.73
N TYR C 333 -12.80 -23.93 27.60
CA TYR C 333 -12.99 -25.28 28.15
C TYR C 333 -11.91 -26.22 27.62
N ASP C 334 -11.77 -26.25 26.30
CA ASP C 334 -10.85 -27.16 25.61
C ASP C 334 -9.42 -26.92 26.04
N LEU C 335 -9.05 -25.64 26.21
CA LEU C 335 -7.71 -25.27 26.63
C LEU C 335 -7.37 -25.73 28.03
N LEU C 336 -8.27 -25.44 28.98
CA LEU C 336 -8.10 -25.83 30.38
C LEU C 336 -7.94 -27.35 30.55
N THR C 337 -8.83 -28.12 29.92
CA THR C 337 -8.76 -29.57 30.02
C THR C 337 -7.50 -30.11 29.33
N ARG C 338 -7.12 -29.53 28.19
CA ARG C 338 -5.88 -29.89 27.50
C ARG C 338 -4.66 -29.67 28.39
N ILE C 339 -4.57 -28.53 29.06
CA ILE C 339 -3.43 -28.25 29.93
C ILE C 339 -3.36 -29.27 31.07
N HIS C 340 -4.51 -29.54 31.68
CA HIS C 340 -4.60 -30.53 32.75
C HIS C 340 -4.19 -31.92 32.29
N ARG C 341 -4.56 -32.27 31.07
CA ARG C 341 -4.28 -33.58 30.50
C ARG C 341 -2.83 -33.74 30.01
N ASP C 342 -2.29 -32.70 29.38
CA ASP C 342 -0.97 -32.79 28.76
C ASP C 342 0.22 -32.50 29.66
N TYR C 343 -0.02 -31.78 30.75
CA TYR C 343 1.07 -31.36 31.64
C TYR C 343 0.81 -31.87 33.06
N GLY C 344 1.89 -32.07 33.81
CA GLY C 344 1.77 -32.46 35.21
C GLY C 344 0.89 -31.44 35.92
N ASN C 345 0.27 -31.87 37.02
CA ASN C 345 -0.59 -31.02 37.84
C ASN C 345 0.13 -29.72 38.20
N ILE C 346 -0.59 -28.61 38.02
CA ILE C 346 -0.13 -27.28 38.40
C ILE C 346 -1.37 -26.41 38.56
N ASP C 347 -1.46 -25.65 39.65
CA ASP C 347 -2.57 -24.69 39.82
C ASP C 347 -2.67 -23.74 38.64
N LEU C 348 -3.89 -23.45 38.21
CA LEU C 348 -4.13 -22.59 37.05
C LEU C 348 -4.97 -21.39 37.48
N TYR C 349 -4.64 -20.23 36.93
CA TYR C 349 -5.46 -19.04 37.10
C TYR C 349 -5.67 -18.47 35.71
N ILE C 350 -6.89 -18.01 35.42
CA ILE C 350 -7.09 -17.25 34.19
C ILE C 350 -6.66 -15.84 34.59
N THR C 351 -5.50 -15.41 34.13
CA THR C 351 -5.03 -14.07 34.48
C THR C 351 -5.59 -12.95 33.60
N GLU C 352 -6.18 -13.32 32.47
CA GLU C 352 -6.89 -12.40 31.59
C GLU C 352 -7.92 -13.12 30.75
N ASN C 353 -9.13 -12.59 30.77
CA ASN C 353 -10.14 -12.96 29.77
C ASN C 353 -11.10 -11.78 29.77
N GLY C 354 -11.55 -11.40 28.58
CA GLY C 354 -12.50 -10.30 28.47
C GLY C 354 -12.66 -9.94 27.01
N ALA C 355 -13.30 -8.81 26.73
CA ALA C 355 -13.66 -8.48 25.35
C ALA C 355 -13.77 -6.98 25.12
N ALA C 356 -13.38 -6.58 23.91
CA ALA C 356 -13.46 -5.18 23.47
C ALA C 356 -14.75 -4.97 22.70
N PHE C 357 -15.55 -4.00 23.17
CA PHE C 357 -16.78 -3.58 22.53
C PHE C 357 -16.90 -2.06 22.55
N ASN C 358 -17.69 -1.53 21.62
CA ASN C 358 -17.84 -0.10 21.41
C ASN C 358 -18.84 0.48 22.42
N ASP C 359 -18.43 0.56 23.68
CA ASP C 359 -19.32 1.02 24.74
C ASP C 359 -19.36 2.54 24.88
N MET C 360 -20.51 3.07 25.28
CA MET C 360 -20.67 4.50 25.46
C MET C 360 -21.76 4.76 26.50
N VAL C 361 -21.73 5.94 27.09
CA VAL C 361 -22.71 6.30 28.09
C VAL C 361 -24.01 6.70 27.38
N ASN C 362 -25.15 6.16 27.81
CA ASN C 362 -26.43 6.48 27.17
C ASN C 362 -27.13 7.70 27.79
N ARG C 363 -28.35 7.97 27.33
CA ARG C 363 -29.10 9.14 27.76
C ARG C 363 -29.41 9.11 29.26
N ASP C 364 -29.40 7.92 29.87
CA ASP C 364 -29.65 7.76 31.29
C ASP C 364 -28.41 7.63 32.16
N GLY C 365 -27.22 7.77 31.55
CA GLY C 365 -25.98 7.73 32.31
C GLY C 365 -25.43 6.32 32.46
N LYS C 366 -26.05 5.37 31.77
CA LYS C 366 -25.70 3.96 31.89
C LYS C 366 -24.80 3.50 30.75
N VAL C 367 -23.93 2.53 31.02
CA VAL C 367 -23.19 1.86 29.95
C VAL C 367 -23.70 0.42 29.86
N GLU C 368 -24.64 0.18 28.94
CA GLU C 368 -25.28 -1.13 28.89
C GLU C 368 -24.49 -2.08 28.00
N ASP C 369 -23.43 -2.66 28.52
CA ASP C 369 -22.57 -3.52 27.71
C ASP C 369 -23.00 -4.99 27.68
N GLU C 370 -24.16 -5.27 27.08
CA GLU C 370 -24.64 -6.64 27.00
C GLU C 370 -23.70 -7.58 26.26
N ASN C 371 -23.04 -7.10 25.21
CA ASN C 371 -22.13 -8.00 24.50
C ASN C 371 -21.04 -8.50 25.45
N ARG C 372 -20.52 -7.61 26.28
CA ARG C 372 -19.49 -8.02 27.26
C ARG C 372 -20.06 -8.92 28.33
N LEU C 373 -21.23 -8.56 28.87
CA LEU C 373 -21.86 -9.41 29.87
C LEU C 373 -22.05 -10.84 29.34
N ASP C 374 -22.54 -10.98 28.12
CA ASP C 374 -22.75 -12.30 27.54
C ASP C 374 -21.44 -13.06 27.32
N TYR C 375 -20.42 -12.35 26.86
CA TYR C 375 -19.11 -12.93 26.62
C TYR C 375 -18.59 -13.49 27.95
N LEU C 376 -18.71 -12.70 29.01
CA LEU C 376 -18.22 -13.14 30.33
C LEU C 376 -19.00 -14.33 30.88
N TYR C 377 -20.33 -14.27 30.79
CA TYR C 377 -21.18 -15.36 31.25
C TYR C 377 -20.73 -16.68 30.63
N THR C 378 -20.57 -16.73 29.31
CA THR C 378 -20.23 -17.97 28.65
C THR C 378 -18.81 -18.45 28.95
N HIS C 379 -17.88 -17.51 29.14
CA HIS C 379 -16.51 -17.87 29.49
C HIS C 379 -16.44 -18.32 30.94
N PHE C 380 -17.18 -17.67 31.82
CA PHE C 380 -17.24 -18.16 33.20
C PHE C 380 -17.90 -19.54 33.24
N ALA C 381 -18.93 -19.76 32.41
CA ALA C 381 -19.60 -21.05 32.39
C ALA C 381 -18.65 -22.15 31.91
N ALA C 382 -17.82 -21.83 30.92
CA ALA C 382 -16.81 -22.76 30.39
C ALA C 382 -15.74 -23.09 31.45
N ALA C 383 -15.33 -22.08 32.20
CA ALA C 383 -14.38 -22.27 33.30
C ALA C 383 -14.95 -23.17 34.40
N LEU C 384 -16.21 -22.92 34.79
CA LEU C 384 -16.86 -23.74 35.79
C LEU C 384 -16.98 -25.19 35.34
N SER C 385 -17.28 -25.41 34.06
CA SER C 385 -17.35 -26.77 33.54
C SER C 385 -16.00 -27.47 33.67
N ALA C 386 -14.92 -26.74 33.43
CA ALA C 386 -13.57 -27.29 33.50
C ALA C 386 -13.23 -27.71 34.93
N ILE C 387 -13.59 -26.87 35.89
CA ILE C 387 -13.46 -27.19 37.31
C ILE C 387 -14.22 -28.48 37.64
N GLU C 388 -15.47 -28.59 37.18
CA GLU C 388 -16.27 -29.80 37.42
C GLU C 388 -15.66 -31.05 36.77
N ALA C 389 -14.88 -30.85 35.72
CA ALA C 389 -14.15 -31.91 35.03
C ALA C 389 -12.82 -32.24 35.70
N GLY C 390 -12.49 -31.53 36.78
CA GLY C 390 -11.28 -31.85 37.53
C GLY C 390 -10.09 -30.92 37.35
N VAL C 391 -10.24 -29.90 36.52
CA VAL C 391 -9.15 -28.95 36.28
C VAL C 391 -8.91 -28.05 37.50
N PRO C 392 -7.66 -27.99 37.99
CA PRO C 392 -7.33 -27.20 39.18
C PRO C 392 -7.28 -25.69 38.93
N LEU C 393 -8.40 -25.14 38.45
CA LEU C 393 -8.51 -23.71 38.18
C LEU C 393 -8.89 -23.00 39.47
N LYS C 394 -8.06 -22.06 39.90
CA LYS C 394 -8.17 -21.46 41.23
C LYS C 394 -8.73 -20.05 41.26
N GLY C 395 -8.73 -19.39 40.11
CA GLY C 395 -9.13 -17.98 40.07
C GLY C 395 -9.25 -17.47 38.65
N TYR C 396 -9.85 -16.30 38.54
CA TYR C 396 -10.19 -15.75 37.22
C TYR C 396 -10.12 -14.24 37.34
N TYR C 397 -9.30 -13.62 36.50
CA TYR C 397 -9.20 -12.17 36.45
C TYR C 397 -9.76 -11.65 35.14
N ILE C 398 -10.73 -10.76 35.21
CA ILE C 398 -11.27 -10.14 34.00
C ILE C 398 -10.35 -9.04 33.49
N TRP C 399 -9.94 -9.15 32.22
CA TRP C 399 -9.30 -8.04 31.54
C TRP C 399 -10.42 -7.23 30.86
N SER C 400 -10.63 -5.97 31.22
CA SER C 400 -9.83 -5.25 32.21
C SER C 400 -10.74 -4.52 33.18
N PHE C 401 -10.18 -4.04 34.30
CA PHE C 401 -10.96 -3.27 35.28
C PHE C 401 -11.57 -2.03 34.62
N MET C 402 -10.76 -1.30 33.85
CA MET C 402 -11.28 -0.11 33.20
C MET C 402 -10.80 0.00 31.75
N ASP C 403 -11.53 0.75 30.93
CA ASP C 403 -11.09 1.05 29.55
C ASP C 403 -9.72 1.70 29.66
N ASN C 404 -8.85 1.37 28.70
CA ASN C 404 -7.48 1.84 28.80
C ASN C 404 -6.79 1.92 27.44
N PHE C 405 -5.48 2.14 27.46
CA PHE C 405 -4.67 2.22 26.25
C PHE C 405 -4.35 0.81 25.75
N GLU C 406 -5.03 0.43 24.67
CA GLU C 406 -4.90 -0.92 24.11
C GLU C 406 -3.74 -1.03 23.11
N TRP C 407 -2.55 -0.76 23.62
CA TRP C 407 -1.30 -0.88 22.89
C TRP C 407 -1.34 -0.23 21.51
N ALA C 408 -0.98 -0.94 20.44
CA ALA C 408 -0.98 -0.33 19.11
C ALA C 408 -2.36 0.08 18.59
N GLU C 409 -3.42 -0.34 19.26
CA GLU C 409 -4.78 0.02 18.85
C GLU C 409 -5.23 1.30 19.55
N GLY C 410 -4.43 1.77 20.52
CA GLY C 410 -4.75 3.02 21.22
C GLY C 410 -6.01 2.89 22.07
N TYR C 411 -6.74 3.99 22.22
CA TYR C 411 -7.91 4.06 23.09
C TYR C 411 -9.23 3.62 22.42
N GLU C 412 -9.11 3.28 21.15
CA GLU C 412 -10.25 2.89 20.34
C GLU C 412 -10.90 1.57 20.78
N LYS C 413 -10.16 0.73 21.49
CA LYS C 413 -10.66 -0.56 21.92
C LYS C 413 -10.85 -0.54 23.43
N ARG C 414 -12.11 -0.63 23.83
CA ARG C 414 -12.49 -0.58 25.24
C ARG C 414 -12.74 -1.98 25.80
N PHE C 415 -11.92 -2.39 26.77
CA PHE C 415 -12.03 -3.70 27.38
C PHE C 415 -12.52 -3.64 28.82
N GLY C 416 -12.79 -2.45 29.35
CA GLY C 416 -13.09 -2.35 30.77
C GLY C 416 -14.46 -2.83 31.20
N ILE C 417 -14.57 -3.22 32.48
CA ILE C 417 -15.89 -3.42 33.06
C ILE C 417 -16.34 -2.08 33.64
N VAL C 418 -15.44 -1.10 33.60
CA VAL C 418 -15.71 0.28 34.00
C VAL C 418 -15.34 1.19 32.83
N HIS C 419 -16.28 2.05 32.43
CA HIS C 419 -16.09 2.99 31.34
C HIS C 419 -15.26 4.19 31.81
N VAL C 420 -14.32 4.61 30.97
CA VAL C 420 -13.55 5.82 31.26
C VAL C 420 -13.81 6.87 30.18
N ASN C 421 -14.29 8.03 30.61
CA ASN C 421 -14.44 9.18 29.73
C ASN C 421 -13.08 9.90 29.73
N TYR C 422 -12.34 9.79 28.64
CA TYR C 422 -11.00 10.38 28.60
C TYR C 422 -10.96 11.91 28.66
N LYS C 423 -12.06 12.58 28.33
CA LYS C 423 -12.10 14.04 28.39
C LYS C 423 -12.17 14.54 29.84
N THR C 424 -12.82 13.77 30.71
CA THR C 424 -13.04 14.21 32.08
C THR C 424 -12.43 13.30 33.15
N GLN C 425 -11.95 12.14 32.71
CA GLN C 425 -11.53 11.03 33.57
C GLN C 425 -12.66 10.45 34.42
N GLU C 426 -13.90 10.81 34.14
CA GLU C 426 -15.02 10.19 34.86
C GLU C 426 -15.09 8.68 34.61
N ARG C 427 -15.16 7.91 35.69
CA ARG C 427 -15.43 6.46 35.67
C ARG C 427 -16.93 6.18 35.75
N THR C 428 -17.42 5.30 34.88
CA THR C 428 -18.80 4.84 34.96
C THR C 428 -18.83 3.31 35.00
N ILE C 429 -19.36 2.74 36.09
CA ILE C 429 -19.54 1.30 36.17
C ILE C 429 -20.46 0.76 35.05
N LYS C 430 -19.99 -0.27 34.32
CA LYS C 430 -20.78 -0.80 33.21
C LYS C 430 -21.68 -1.93 33.71
N LYS C 431 -22.71 -2.24 32.93
CA LYS C 431 -23.67 -3.30 33.25
C LYS C 431 -22.95 -4.62 33.57
N SER C 432 -21.92 -4.95 32.80
CA SER C 432 -21.19 -6.20 33.06
C SER C 432 -20.53 -6.25 34.44
N ALA C 433 -20.11 -5.10 34.96
CA ALA C 433 -19.50 -5.06 36.29
C ALA C 433 -20.49 -5.36 37.41
N TYR C 434 -21.73 -4.89 37.24
CA TYR C 434 -22.78 -5.17 38.21
C TYR C 434 -23.15 -6.65 38.20
N TRP C 435 -23.11 -7.25 37.02
CA TRP C 435 -23.29 -8.69 36.87
C TRP C 435 -22.16 -9.45 37.58
N TYR C 436 -20.92 -8.96 37.45
CA TYR C 436 -19.78 -9.62 38.07
C TYR C 436 -19.88 -9.54 39.59
N LYS C 437 -20.26 -8.37 40.09
CA LYS C 437 -20.49 -8.18 41.52
C LYS C 437 -21.50 -9.20 42.06
N GLU C 438 -22.56 -9.48 41.29
CA GLU C 438 -23.57 -10.47 41.71
C GLU C 438 -23.03 -11.90 41.65
N LEU C 439 -22.18 -12.18 40.68
CA LEU C 439 -21.54 -13.50 40.58
C LEU C 439 -20.62 -13.79 41.77
N ILE C 440 -19.81 -12.81 42.13
CA ILE C 440 -18.88 -12.91 43.26
C ILE C 440 -19.65 -13.12 44.58
N GLU C 441 -20.72 -12.34 44.77
CA GLU C 441 -21.54 -12.40 45.98
C GLU C 441 -22.27 -13.73 46.14
N ARG C 442 -22.76 -14.27 45.02
CA ARG C 442 -23.45 -15.55 45.02
C ARG C 442 -22.49 -16.66 45.39
N SER C 443 -21.25 -16.53 44.91
CA SER C 443 -20.23 -17.55 45.11
C SER C 443 -19.54 -17.47 46.47
N ASN C 444 -19.83 -16.45 47.27
CA ASN C 444 -19.17 -16.34 48.55
C ASN C 444 -19.88 -17.10 49.67
N GLU D 2 37.95 18.11 -24.83
CA GLU D 2 39.42 18.03 -24.64
C GLU D 2 39.79 17.02 -23.55
N LYS D 3 41.04 16.56 -23.60
CA LYS D 3 41.52 15.56 -22.65
C LYS D 3 41.88 16.16 -21.31
N LEU D 4 41.46 15.47 -20.25
CA LEU D 4 41.71 15.96 -18.89
C LEU D 4 43.09 15.51 -18.43
N ARG D 5 43.78 16.36 -17.69
CA ARG D 5 45.08 15.99 -17.15
C ARG D 5 45.24 16.55 -15.75
N PHE D 6 45.52 15.67 -14.79
CA PHE D 6 45.71 16.04 -13.39
C PHE D 6 47.20 16.09 -13.04
N PRO D 7 47.55 16.76 -11.92
CA PRO D 7 48.95 16.81 -11.49
C PRO D 7 49.54 15.41 -11.32
N LYS D 8 50.84 15.27 -11.56
CA LYS D 8 51.53 13.98 -11.46
C LYS D 8 51.37 13.29 -10.11
N ASP D 9 51.25 14.06 -9.05
CA ASP D 9 51.15 13.50 -7.70
C ASP D 9 49.72 13.20 -7.28
N PHE D 10 48.76 13.47 -8.17
CA PHE D 10 47.35 13.22 -7.88
C PHE D 10 47.10 11.73 -7.71
N ILE D 11 46.32 11.35 -6.70
CA ILE D 11 46.04 9.95 -6.45
C ILE D 11 44.74 9.49 -7.13
N PHE D 12 44.89 8.56 -8.07
CA PHE D 12 43.75 7.99 -8.78
C PHE D 12 43.49 6.60 -8.23
N GLY D 13 42.26 6.35 -7.79
CA GLY D 13 41.94 5.04 -7.26
C GLY D 13 40.56 4.53 -7.61
N THR D 14 40.23 3.38 -7.03
CA THR D 14 38.88 2.85 -7.11
C THR D 14 38.53 2.27 -5.74
N ALA D 15 37.23 2.06 -5.49
CA ALA D 15 36.75 1.66 -4.17
C ALA D 15 35.75 0.49 -4.20
N THR D 16 35.77 -0.29 -3.11
CA THR D 16 34.85 -1.39 -2.87
C THR D 16 34.56 -1.44 -1.36
N ALA D 17 33.60 -2.26 -0.96
CA ALA D 17 33.31 -2.49 0.46
C ALA D 17 33.20 -4.00 0.62
N ALA D 18 33.60 -4.53 1.76
CA ALA D 18 33.66 -5.98 1.95
C ALA D 18 32.36 -6.73 1.66
N TYR D 19 31.27 -6.27 2.27
CA TYR D 19 30.00 -6.96 2.14
C TYR D 19 29.51 -6.90 0.70
N GLN D 20 29.86 -5.83 -0.02
CA GLN D 20 29.36 -5.69 -1.38
C GLN D 20 30.02 -6.62 -2.39
N ILE D 21 31.24 -7.08 -2.13
CA ILE D 21 31.96 -7.91 -3.11
C ILE D 21 32.52 -9.25 -2.63
N GLU D 22 32.80 -9.40 -1.34
CA GLU D 22 33.57 -10.56 -0.87
C GLU D 22 32.92 -11.94 -1.01
N GLY D 23 31.63 -12.02 -0.68
CA GLY D 23 30.98 -13.31 -0.56
C GLY D 23 31.65 -14.07 0.58
N ALA D 24 31.83 -15.38 0.43
CA ALA D 24 32.43 -16.19 1.48
C ALA D 24 31.88 -15.83 2.87
N TYR D 25 30.57 -15.68 2.97
CA TYR D 25 29.98 -15.12 4.18
C TYR D 25 30.08 -15.97 5.44
N LYS D 26 30.35 -17.26 5.30
CA LYS D 26 30.50 -18.14 6.45
C LYS D 26 31.88 -18.75 6.60
N GLU D 27 32.82 -18.38 5.73
CA GLU D 27 34.15 -18.96 5.75
C GLU D 27 35.06 -18.51 6.89
N ASP D 28 36.05 -19.35 7.20
CA ASP D 28 37.00 -19.09 8.26
C ASP D 28 36.34 -18.70 9.58
N GLU D 29 35.17 -19.27 9.86
CA GLU D 29 34.43 -19.00 11.09
C GLU D 29 34.08 -17.51 11.24
N LYS D 30 33.93 -16.83 10.12
CA LYS D 30 33.47 -15.45 10.13
C LYS D 30 32.14 -15.37 10.89
N GLY D 31 31.99 -14.33 11.70
CA GLY D 31 30.74 -14.16 12.45
C GLY D 31 29.68 -13.58 11.54
N GLU D 32 28.42 -13.75 11.94
CA GLU D 32 27.31 -13.10 11.23
C GLU D 32 27.35 -11.58 11.44
N SER D 33 27.16 -10.84 10.35
CA SER D 33 27.03 -9.38 10.39
C SER D 33 25.56 -8.95 10.35
N ILE D 34 25.31 -7.68 10.63
CA ILE D 34 23.94 -7.17 10.54
C ILE D 34 23.39 -7.24 9.12
N TRP D 35 24.28 -7.20 8.13
CA TRP D 35 23.84 -7.36 6.73
C TRP D 35 23.54 -8.80 6.29
N ASP D 36 24.30 -9.74 6.85
CA ASP D 36 23.98 -11.16 6.67
C ASP D 36 22.59 -11.39 7.23
N ARG D 37 22.31 -10.81 8.40
CA ARG D 37 20.99 -10.92 9.03
C ARG D 37 19.90 -10.26 8.19
N PHE D 38 20.11 -8.99 7.87
CA PHE D 38 19.13 -8.17 7.15
C PHE D 38 18.80 -8.71 5.75
N SER D 39 19.82 -9.18 5.03
CA SER D 39 19.59 -9.69 3.69
C SER D 39 18.92 -11.09 3.67
N HIS D 40 18.94 -11.78 4.80
CA HIS D 40 18.30 -13.10 4.90
C HIS D 40 16.83 -13.03 5.32
N ILE D 41 16.35 -11.82 5.58
CA ILE D 41 14.96 -11.59 5.97
C ILE D 41 14.21 -11.03 4.76
N PRO D 42 13.13 -11.72 4.34
CA PRO D 42 12.37 -11.26 3.17
C PRO D 42 11.77 -9.88 3.41
N GLY D 43 11.68 -9.08 2.35
CA GLY D 43 11.15 -7.74 2.45
C GLY D 43 12.16 -6.62 2.60
N ASN D 44 13.42 -6.94 2.88
CA ASN D 44 14.45 -5.92 3.11
C ASN D 44 15.30 -5.51 1.90
N VAL D 45 15.58 -6.45 1.01
CA VAL D 45 16.44 -6.19 -0.14
C VAL D 45 15.69 -6.56 -1.43
N ALA D 46 15.80 -5.72 -2.46
CA ALA D 46 15.15 -6.01 -3.74
C ALA D 46 15.54 -7.41 -4.21
N LYS D 47 14.53 -8.12 -4.72
CA LYS D 47 14.67 -9.45 -5.31
C LYS D 47 15.19 -10.53 -4.35
N MET D 48 15.20 -10.21 -3.06
CA MET D 48 15.77 -11.13 -2.06
C MET D 48 17.25 -11.40 -2.27
N HIS D 49 17.94 -10.45 -2.89
CA HIS D 49 19.37 -10.60 -3.17
C HIS D 49 20.10 -10.53 -1.83
N ASN D 50 21.27 -11.15 -1.77
CA ASN D 50 22.08 -11.09 -0.55
C ASN D 50 23.56 -11.10 -0.91
N GLY D 51 24.42 -10.90 0.10
CA GLY D 51 25.86 -10.87 -0.10
C GLY D 51 26.59 -12.15 0.21
N ASP D 52 25.88 -13.28 0.22
CA ASP D 52 26.48 -14.57 0.53
C ASP D 52 27.65 -14.89 -0.39
N ILE D 53 27.46 -14.62 -1.68
CA ILE D 53 28.47 -14.93 -2.69
C ILE D 53 28.99 -13.66 -3.37
N ALA D 54 28.08 -12.78 -3.79
CA ALA D 54 28.45 -11.51 -4.39
C ALA D 54 29.39 -11.69 -5.58
N CYS D 55 30.51 -10.97 -5.59
CA CYS D 55 31.52 -11.12 -6.64
C CYS D 55 32.57 -12.19 -6.33
N ASP D 56 32.43 -12.87 -5.20
CA ASP D 56 33.36 -13.93 -4.80
C ASP D 56 34.79 -13.43 -4.73
N HIS D 57 34.97 -12.17 -4.33
CA HIS D 57 36.29 -11.55 -4.26
C HIS D 57 37.18 -12.24 -3.22
N TYR D 58 36.57 -12.79 -2.18
CA TYR D 58 37.32 -13.51 -1.16
C TYR D 58 38.18 -14.61 -1.80
N HIS D 59 37.59 -15.34 -2.76
CA HIS D 59 38.33 -16.36 -3.48
C HIS D 59 39.10 -15.85 -4.70
N ARG D 60 38.62 -14.74 -5.27
CA ARG D 60 39.15 -14.23 -6.53
C ARG D 60 40.08 -13.02 -6.44
N TYR D 61 40.59 -12.75 -5.25
CA TYR D 61 41.36 -11.54 -4.98
C TYR D 61 42.60 -11.38 -5.84
N LYS D 62 43.36 -12.46 -6.02
CA LYS D 62 44.56 -12.38 -6.85
C LYS D 62 44.26 -11.88 -8.27
N GLU D 63 43.24 -12.45 -8.91
CA GLU D 63 42.87 -12.04 -10.26
C GLU D 63 42.33 -10.62 -10.33
N ASP D 64 41.65 -10.22 -9.26
CA ASP D 64 41.12 -8.87 -9.15
C ASP D 64 42.27 -7.89 -8.97
N VAL D 65 43.29 -8.25 -8.18
CA VAL D 65 44.49 -7.41 -8.07
C VAL D 65 45.13 -7.25 -9.46
N GLN D 66 45.22 -8.33 -10.23
CA GLN D 66 45.81 -8.25 -11.57
C GLN D 66 45.00 -7.37 -12.51
N LEU D 67 43.69 -7.31 -12.28
CA LEU D 67 42.81 -6.46 -13.05
C LEU D 67 43.08 -4.98 -12.72
N LEU D 68 43.29 -4.68 -11.44
CA LEU D 68 43.63 -3.33 -11.02
C LEU D 68 44.93 -2.88 -11.68
N LYS D 69 45.91 -3.77 -11.63
CA LYS D 69 47.23 -3.49 -12.17
C LYS D 69 47.16 -3.26 -13.67
N SER D 70 46.26 -4.01 -14.30
CA SER D 70 46.03 -3.98 -15.75
C SER D 70 45.50 -2.62 -16.19
N LEU D 71 44.74 -1.99 -15.31
CA LEU D 71 44.13 -0.69 -15.54
C LEU D 71 45.03 0.48 -15.11
N GLY D 72 46.20 0.16 -14.59
CA GLY D 72 47.12 1.16 -14.08
C GLY D 72 46.59 1.90 -12.87
N ILE D 73 45.74 1.23 -12.09
CA ILE D 73 45.25 1.82 -10.84
C ILE D 73 46.29 1.61 -9.75
N LYS D 74 46.71 2.69 -9.09
CA LYS D 74 47.79 2.61 -8.11
C LYS D 74 47.32 2.80 -6.67
N SER D 75 46.05 3.12 -6.48
CA SER D 75 45.48 3.20 -5.13
C SER D 75 44.13 2.49 -5.09
N TYR D 76 43.95 1.63 -4.08
CA TYR D 76 42.72 0.87 -3.94
C TYR D 76 42.11 0.96 -2.53
N ARG D 77 40.90 1.49 -2.46
CA ARG D 77 40.19 1.57 -1.18
C ARG D 77 39.28 0.35 -1.05
N PHE D 78 39.43 -0.36 0.07
CA PHE D 78 38.60 -1.50 0.39
C PHE D 78 38.31 -1.46 1.88
N SER D 79 37.34 -2.25 2.33
CA SER D 79 37.09 -2.32 3.76
C SER D 79 37.39 -3.72 4.29
N ILE D 80 37.64 -3.74 5.58
CA ILE D 80 37.86 -4.97 6.34
C ILE D 80 36.57 -5.24 7.10
N ALA D 81 36.08 -6.47 6.98
CA ALA D 81 34.86 -6.89 7.66
C ALA D 81 35.20 -7.30 9.09
N TRP D 82 34.78 -6.47 10.03
CA TRP D 82 34.98 -6.68 11.45
C TRP D 82 34.65 -8.12 11.89
N PRO D 83 33.54 -8.72 11.43
CA PRO D 83 33.26 -10.09 11.87
C PRO D 83 34.20 -11.18 11.37
N ARG D 84 34.99 -10.91 10.33
CA ARG D 84 36.03 -11.87 9.97
C ARG D 84 37.13 -11.88 11.03
N ILE D 85 37.35 -10.73 11.66
CA ILE D 85 38.39 -10.54 12.67
C ILE D 85 37.92 -10.87 14.08
N PHE D 86 36.74 -10.36 14.45
CA PHE D 86 36.09 -10.66 15.72
C PHE D 86 34.68 -11.17 15.45
N PRO D 87 34.53 -12.50 15.31
CA PRO D 87 33.21 -13.04 14.99
C PRO D 87 32.11 -12.61 15.97
N LYS D 88 32.46 -12.39 17.23
CA LYS D 88 31.50 -11.92 18.22
C LYS D 88 31.61 -10.42 18.51
N GLY D 89 32.42 -9.73 17.71
CA GLY D 89 32.64 -8.29 17.91
C GLY D 89 33.81 -7.98 18.84
N PHE D 90 34.04 -8.86 19.80
CA PHE D 90 35.13 -8.71 20.75
C PHE D 90 35.59 -10.09 21.25
N GLY D 91 36.71 -10.09 21.96
CA GLY D 91 37.23 -11.30 22.57
C GLY D 91 38.22 -12.01 21.67
N GLU D 92 37.83 -13.23 21.28
CA GLU D 92 38.65 -14.15 20.50
C GLU D 92 38.93 -13.55 19.12
N ILE D 93 40.21 -13.43 18.79
CA ILE D 93 40.66 -12.90 17.50
C ILE D 93 40.70 -14.05 16.50
N ASN D 94 40.14 -13.82 15.31
CA ASN D 94 40.15 -14.84 14.27
C ASN D 94 41.35 -14.66 13.35
N GLN D 95 42.36 -15.51 13.54
CA GLN D 95 43.61 -15.35 12.79
C GLN D 95 43.49 -15.66 11.30
N LYS D 96 42.55 -16.54 10.95
CA LYS D 96 42.27 -16.82 9.54
C LYS D 96 41.76 -15.56 8.85
N GLY D 97 40.86 -14.83 9.52
CA GLY D 97 40.37 -13.56 9.00
C GLY D 97 41.46 -12.52 8.81
N ILE D 98 42.35 -12.42 9.80
CA ILE D 98 43.48 -11.50 9.71
C ILE D 98 44.37 -11.85 8.53
N GLN D 99 44.63 -13.15 8.34
CA GLN D 99 45.47 -13.66 7.27
C GLN D 99 44.90 -13.38 5.88
N PHE D 100 43.58 -13.42 5.74
CA PHE D 100 43.00 -13.05 4.46
C PHE D 100 43.42 -11.62 4.08
N TYR D 101 43.25 -10.69 5.01
CA TYR D 101 43.58 -9.29 4.73
C TYR D 101 45.09 -9.11 4.63
N ARG D 102 45.84 -9.84 5.44
CA ARG D 102 47.30 -9.84 5.28
C ARG D 102 47.64 -10.19 3.83
N ASP D 103 47.05 -11.26 3.31
CA ASP D 103 47.37 -11.76 1.96
C ASP D 103 46.90 -10.79 0.87
N LEU D 104 45.74 -10.18 1.07
CA LEU D 104 45.22 -9.17 0.15
C LEU D 104 46.14 -7.95 0.11
N ILE D 105 46.51 -7.47 1.28
CA ILE D 105 47.39 -6.32 1.39
C ILE D 105 48.74 -6.60 0.73
N ASP D 106 49.34 -7.75 1.01
CA ASP D 106 50.64 -8.06 0.43
C ASP D 106 50.55 -8.22 -1.09
N GLU D 107 49.42 -8.72 -1.59
CA GLU D 107 49.18 -8.84 -3.02
C GLU D 107 49.11 -7.47 -3.70
N LEU D 108 48.46 -6.51 -3.07
CA LEU D 108 48.35 -5.15 -3.62
C LEU D 108 49.75 -4.52 -3.66
N ILE D 109 50.47 -4.60 -2.54
CA ILE D 109 51.80 -4.02 -2.45
C ILE D 109 52.77 -4.66 -3.45
N LYS D 110 52.67 -5.97 -3.63
CA LYS D 110 53.55 -6.72 -4.55
C LYS D 110 53.31 -6.25 -5.98
N ASN D 111 52.11 -5.72 -6.23
CA ASN D 111 51.73 -5.24 -7.54
C ASN D 111 51.65 -3.71 -7.63
N ASP D 112 52.35 -3.05 -6.71
CA ASP D 112 52.55 -1.60 -6.71
C ASP D 112 51.25 -0.82 -6.61
N ILE D 113 50.32 -1.36 -5.82
CA ILE D 113 49.05 -0.70 -5.58
C ILE D 113 48.99 -0.31 -4.10
N GLU D 114 48.64 0.94 -3.85
CA GLU D 114 48.62 1.45 -2.48
C GLU D 114 47.26 1.19 -1.84
N PRO D 115 47.25 0.47 -0.70
CA PRO D 115 45.98 0.19 -0.02
C PRO D 115 45.48 1.33 0.87
N ALA D 116 44.19 1.65 0.77
CA ALA D 116 43.53 2.63 1.65
C ALA D 116 42.40 1.82 2.29
N ILE D 117 42.36 1.73 3.62
CA ILE D 117 41.43 0.81 4.27
C ILE D 117 40.33 1.47 5.07
N THR D 118 39.07 1.13 4.77
CA THR D 118 37.93 1.61 5.54
C THR D 118 37.73 0.58 6.65
N ILE D 119 37.81 1.02 7.90
CA ILE D 119 37.74 0.11 9.03
C ILE D 119 36.32 -0.40 9.24
N TYR D 120 35.34 0.49 9.11
CA TYR D 120 33.93 0.15 9.23
C TYR D 120 33.14 0.60 8.01
N HIS D 121 32.61 -0.37 7.29
CA HIS D 121 31.73 -0.12 6.15
C HIS D 121 30.41 -0.90 6.30
N TRP D 122 29.74 -0.66 7.43
CA TRP D 122 28.36 -1.04 7.71
C TRP D 122 28.08 -2.46 8.19
N ASP D 123 29.13 -3.27 8.35
CA ASP D 123 28.96 -4.68 8.66
C ASP D 123 29.26 -4.99 10.12
N LEU D 124 28.53 -4.33 11.01
CA LEU D 124 28.66 -4.57 12.44
C LEU D 124 28.41 -6.07 12.70
N PRO D 125 29.24 -6.73 13.52
CA PRO D 125 28.91 -8.09 13.89
C PRO D 125 27.51 -8.13 14.52
N GLN D 126 26.69 -9.10 14.16
CA GLN D 126 25.33 -9.19 14.70
C GLN D 126 25.29 -9.36 16.22
N LYS D 127 26.28 -10.05 16.78
CA LYS D 127 26.33 -10.21 18.23
C LYS D 127 26.42 -8.86 18.94
N LEU D 128 26.97 -7.84 18.27
CA LEU D 128 26.99 -6.49 18.83
C LEU D 128 25.65 -5.77 18.69
N GLN D 129 24.93 -6.02 17.60
CA GLN D 129 23.57 -5.48 17.49
C GLN D 129 22.68 -6.10 18.56
N ASP D 130 22.94 -7.35 18.93
CA ASP D 130 22.21 -7.99 20.03
C ASP D 130 22.41 -7.22 21.34
N ILE D 131 23.49 -6.43 21.44
CA ILE D 131 23.67 -5.58 22.63
C ILE D 131 23.41 -4.10 22.36
N GLY D 132 22.59 -3.81 21.36
CA GLY D 132 22.14 -2.45 21.06
C GLY D 132 22.80 -1.84 19.84
N GLY D 133 23.83 -2.49 19.30
CA GLY D 133 24.58 -1.94 18.17
C GLY D 133 25.12 -0.56 18.51
N TRP D 134 25.01 0.35 17.56
CA TRP D 134 25.51 1.71 17.73
C TRP D 134 24.76 2.57 18.73
N ALA D 135 23.63 2.11 19.26
CA ALA D 135 22.99 2.81 20.37
C ALA D 135 23.74 2.65 21.70
N ASN D 136 24.66 1.69 21.79
CA ASN D 136 25.37 1.33 23.03
C ASN D 136 26.82 1.81 22.91
N PRO D 137 27.24 2.74 23.79
CA PRO D 137 28.61 3.25 23.72
C PRO D 137 29.66 2.16 23.93
N GLN D 138 29.31 1.04 24.54
CA GLN D 138 30.25 -0.07 24.68
C GLN D 138 30.68 -0.59 23.31
N VAL D 139 29.78 -0.46 22.33
CA VAL D 139 30.06 -0.88 20.96
C VAL D 139 31.12 0.01 20.31
N ALA D 140 31.07 1.29 20.63
CA ALA D 140 32.08 2.24 20.17
C ALA D 140 33.43 1.87 20.79
N ASP D 141 33.47 1.42 22.05
CA ASP D 141 34.73 0.97 22.63
C ASP D 141 35.25 -0.35 22.00
N TYR D 142 34.35 -1.25 21.66
CA TYR D 142 34.78 -2.50 20.98
C TYR D 142 35.35 -2.18 19.61
N TYR D 143 34.75 -1.20 18.93
CA TYR D 143 35.26 -0.73 17.64
C TYR D 143 36.70 -0.23 17.72
N VAL D 144 37.01 0.53 18.76
CA VAL D 144 38.34 1.09 18.98
C VAL D 144 39.35 -0.04 19.19
N ASP D 145 39.00 -1.03 19.99
CA ASP D 145 39.87 -2.20 20.17
C ASP D 145 40.14 -2.89 18.82
N TYR D 146 39.09 -3.00 18.03
CA TYR D 146 39.18 -3.52 16.67
C TYR D 146 40.08 -2.65 15.78
N ALA D 147 39.83 -1.34 15.72
CA ALA D 147 40.67 -0.42 14.96
C ALA D 147 42.15 -0.53 15.39
N ASN D 148 42.40 -0.59 16.70
CA ASN D 148 43.76 -0.74 17.22
C ASN D 148 44.50 -1.99 16.77
N LEU D 149 43.79 -3.11 16.75
CA LEU D 149 44.36 -4.37 16.28
C LEU D 149 44.75 -4.19 14.81
N LEU D 150 43.89 -3.53 14.03
CA LEU D 150 44.21 -3.34 12.61
C LEU D 150 45.44 -2.47 12.40
N PHE D 151 45.56 -1.41 13.20
CA PHE D 151 46.74 -0.55 13.12
C PHE D 151 47.98 -1.35 13.48
N ARG D 152 47.91 -2.14 14.53
CA ARG D 152 49.08 -2.87 15.00
C ARG D 152 49.50 -3.97 14.02
N GLU D 153 48.52 -4.60 13.39
CA GLU D 153 48.77 -5.65 12.40
C GLU D 153 49.25 -5.15 11.04
N PHE D 154 48.64 -4.08 10.54
CA PHE D 154 48.88 -3.63 9.16
C PHE D 154 49.42 -2.21 8.97
N GLY D 155 49.56 -1.46 10.07
CA GLY D 155 49.99 -0.07 10.01
C GLY D 155 51.35 0.26 9.42
N ASP D 156 52.26 -0.72 9.49
CA ASP D 156 53.58 -0.58 8.89
C ASP D 156 53.48 -0.56 7.36
N ARG D 157 52.42 -1.13 6.81
CA ARG D 157 52.24 -1.27 5.36
C ARG D 157 51.10 -0.46 4.75
N VAL D 158 50.10 -0.15 5.58
CA VAL D 158 48.91 0.58 5.13
C VAL D 158 49.03 2.00 5.67
N LYS D 159 48.98 2.99 4.78
CA LYS D 159 49.26 4.35 5.20
C LYS D 159 48.08 5.29 5.08
N THR D 160 46.92 4.74 4.72
CA THR D 160 45.68 5.51 4.62
C THR D 160 44.56 4.70 5.26
N TRP D 161 43.95 5.29 6.29
CA TRP D 161 42.92 4.68 7.10
C TRP D 161 41.67 5.56 7.12
N ILE D 162 40.52 4.95 6.85
CA ILE D 162 39.22 5.60 6.93
C ILE D 162 38.44 4.94 8.08
N THR D 163 38.14 5.69 9.13
CA THR D 163 37.48 5.09 10.29
C THR D 163 36.09 4.54 9.95
N HIS D 164 35.30 5.38 9.30
CA HIS D 164 33.92 5.07 9.00
C HIS D 164 33.54 5.52 7.60
N ASN D 165 32.74 4.68 6.94
CA ASN D 165 32.10 5.07 5.69
C ASN D 165 30.68 5.57 5.93
N GLU D 166 30.43 6.81 5.51
CA GLU D 166 29.11 7.45 5.50
C GLU D 166 28.33 7.19 6.79
N PRO D 167 28.78 7.77 7.91
CA PRO D 167 28.01 7.55 9.14
C PRO D 167 26.58 8.08 9.10
N TRP D 168 26.29 9.04 8.22
CA TRP D 168 24.94 9.58 8.08
C TRP D 168 24.01 8.49 7.55
N VAL D 169 24.51 7.74 6.58
CA VAL D 169 23.73 6.66 6.01
C VAL D 169 23.53 5.51 7.00
N ALA D 170 24.61 5.06 7.63
CA ALA D 170 24.48 3.99 8.64
C ALA D 170 23.51 4.34 9.76
N SER D 171 23.58 5.58 10.24
CA SER D 171 22.69 5.97 11.33
C SER D 171 21.27 6.27 10.83
N TYR D 172 21.15 7.08 9.78
CA TYR D 172 19.83 7.47 9.29
C TYR D 172 19.09 6.35 8.56
N LEU D 173 19.75 5.71 7.60
CA LEU D 173 19.06 4.62 6.90
C LEU D 173 18.96 3.38 7.77
N GLY D 174 19.92 3.13 8.66
CA GLY D 174 19.84 1.92 9.47
C GLY D 174 19.01 2.01 10.74
N TYR D 175 18.96 3.18 11.37
CA TYR D 175 18.26 3.34 12.64
C TYR D 175 17.04 4.27 12.64
N ALA D 176 16.86 5.08 11.59
CA ALA D 176 15.69 5.96 11.54
C ALA D 176 14.70 5.57 10.46
N LEU D 177 15.18 5.22 9.28
CA LEU D 177 14.26 4.88 8.19
C LEU D 177 14.02 3.37 8.07
N GLY D 178 14.90 2.57 8.67
CA GLY D 178 14.80 1.11 8.64
C GLY D 178 15.05 0.50 7.27
N VAL D 179 15.68 1.25 6.36
CA VAL D 179 15.88 0.73 5.01
C VAL D 179 17.20 -0.02 4.86
N HIS D 180 18.12 0.20 5.79
CA HIS D 180 19.40 -0.49 5.81
C HIS D 180 19.53 -1.24 7.12
N ALA D 181 20.38 -2.25 7.18
CA ALA D 181 20.68 -2.91 8.44
C ALA D 181 21.07 -1.89 9.52
N PRO D 182 20.62 -2.06 10.77
CA PRO D 182 19.83 -3.16 11.30
C PRO D 182 18.31 -3.04 11.11
N GLY D 183 17.83 -2.01 10.44
CA GLY D 183 16.40 -1.92 10.10
C GLY D 183 15.48 -1.33 11.15
N ILE D 184 16.05 -0.48 12.01
CA ILE D 184 15.33 0.18 13.10
C ILE D 184 14.71 1.48 12.58
N LYS D 185 13.60 1.90 13.16
CA LYS D 185 12.89 3.10 12.71
C LYS D 185 12.62 4.07 13.85
N ASP D 186 13.69 4.65 14.40
CA ASP D 186 13.58 5.52 15.58
C ASP D 186 14.61 6.64 15.42
N MET D 187 14.16 7.81 14.98
CA MET D 187 15.06 8.94 14.76
C MET D 187 15.92 9.33 15.96
N LYS D 188 15.31 9.34 17.14
CA LYS D 188 16.01 9.64 18.38
C LYS D 188 17.16 8.66 18.61
N MET D 189 16.89 7.38 18.38
CA MET D 189 17.93 6.36 18.49
C MET D 189 18.97 6.51 17.38
N ALA D 190 18.53 6.88 16.19
CA ALA D 190 19.46 7.11 15.09
C ALA D 190 20.46 8.22 15.40
N LEU D 191 20.00 9.27 16.09
CA LEU D 191 20.91 10.37 16.44
C LEU D 191 21.91 9.93 17.50
N LEU D 192 21.47 9.07 18.42
CA LEU D 192 22.35 8.46 19.43
C LEU D 192 23.35 7.55 18.73
N ALA D 193 22.89 6.76 17.75
CA ALA D 193 23.77 5.90 16.97
C ALA D 193 24.87 6.73 16.27
N ALA D 194 24.45 7.79 15.58
CA ALA D 194 25.37 8.73 14.95
C ALA D 194 26.39 9.28 15.95
N HIS D 195 25.91 9.63 17.15
CA HIS D 195 26.79 10.16 18.17
C HIS D 195 27.89 9.17 18.55
N ASN D 196 27.51 7.91 18.78
CA ASN D 196 28.45 6.88 19.19
C ASN D 196 29.40 6.49 18.06
N ILE D 197 28.90 6.55 16.84
CA ILE D 197 29.78 6.35 15.69
C ILE D 197 30.87 7.43 15.68
N LEU D 198 30.46 8.69 15.87
CA LEU D 198 31.43 9.78 15.96
C LEU D 198 32.41 9.60 17.12
N LEU D 199 31.94 9.20 18.30
CA LEU D 199 32.85 8.94 19.41
C LEU D 199 33.86 7.87 19.02
N SER D 200 33.38 6.82 18.35
CA SER D 200 34.24 5.72 17.92
C SER D 200 35.30 6.26 16.97
N HIS D 201 34.88 7.16 16.08
CA HIS D 201 35.83 7.78 15.15
C HIS D 201 36.92 8.55 15.89
N PHE D 202 36.51 9.41 16.82
CA PHE D 202 37.48 10.21 17.57
C PHE D 202 38.45 9.36 18.36
N LYS D 203 37.96 8.30 18.99
CA LYS D 203 38.80 7.47 19.85
C LYS D 203 39.75 6.64 19.00
N ALA D 204 39.32 6.26 17.81
CA ALA D 204 40.20 5.54 16.88
C ALA D 204 41.32 6.47 16.39
N VAL D 205 40.98 7.71 16.07
CA VAL D 205 42.01 8.67 15.69
C VAL D 205 43.00 8.85 16.84
N LYS D 206 42.50 9.05 18.06
CA LYS D 206 43.38 9.16 19.21
C LYS D 206 44.31 7.95 19.31
N ALA D 207 43.75 6.77 19.14
CA ALA D 207 44.50 5.52 19.25
C ALA D 207 45.61 5.48 18.19
N TYR D 208 45.25 5.90 16.98
CA TYR D 208 46.21 6.01 15.87
C TYR D 208 47.38 6.95 16.18
N ARG D 209 47.09 8.11 16.76
CA ARG D 209 48.14 9.09 17.11
C ARG D 209 49.15 8.49 18.08
N GLU D 210 48.64 7.76 19.06
CA GLU D 210 49.44 7.10 20.08
C GLU D 210 50.53 6.21 19.48
N LEU D 211 50.16 5.50 18.42
CA LEU D 211 51.05 4.54 17.77
C LEU D 211 52.23 5.12 17.00
N GLU D 212 52.12 6.39 16.65
CA GLU D 212 53.18 7.14 15.97
C GLU D 212 53.65 6.47 14.68
N GLN D 213 52.67 6.07 13.87
CA GLN D 213 52.92 5.54 12.53
C GLN D 213 52.87 6.74 11.61
N ASP D 214 53.35 6.59 10.38
CA ASP D 214 53.52 7.77 9.55
C ASP D 214 52.46 7.96 8.47
N GLY D 215 51.29 7.34 8.65
CA GLY D 215 50.22 7.44 7.66
C GLY D 215 49.17 8.48 8.02
N GLN D 216 48.02 8.44 7.36
CA GLN D 216 46.97 9.42 7.60
C GLN D 216 45.64 8.75 7.90
N ILE D 217 44.82 9.39 8.73
CA ILE D 217 43.52 8.83 9.10
C ILE D 217 42.48 9.92 9.01
N GLY D 218 41.26 9.54 8.62
CA GLY D 218 40.14 10.47 8.54
C GLY D 218 38.84 9.70 8.42
N ILE D 219 37.76 10.44 8.14
CA ILE D 219 36.43 9.86 8.02
C ILE D 219 35.91 10.15 6.60
N THR D 220 35.02 9.30 6.10
CA THR D 220 34.39 9.48 4.80
C THR D 220 32.92 9.84 5.01
N LEU D 221 32.51 10.97 4.45
CA LEU D 221 31.15 11.46 4.59
C LEU D 221 30.42 11.51 3.24
N ASN D 222 29.16 11.11 3.22
CA ASN D 222 28.33 11.30 2.02
C ASN D 222 27.80 12.73 2.11
N LEU D 223 28.00 13.48 1.04
CA LEU D 223 27.68 14.89 1.04
C LEU D 223 26.94 15.21 -0.25
N SER D 224 25.87 16.00 -0.15
CA SER D 224 25.09 16.34 -1.34
C SER D 224 24.77 17.83 -1.29
N THR D 225 25.34 18.58 -2.22
CA THR D 225 25.15 20.03 -2.34
C THR D 225 23.66 20.39 -2.46
N CYS D 226 23.22 21.30 -1.60
CA CYS D 226 21.81 21.70 -1.57
C CYS D 226 21.57 23.04 -2.26
N TYR D 227 20.54 23.08 -3.10
CA TYR D 227 20.17 24.29 -3.83
C TYR D 227 18.70 24.60 -3.54
N SER D 228 18.41 25.89 -3.49
CA SER D 228 17.05 26.36 -3.28
C SER D 228 16.29 26.23 -4.59
N ASN D 229 15.01 25.86 -4.49
CA ASN D 229 14.13 25.75 -5.64
C ASN D 229 13.74 27.09 -6.27
N SER D 230 13.91 28.18 -5.53
CA SER D 230 13.56 29.53 -5.97
C SER D 230 14.34 30.56 -5.15
N ALA D 231 14.21 31.83 -5.51
CA ALA D 231 14.87 32.90 -4.76
C ALA D 231 14.07 33.34 -3.54
N ASP D 232 12.92 32.69 -3.30
CA ASP D 232 12.11 32.98 -2.11
C ASP D 232 12.86 32.71 -0.81
N GLU D 233 12.77 33.63 0.13
CA GLU D 233 13.47 33.52 1.42
C GLU D 233 13.23 32.18 2.11
N GLU D 234 11.99 31.69 2.00
CA GLU D 234 11.60 30.46 2.67
C GLU D 234 12.23 29.21 2.07
N ASP D 235 12.39 29.19 0.75
CA ASP D 235 13.01 28.09 0.05
C ASP D 235 14.52 28.08 0.29
N ILE D 236 15.11 29.26 0.33
CA ILE D 236 16.52 29.40 0.65
C ILE D 236 16.76 28.90 2.07
N ALA D 237 15.87 29.24 2.99
CA ALA D 237 15.98 28.81 4.37
C ALA D 237 15.80 27.28 4.45
N ALA D 238 14.88 26.75 3.66
CA ALA D 238 14.64 25.30 3.59
C ALA D 238 15.88 24.55 3.09
N ALA D 239 16.57 25.11 2.10
CA ALA D 239 17.77 24.50 1.55
C ALA D 239 18.88 24.48 2.59
N HIS D 240 18.93 25.53 3.43
CA HIS D 240 19.93 25.61 4.49
C HIS D 240 19.68 24.56 5.56
N ARG D 241 18.41 24.36 5.91
CA ARG D 241 17.99 23.30 6.83
C ARG D 241 18.37 21.94 6.26
N SER D 242 18.08 21.70 4.99
CA SER D 242 18.42 20.43 4.38
C SER D 242 19.94 20.27 4.32
N ASP D 243 20.66 21.35 4.10
CA ASP D 243 22.13 21.32 4.13
C ASP D 243 22.63 21.00 5.55
N GLY D 244 21.92 21.51 6.55
CA GLY D 244 22.22 21.18 7.94
C GLY D 244 22.25 19.69 8.25
N TRP D 245 21.26 18.96 7.76
CA TRP D 245 21.16 17.52 8.01
C TRP D 245 22.05 16.73 7.05
N ASN D 246 21.91 16.99 5.76
CA ASN D 246 22.74 16.25 4.79
C ASN D 246 24.24 16.42 4.99
N ASN D 247 24.67 17.64 5.30
CA ASN D 247 26.08 17.98 5.21
C ASN D 247 26.69 18.46 6.53
N ARG D 248 26.06 19.44 7.16
CA ARG D 248 26.66 20.09 8.32
C ARG D 248 26.70 19.27 9.61
N TRP D 249 25.71 18.40 9.80
CA TRP D 249 25.67 17.59 11.01
C TRP D 249 27.00 16.86 11.21
N PHE D 250 27.42 16.11 10.19
CA PHE D 250 28.66 15.35 10.26
C PHE D 250 29.92 16.16 9.90
N LEU D 251 29.81 17.14 9.00
CA LEU D 251 30.97 17.98 8.71
C LEU D 251 31.42 18.77 9.93
N ASP D 252 30.46 19.41 10.59
CA ASP D 252 30.79 20.18 11.78
C ASP D 252 31.39 19.25 12.83
N ALA D 253 30.76 18.09 13.01
CA ALA D 253 31.20 17.16 14.05
C ALA D 253 32.62 16.69 13.78
N ALA D 254 32.87 16.20 12.56
CA ALA D 254 34.16 15.63 12.19
C ALA D 254 35.26 16.67 12.08
N LEU D 255 34.91 17.84 11.55
CA LEU D 255 35.92 18.86 11.32
C LEU D 255 36.08 19.81 12.51
N LYS D 256 34.97 20.14 13.19
CA LYS D 256 35.02 21.12 14.28
C LYS D 256 34.72 20.55 15.66
N GLY D 257 34.13 19.37 15.73
CA GLY D 257 33.85 18.69 16.99
C GLY D 257 32.60 19.17 17.71
N THR D 258 31.67 19.75 16.95
CA THR D 258 30.37 20.16 17.50
C THR D 258 29.29 20.00 16.43
N TYR D 259 28.03 19.87 16.88
CA TYR D 259 26.91 19.77 15.96
C TYR D 259 26.43 21.19 15.66
N PRO D 260 25.77 21.40 14.51
CA PRO D 260 25.28 22.74 14.19
C PRO D 260 24.12 23.13 15.10
N GLU D 261 24.21 24.32 15.67
CA GLU D 261 23.18 24.81 16.59
C GLU D 261 21.79 24.93 15.96
N ASP D 262 21.70 25.32 14.69
CA ASP D 262 20.38 25.45 14.07
C ASP D 262 19.64 24.12 14.01
N MET D 263 20.39 23.04 13.75
CA MET D 263 19.82 21.69 13.66
C MET D 263 19.52 21.13 15.05
N ILE D 264 20.40 21.36 16.03
CA ILE D 264 20.08 20.95 17.38
C ILE D 264 18.74 21.53 17.82
N LYS D 265 18.51 22.81 17.53
CA LYS D 265 17.27 23.46 17.93
C LYS D 265 16.05 22.85 17.25
N ILE D 266 16.13 22.59 15.94
CA ILE D 266 15.02 21.99 15.21
C ILE D 266 14.72 20.59 15.75
N PHE D 267 15.77 19.80 15.96
CA PHE D 267 15.63 18.46 16.50
C PHE D 267 15.06 18.46 17.93
N SER D 268 15.49 19.44 18.73
CA SER D 268 15.00 19.59 20.11
C SER D 268 13.55 20.06 20.16
N ASP D 269 13.21 21.03 19.31
CA ASP D 269 11.86 21.59 19.26
C ASP D 269 10.82 20.57 18.78
N THR D 270 11.25 19.59 18.00
CA THR D 270 10.38 18.51 17.53
C THR D 270 10.51 17.25 18.40
N ASN D 271 11.27 17.36 19.48
CA ASN D 271 11.44 16.27 20.44
C ASN D 271 11.97 14.97 19.84
N ILE D 272 12.95 15.09 18.96
CA ILE D 272 13.60 13.91 18.41
C ILE D 272 15.07 13.87 18.81
N MET D 273 15.53 14.94 19.46
CA MET D 273 16.92 15.04 19.88
C MET D 273 17.11 14.16 21.11
N PRO D 274 18.03 13.18 21.04
CA PRO D 274 18.24 12.32 22.20
C PRO D 274 18.99 13.09 23.28
N GLU D 275 18.85 12.66 24.54
CA GLU D 275 19.65 13.23 25.62
C GLU D 275 21.03 12.59 25.54
N LEU D 276 21.99 13.30 24.95
CA LEU D 276 23.36 12.80 24.79
C LEU D 276 24.19 13.09 26.03
N PRO D 277 25.32 12.38 26.22
CA PRO D 277 26.12 12.73 27.39
C PRO D 277 26.51 14.20 27.33
N LYS D 278 26.51 14.83 28.50
CA LYS D 278 26.79 16.25 28.67
C LYS D 278 28.12 16.65 28.04
N GLU D 279 29.14 15.80 28.20
CA GLU D 279 30.47 16.08 27.65
C GLU D 279 30.55 16.17 26.12
N LEU D 280 29.53 15.72 25.39
CA LEU D 280 29.49 15.76 23.92
C LEU D 280 30.83 15.32 23.34
N PHE D 281 31.48 16.08 22.45
CA PHE D 281 32.81 15.68 21.98
C PHE D 281 34.01 16.28 22.72
N THR D 282 33.76 16.93 23.85
CA THR D 282 34.81 17.68 24.54
C THR D 282 35.98 16.89 25.12
N GLU D 283 35.75 15.65 25.56
CA GLU D 283 36.81 14.84 26.14
C GLU D 283 37.64 14.10 25.09
N VAL D 284 37.06 13.92 23.90
CA VAL D 284 37.63 13.07 22.87
C VAL D 284 38.01 13.67 21.51
N PHE D 285 37.56 14.89 21.20
CA PHE D 285 37.82 15.44 19.88
C PHE D 285 39.27 15.32 19.42
N GLU D 286 39.44 14.97 18.15
CA GLU D 286 40.74 14.80 17.52
C GLU D 286 40.57 15.19 16.06
N THR D 287 41.48 16.03 15.55
CA THR D 287 41.41 16.43 14.15
C THR D 287 41.91 15.30 13.24
N SER D 288 41.27 15.17 12.08
CA SER D 288 41.64 14.19 11.06
C SER D 288 42.76 14.73 10.15
N ASP D 289 43.50 13.83 9.50
CA ASP D 289 44.49 14.23 8.51
C ASP D 289 43.86 14.61 7.18
N PHE D 290 42.70 14.03 6.88
CA PHE D 290 41.99 14.31 5.63
C PHE D 290 40.50 14.10 5.84
N LEU D 291 39.68 14.62 4.93
CA LEU D 291 38.26 14.30 4.86
C LEU D 291 37.99 13.52 3.57
N GLY D 292 37.27 12.41 3.69
CA GLY D 292 36.88 11.62 2.53
C GLY D 292 35.50 12.11 2.15
N ILE D 293 35.32 12.39 0.86
CA ILE D 293 34.04 12.91 0.36
C ILE D 293 33.41 11.89 -0.57
N ASN D 294 32.17 11.50 -0.29
CA ASN D 294 31.41 10.63 -1.19
C ASN D 294 30.34 11.52 -1.82
N TYR D 295 30.47 11.83 -3.11
CA TYR D 295 29.55 12.73 -3.79
C TYR D 295 28.91 12.02 -4.98
N TYR D 296 27.60 12.18 -5.14
CA TYR D 296 26.87 11.55 -6.24
C TYR D 296 25.90 12.48 -6.95
N THR D 297 25.29 13.39 -6.20
CA THR D 297 24.20 14.21 -6.73
C THR D 297 23.90 15.40 -5.83
N ARG D 298 23.00 16.26 -6.28
CA ARG D 298 22.59 17.42 -5.52
C ARG D 298 21.16 17.24 -4.98
N GLN D 299 20.71 18.18 -4.15
CA GLN D 299 19.32 18.24 -3.74
C GLN D 299 18.79 19.61 -4.11
N VAL D 300 17.61 19.65 -4.72
CA VAL D 300 16.92 20.92 -4.95
C VAL D 300 15.80 20.94 -3.92
N VAL D 301 15.74 21.99 -3.12
CA VAL D 301 14.90 21.98 -1.93
C VAL D 301 13.91 23.13 -1.91
N LYS D 302 12.68 22.82 -1.50
CA LYS D 302 11.69 23.87 -1.27
C LYS D 302 11.12 23.72 0.13
N ASN D 303 10.54 24.81 0.61
CA ASN D 303 9.92 24.82 1.93
C ASN D 303 8.69 23.92 1.96
N ASN D 304 8.59 23.10 3.00
CA ASN D 304 7.37 22.35 3.31
C ASN D 304 7.25 22.29 4.82
N SER D 305 6.45 23.18 5.41
CA SER D 305 6.37 23.28 6.85
C SER D 305 5.78 22.04 7.51
N GLU D 306 5.22 21.15 6.71
CA GLU D 306 4.66 19.89 7.17
C GLU D 306 5.64 18.73 7.07
N ALA D 307 6.77 18.94 6.38
CA ALA D 307 7.75 17.88 6.17
C ALA D 307 8.85 17.87 7.23
N PHE D 308 9.62 16.79 7.28
CA PHE D 308 10.75 16.70 8.19
C PHE D 308 11.73 17.85 7.89
N ILE D 309 12.20 18.49 8.95
CA ILE D 309 13.03 19.69 8.92
C ILE D 309 12.52 20.81 8.01
N GLY D 310 11.21 20.85 7.78
CA GLY D 310 10.58 21.87 6.93
C GLY D 310 11.07 21.93 5.50
N ALA D 311 11.58 20.81 5.00
CA ALA D 311 12.22 20.77 3.69
C ALA D 311 11.71 19.61 2.84
N GLU D 312 11.49 19.87 1.55
CA GLU D 312 11.11 18.83 0.62
C GLU D 312 12.04 18.90 -0.59
N SER D 313 12.65 17.78 -0.97
CA SER D 313 13.50 17.78 -2.15
C SER D 313 12.62 17.66 -3.39
N VAL D 314 12.96 18.42 -4.42
CA VAL D 314 12.15 18.51 -5.63
C VAL D 314 12.68 17.55 -6.69
N ALA D 315 11.76 16.81 -7.31
CA ALA D 315 12.10 15.90 -8.40
C ALA D 315 12.37 16.74 -9.65
N MET D 316 13.60 16.68 -10.13
CA MET D 316 13.98 17.47 -11.29
C MET D 316 13.69 16.60 -12.52
N ASP D 317 13.51 17.26 -13.66
CA ASP D 317 13.21 16.55 -14.91
C ASP D 317 14.45 16.51 -15.81
N ASN D 318 15.60 16.26 -15.18
CA ASN D 318 16.90 16.26 -15.83
C ASN D 318 17.46 14.84 -15.87
N PRO D 319 18.48 14.60 -16.72
CA PRO D 319 19.06 13.27 -16.77
C PRO D 319 19.49 12.75 -15.40
N LYS D 320 19.24 11.46 -15.17
CA LYS D 320 19.52 10.84 -13.89
C LYS D 320 20.05 9.42 -14.11
N THR D 321 20.66 8.87 -13.06
CA THR D 321 21.21 7.53 -13.11
C THR D 321 20.09 6.53 -12.86
N GLU D 322 20.44 5.25 -12.82
CA GLU D 322 19.49 4.20 -12.48
C GLU D 322 19.06 4.24 -11.03
N MET D 323 19.76 5.03 -10.21
CA MET D 323 19.36 5.23 -8.82
C MET D 323 18.27 6.29 -8.72
N GLY D 324 18.02 6.98 -9.83
CA GLY D 324 17.07 8.09 -9.87
C GLY D 324 17.76 9.38 -9.45
N TRP D 325 19.09 9.34 -9.38
CA TRP D 325 19.84 10.50 -8.90
C TRP D 325 20.20 11.44 -10.04
N GLU D 326 19.87 12.72 -9.89
CA GLU D 326 20.17 13.73 -10.90
C GLU D 326 21.67 13.78 -11.18
N ILE D 327 22.03 13.82 -12.45
CA ILE D 327 23.43 13.96 -12.82
C ILE D 327 23.80 15.46 -12.77
N TYR D 328 24.63 15.85 -11.81
CA TYR D 328 24.91 17.28 -11.57
C TYR D 328 26.36 17.53 -11.12
N PRO D 329 27.32 17.49 -12.07
CA PRO D 329 28.74 17.67 -11.76
C PRO D 329 29.09 19.04 -11.16
N GLN D 330 28.31 20.07 -11.46
CA GLN D 330 28.51 21.36 -10.80
C GLN D 330 28.42 21.30 -9.28
N GLY D 331 27.56 20.43 -8.76
CA GLY D 331 27.44 20.24 -7.31
C GLY D 331 28.74 19.78 -6.68
N LEU D 332 29.56 19.06 -7.44
CA LEU D 332 30.86 18.60 -6.94
C LEU D 332 31.82 19.77 -6.77
N TYR D 333 31.90 20.60 -7.80
CA TYR D 333 32.74 21.79 -7.73
C TYR D 333 32.28 22.68 -6.57
N ASP D 334 30.97 22.91 -6.50
CA ASP D 334 30.38 23.74 -5.45
C ASP D 334 30.66 23.21 -4.05
N LEU D 335 30.58 21.89 -3.90
CA LEU D 335 30.80 21.26 -2.60
C LEU D 335 32.27 21.38 -2.19
N LEU D 336 33.19 21.08 -3.12
CA LEU D 336 34.62 21.14 -2.83
C LEU D 336 35.06 22.55 -2.42
N THR D 337 34.56 23.55 -3.12
CA THR D 337 34.92 24.93 -2.81
C THR D 337 34.28 25.38 -1.50
N ARG D 338 33.06 24.91 -1.23
CA ARG D 338 32.40 25.23 0.03
C ARG D 338 33.18 24.68 1.22
N ILE D 339 33.62 23.43 1.14
CA ILE D 339 34.36 22.82 2.24
C ILE D 339 35.67 23.58 2.49
N HIS D 340 36.38 23.91 1.42
CA HIS D 340 37.61 24.69 1.49
C HIS D 340 37.42 26.03 2.20
N ARG D 341 36.35 26.73 1.82
CA ARG D 341 35.97 28.03 2.36
C ARG D 341 35.51 28.00 3.81
N ASP D 342 34.65 27.03 4.12
CA ASP D 342 34.03 26.92 5.43
C ASP D 342 34.89 26.31 6.54
N TYR D 343 35.81 25.42 6.18
CA TYR D 343 36.52 24.68 7.21
C TYR D 343 38.03 24.95 7.27
N GLY D 344 38.55 25.52 6.20
CA GLY D 344 39.97 25.85 6.23
C GLY D 344 40.78 24.58 6.07
N ASN D 345 42.09 24.73 6.03
CA ASN D 345 42.89 23.67 5.48
C ASN D 345 42.86 22.26 6.09
N ILE D 346 42.31 21.37 5.28
CA ILE D 346 42.37 19.94 5.50
C ILE D 346 42.42 19.28 4.13
N ASP D 347 43.36 18.36 3.94
CA ASP D 347 43.38 17.53 2.73
C ASP D 347 42.03 16.87 2.45
N LEU D 348 41.65 16.89 1.19
CA LEU D 348 40.41 16.29 0.73
C LEU D 348 40.69 15.13 -0.23
N TYR D 349 39.89 14.07 -0.10
CA TYR D 349 39.91 12.99 -1.08
C TYR D 349 38.48 12.71 -1.46
N ILE D 350 38.21 12.56 -2.76
CA ILE D 350 36.91 12.03 -3.16
C ILE D 350 37.07 10.51 -2.98
N THR D 351 36.43 10.00 -1.93
CA THR D 351 36.52 8.57 -1.62
C THR D 351 35.49 7.74 -2.37
N GLU D 352 34.48 8.39 -2.92
CA GLU D 352 33.55 7.75 -3.83
C GLU D 352 32.90 8.79 -4.73
N ASN D 353 32.86 8.45 -6.02
CA ASN D 353 32.00 9.14 -6.96
C ASN D 353 31.75 8.16 -8.09
N GLY D 354 30.55 8.11 -8.62
CA GLY D 354 30.34 7.18 -9.74
C GLY D 354 28.86 7.07 -10.03
N ALA D 355 28.50 6.11 -10.86
CA ALA D 355 27.10 6.06 -11.29
C ALA D 355 26.58 4.67 -11.66
N ALA D 356 25.31 4.45 -11.35
CA ALA D 356 24.62 3.21 -11.67
C ALA D 356 23.89 3.34 -13.01
N PHE D 357 24.20 2.43 -13.93
CA PHE D 357 23.54 2.36 -15.23
C PHE D 357 23.33 0.89 -15.60
N ASN D 358 22.34 0.63 -16.44
CA ASN D 358 21.95 -0.71 -16.92
C ASN D 358 22.94 -1.25 -17.95
N ASP D 359 24.14 -1.62 -17.51
CA ASP D 359 25.18 -2.13 -18.40
C ASP D 359 25.05 -3.62 -18.74
N MET D 360 25.44 -3.97 -19.97
CA MET D 360 25.39 -5.35 -20.41
C MET D 360 26.44 -5.63 -21.49
N VAL D 361 26.79 -6.89 -21.65
CA VAL D 361 27.82 -7.27 -22.62
C VAL D 361 27.13 -7.33 -23.98
N ASN D 362 27.70 -6.68 -24.99
CA ASN D 362 27.08 -6.67 -26.32
C ASN D 362 27.54 -7.83 -27.22
N ARG D 363 27.02 -7.86 -28.45
CA ARG D 363 27.34 -8.93 -29.40
C ARG D 363 28.84 -9.12 -29.68
N ASP D 364 29.65 -8.11 -29.36
CA ASP D 364 31.08 -8.15 -29.64
C ASP D 364 31.88 -8.39 -28.36
N GLY D 365 31.16 -8.65 -27.28
CA GLY D 365 31.82 -8.93 -26.01
C GLY D 365 32.24 -7.68 -25.25
N LYS D 366 31.72 -6.53 -25.64
CA LYS D 366 32.07 -5.27 -25.00
C LYS D 366 30.95 -4.75 -24.09
N VAL D 367 31.32 -3.95 -23.10
CA VAL D 367 30.35 -3.26 -22.25
C VAL D 367 30.60 -1.76 -22.51
N GLU D 368 29.80 -1.19 -23.42
CA GLU D 368 29.96 0.19 -23.83
C GLU D 368 29.14 1.13 -22.94
N ASP D 369 29.67 1.47 -21.77
CA ASP D 369 28.95 2.28 -20.79
C ASP D 369 29.18 3.78 -20.97
N GLU D 370 28.75 4.31 -22.11
CA GLU D 370 28.97 5.73 -22.38
C GLU D 370 28.36 6.62 -21.31
N ASN D 371 27.18 6.28 -20.81
CA ASN D 371 26.57 7.10 -19.76
C ASN D 371 27.51 7.30 -18.57
N ARG D 372 28.20 6.23 -18.18
CA ARG D 372 29.10 6.32 -17.03
C ARG D 372 30.34 7.12 -17.40
N LEU D 373 30.88 6.85 -18.59
CA LEU D 373 32.07 7.54 -19.06
C LEU D 373 31.79 9.03 -19.08
N ASP D 374 30.64 9.43 -19.64
CA ASP D 374 30.31 10.85 -19.64
C ASP D 374 30.17 11.42 -18.23
N TYR D 375 29.48 10.70 -17.35
CA TYR D 375 29.34 11.11 -15.94
C TYR D 375 30.73 11.32 -15.32
N LEU D 376 31.63 10.38 -15.59
CA LEU D 376 32.97 10.45 -15.00
C LEU D 376 33.76 11.64 -15.55
N TYR D 377 33.73 11.81 -16.87
CA TYR D 377 34.42 12.95 -17.48
C TYR D 377 34.03 14.25 -16.77
N THR D 378 32.73 14.49 -16.61
CA THR D 378 32.28 15.79 -16.11
C THR D 378 32.55 16.00 -14.63
N HIS D 379 32.52 14.92 -13.86
CA HIS D 379 32.87 15.00 -12.44
C HIS D 379 34.38 15.14 -12.22
N PHE D 380 35.19 14.44 -13.01
CA PHE D 380 36.63 14.67 -12.94
C PHE D 380 36.98 16.11 -13.35
N ALA D 381 36.32 16.62 -14.39
CA ALA D 381 36.53 18.01 -14.82
C ALA D 381 36.17 19.00 -13.72
N ALA D 382 35.09 18.74 -13.00
CA ALA D 382 34.64 19.62 -11.92
C ALA D 382 35.69 19.59 -10.83
N ALA D 383 36.22 18.39 -10.54
CA ALA D 383 37.29 18.21 -9.56
C ALA D 383 38.57 18.93 -9.95
N LEU D 384 38.97 18.80 -11.22
CA LEU D 384 40.15 19.51 -11.72
C LEU D 384 39.94 21.02 -11.59
N SER D 385 38.74 21.50 -11.88
CA SER D 385 38.49 22.93 -11.76
C SER D 385 38.65 23.37 -10.31
N ALA D 386 38.19 22.54 -9.37
CA ALA D 386 38.31 22.86 -7.95
C ALA D 386 39.77 22.92 -7.53
N ILE D 387 40.59 22.05 -8.09
CA ILE D 387 42.03 22.05 -7.82
C ILE D 387 42.64 23.37 -8.26
N GLU D 388 42.29 23.80 -9.47
CA GLU D 388 42.79 25.05 -10.03
C GLU D 388 42.32 26.24 -9.20
N ALA D 389 41.19 26.10 -8.52
CA ALA D 389 40.66 27.18 -7.67
C ALA D 389 41.33 27.16 -6.30
N GLY D 390 42.25 26.24 -6.09
CA GLY D 390 43.02 26.19 -4.85
C GLY D 390 42.57 25.18 -3.79
N VAL D 391 41.61 24.32 -4.13
CA VAL D 391 41.13 23.29 -3.21
C VAL D 391 42.18 22.19 -3.07
N PRO D 392 42.59 21.86 -1.83
CA PRO D 392 43.60 20.82 -1.61
C PRO D 392 43.03 19.40 -1.81
N LEU D 393 42.53 19.13 -3.00
CA LEU D 393 42.02 17.80 -3.36
C LEU D 393 43.21 16.94 -3.79
N LYS D 394 43.46 15.86 -3.05
CA LYS D 394 44.66 15.05 -3.25
C LYS D 394 44.42 13.76 -4.04
N GLY D 395 43.17 13.31 -4.10
CA GLY D 395 42.87 12.03 -4.76
C GLY D 395 41.41 11.83 -5.07
N TYR D 396 41.13 10.82 -5.90
CA TYR D 396 39.77 10.57 -6.36
C TYR D 396 39.68 9.06 -6.56
N TYR D 397 38.71 8.46 -5.87
CA TYR D 397 38.42 7.03 -6.00
C TYR D 397 37.05 6.84 -6.64
N ILE D 398 36.99 6.14 -7.77
CA ILE D 398 35.71 5.86 -8.42
C ILE D 398 35.00 4.73 -7.72
N TRP D 399 33.73 4.96 -7.36
CA TRP D 399 32.80 3.91 -6.90
C TRP D 399 32.11 3.39 -8.16
N SER D 400 32.29 2.11 -8.53
CA SER D 400 33.08 1.12 -7.83
C SER D 400 33.99 0.43 -8.82
N PHE D 401 34.99 -0.29 -8.32
CA PHE D 401 35.87 -1.11 -9.16
C PHE D 401 35.02 -2.07 -10.00
N MET D 402 34.10 -2.77 -9.34
CA MET D 402 33.25 -3.70 -10.08
C MET D 402 31.80 -3.63 -9.65
N ASP D 403 30.90 -4.05 -10.53
CA ASP D 403 29.50 -4.23 -10.18
C ASP D 403 29.44 -5.08 -8.91
N ASN D 404 28.48 -4.76 -8.04
CA ASN D 404 28.45 -5.43 -6.75
C ASN D 404 27.06 -5.34 -6.12
N PHE D 405 26.98 -5.83 -4.88
CA PHE D 405 25.74 -5.83 -4.13
C PHE D 405 25.47 -4.40 -3.64
N GLU D 406 24.50 -3.74 -4.26
CA GLU D 406 24.18 -2.36 -3.91
C GLU D 406 23.14 -2.30 -2.77
N TRP D 407 23.51 -2.86 -1.63
CA TRP D 407 22.71 -2.78 -0.41
C TRP D 407 21.24 -3.16 -0.62
N ALA D 408 20.29 -2.33 -0.20
CA ALA D 408 18.88 -2.68 -0.31
C ALA D 408 18.39 -2.76 -1.74
N GLU D 409 19.14 -2.22 -2.68
CA GLU D 409 18.81 -2.35 -4.11
C GLU D 409 19.31 -3.65 -4.73
N GLY D 410 20.09 -4.44 -3.99
CA GLY D 410 20.60 -5.72 -4.49
C GLY D 410 21.55 -5.56 -5.67
N TYR D 411 21.63 -6.57 -6.53
CA TYR D 411 22.50 -6.53 -7.72
C TYR D 411 21.92 -5.79 -8.93
N GLU D 412 20.73 -5.23 -8.78
CA GLU D 412 20.02 -4.56 -9.88
C GLU D 412 20.66 -3.24 -10.32
N LYS D 413 21.48 -2.67 -9.44
CA LYS D 413 22.16 -1.41 -9.71
C LYS D 413 23.65 -1.68 -9.87
N ARG D 414 24.17 -1.49 -11.08
CA ARG D 414 25.58 -1.73 -11.38
C ARG D 414 26.37 -0.42 -11.43
N PHE D 415 27.32 -0.26 -10.50
CA PHE D 415 28.20 0.92 -10.41
C PHE D 415 29.63 0.64 -10.90
N GLY D 416 29.90 -0.58 -11.36
CA GLY D 416 31.30 -0.89 -11.66
C GLY D 416 31.91 -0.22 -12.88
N ILE D 417 33.24 -0.12 -12.90
CA ILE D 417 33.92 0.23 -14.14
C ILE D 417 34.31 -1.09 -14.81
N VAL D 418 34.06 -2.17 -14.08
CA VAL D 418 34.27 -3.56 -14.52
C VAL D 418 32.94 -4.28 -14.31
N HIS D 419 32.43 -4.89 -15.39
CA HIS D 419 31.18 -5.66 -15.39
C HIS D 419 31.40 -7.04 -14.79
N VAL D 420 30.47 -7.47 -13.95
CA VAL D 420 30.51 -8.81 -13.37
C VAL D 420 29.31 -9.62 -13.84
N ASN D 421 29.59 -10.75 -14.49
CA ASN D 421 28.57 -11.71 -14.86
C ASN D 421 28.42 -12.60 -13.62
N TYR D 422 27.30 -12.48 -12.91
CA TYR D 422 27.11 -13.24 -11.67
C TYR D 422 26.93 -14.73 -11.89
N LYS D 423 26.51 -15.12 -13.09
CA LYS D 423 26.36 -16.53 -13.42
C LYS D 423 27.70 -17.27 -13.50
N THR D 424 28.74 -16.60 -13.96
CA THR D 424 30.05 -17.25 -14.16
C THR D 424 31.20 -16.61 -13.38
N GLN D 425 30.91 -15.46 -12.77
CA GLN D 425 31.90 -14.58 -12.15
C GLN D 425 32.89 -13.93 -13.12
N GLU D 426 32.63 -14.02 -14.42
CA GLU D 426 33.52 -13.38 -15.39
C GLU D 426 33.53 -11.86 -15.22
N ARG D 427 34.74 -11.30 -15.18
CA ARG D 427 34.94 -9.85 -15.14
C ARG D 427 35.17 -9.34 -16.55
N THR D 428 34.45 -8.29 -16.96
CA THR D 428 34.65 -7.68 -18.27
C THR D 428 34.88 -6.19 -18.06
N ILE D 429 36.08 -5.72 -18.41
CA ILE D 429 36.43 -4.30 -18.33
C ILE D 429 35.50 -3.46 -19.20
N LYS D 430 34.87 -2.44 -18.63
CA LYS D 430 33.94 -1.58 -19.35
C LYS D 430 34.69 -0.45 -20.05
N LYS D 431 34.05 0.17 -21.03
CA LYS D 431 34.59 1.31 -21.78
C LYS D 431 35.13 2.39 -20.85
N SER D 432 34.38 2.69 -19.79
CA SER D 432 34.78 3.73 -18.85
C SER D 432 36.11 3.44 -18.17
N ALA D 433 36.41 2.17 -17.97
CA ALA D 433 37.65 1.74 -17.31
C ALA D 433 38.86 2.00 -18.21
N TYR D 434 38.70 1.78 -19.50
CA TYR D 434 39.78 2.08 -20.45
C TYR D 434 39.96 3.59 -20.52
N TRP D 435 38.87 4.34 -20.42
CA TRP D 435 38.95 5.80 -20.38
C TRP D 435 39.75 6.24 -19.15
N TYR D 436 39.43 5.65 -18.00
CA TYR D 436 40.13 5.97 -16.75
C TYR D 436 41.61 5.62 -16.83
N LYS D 437 41.92 4.48 -17.43
CA LYS D 437 43.32 4.07 -17.62
C LYS D 437 44.10 5.14 -18.39
N GLU D 438 43.48 5.68 -19.44
CA GLU D 438 44.11 6.76 -20.22
C GLU D 438 44.30 8.03 -19.41
N LEU D 439 43.29 8.38 -18.60
CA LEU D 439 43.38 9.52 -17.71
C LEU D 439 44.56 9.36 -16.75
N ILE D 440 44.67 8.21 -16.11
CA ILE D 440 45.76 7.95 -15.16
C ILE D 440 47.11 8.02 -15.87
N GLU D 441 47.19 7.41 -17.05
CA GLU D 441 48.46 7.43 -17.78
C GLU D 441 48.89 8.82 -18.26
N ARG D 442 47.92 9.60 -18.75
CA ARG D 442 48.16 10.99 -19.17
C ARG D 442 48.61 11.88 -18.02
N SER D 443 48.05 11.68 -16.82
CA SER D 443 48.40 12.49 -15.67
C SER D 443 49.78 12.16 -15.12
N ASN D 444 50.45 11.22 -15.77
CA ASN D 444 51.78 10.79 -15.36
C ASN D 444 52.81 11.00 -16.48
#